data_3ECS
#
_entry.id   3ECS
#
_cell.length_a   70.885
_cell.length_b   156.394
_cell.length_c   138.441
_cell.angle_alpha   90.00
_cell.angle_beta   104.20
_cell.angle_gamma   90.00
#
_symmetry.space_group_name_H-M   'P 1 21 1'
#
loop_
_entity.id
_entity.type
_entity.pdbx_description
1 polymer 'Translation initiation factor eIF-2B subunit alpha'
2 non-polymer 'SULFATE ION'
3 non-polymer 'CHLORIDE ION'
4 water water
#
_entity_poly.entity_id   1
_entity_poly.type   'polypeptide(L)'
_entity_poly.pdbx_seq_one_letter_code
;(MSE)DDKELIEYFKSQ(MSE)KEDPD(MSE)ASAVAAIRTLLEFLKRDKGETIQGLRANLTSAIETLCGVDSSVAVSSG
GELFLRFISLASLEYSDYSKCKKI(MSE)IERGELFLRRISLSRNKIADLCHTFIKDGATILTHAYSRVVLRVLEAAVAA
KKRFSVYVTESQPDLSGKK(MSE)AKALCHLNVPVTVVLDAAVGYI(MSE)EKADLVIVGAEGVVENGGIINKIGTNQ
(MSE)AVCAKAQNKPFYVVAESFKFVRLFPLNQQDVPDKFKYKADTLKVAQTGQDLKEEHPWVDYTAPSLITLLFTDLGV
LTPSAVSDELIKLYLAAAEHHHHHH
;
_entity_poly.pdbx_strand_id   A,B,C,D,E,F,G,H
#
# COMPACT_ATOMS: atom_id res chain seq x y z
N ASP A 2 -17.65 2.34 -46.94
CA ASP A 2 -16.44 1.92 -47.64
C ASP A 2 -15.31 2.86 -47.25
N ASP A 3 -14.15 2.73 -47.87
CA ASP A 3 -13.01 3.58 -47.55
C ASP A 3 -13.27 5.08 -47.70
N LYS A 4 -13.91 5.47 -48.80
CA LYS A 4 -14.21 6.89 -49.01
C LYS A 4 -15.09 7.44 -47.89
N GLU A 5 -16.14 6.70 -47.55
CA GLU A 5 -17.06 7.12 -46.50
C GLU A 5 -16.52 7.01 -45.07
N LEU A 6 -15.48 6.20 -44.86
CA LEU A 6 -14.91 6.07 -43.54
C LEU A 6 -13.97 7.23 -43.26
N ILE A 7 -12.96 7.38 -44.12
CA ILE A 7 -11.99 8.46 -43.94
C ILE A 7 -12.70 9.81 -44.02
N GLU A 8 -14.02 9.77 -44.08
CA GLU A 8 -14.84 10.97 -44.12
C GLU A 8 -15.51 11.14 -42.77
N TYR A 9 -16.57 10.38 -42.55
CA TYR A 9 -17.33 10.43 -41.31
C TYR A 9 -16.37 10.64 -40.14
N PHE A 10 -15.20 10.04 -40.24
CA PHE A 10 -14.17 10.15 -39.21
C PHE A 10 -13.51 11.53 -39.23
N LYS A 11 -12.79 11.83 -40.30
CA LYS A 11 -12.06 13.09 -40.48
C LYS A 11 -12.88 14.37 -40.27
N SER A 12 -14.18 14.29 -40.47
CA SER A 12 -15.04 15.45 -40.29
C SER A 12 -15.64 15.45 -38.88
N GLN A 13 -15.80 14.25 -38.32
CA GLN A 13 -16.33 14.08 -36.98
C GLN A 13 -15.42 14.93 -36.09
N LYS A 15 -13.65 17.55 -37.18
CA LYS A 15 -13.75 18.94 -37.57
C LYS A 15 -14.88 19.60 -36.77
N GLU A 16 -16.05 18.97 -36.79
CA GLU A 16 -17.22 19.47 -36.08
C GLU A 16 -16.94 19.70 -34.59
N ASP A 17 -15.94 18.98 -34.07
CA ASP A 17 -15.55 19.09 -32.67
C ASP A 17 -14.10 18.66 -32.46
N PRO A 18 -13.15 19.60 -32.59
CA PRO A 18 -11.72 19.34 -32.43
C PRO A 18 -11.32 19.10 -30.99
N ASP A 19 -12.31 19.12 -30.11
CA ASP A 19 -12.11 18.91 -28.67
C ASP A 19 -12.20 17.41 -28.40
N ALA A 21 -11.47 13.47 -28.63
CA ALA A 21 -10.32 12.59 -28.73
C ALA A 21 -10.32 11.93 -30.11
N SER A 22 -9.13 11.79 -30.67
CA SER A 22 -8.95 11.16 -31.95
C SER A 22 -9.64 9.79 -31.93
N ALA A 23 -9.44 9.06 -30.84
CA ALA A 23 -10.03 7.72 -30.66
C ALA A 23 -11.56 7.69 -30.67
N VAL A 24 -12.18 8.63 -29.98
CA VAL A 24 -13.64 8.69 -29.92
C VAL A 24 -14.20 8.90 -31.31
N ALA A 25 -13.57 9.79 -32.08
CA ALA A 25 -14.01 10.07 -33.44
C ALA A 25 -14.10 8.76 -34.20
N ALA A 26 -13.02 7.96 -34.14
CA ALA A 26 -12.95 6.67 -34.83
C ALA A 26 -14.00 5.69 -34.33
N ILE A 27 -14.07 5.50 -33.02
CA ILE A 27 -15.06 4.59 -32.48
C ILE A 27 -16.42 5.07 -32.97
N ARG A 28 -16.61 6.38 -32.99
CA ARG A 28 -17.87 6.92 -33.45
C ARG A 28 -18.10 6.47 -34.90
N THR A 29 -17.03 6.45 -35.69
CA THR A 29 -17.10 6.03 -37.09
C THR A 29 -17.44 4.55 -37.25
N LEU A 30 -16.85 3.71 -36.42
CA LEU A 30 -17.13 2.29 -36.50
C LEU A 30 -18.61 2.15 -36.23
N LEU A 31 -19.01 2.48 -35.01
CA LEU A 31 -20.41 2.39 -34.61
C LEU A 31 -21.32 2.79 -35.75
N GLU A 32 -20.90 3.80 -36.52
CA GLU A 32 -21.67 4.25 -37.68
C GLU A 32 -21.65 3.18 -38.75
N PHE A 33 -20.45 2.65 -39.00
CA PHE A 33 -20.22 1.60 -39.97
C PHE A 33 -21.09 0.37 -39.68
N LEU A 34 -21.21 -0.01 -38.42
CA LEU A 34 -22.06 -1.15 -38.06
C LEU A 34 -23.49 -0.81 -38.42
N LYS A 35 -23.78 0.49 -38.51
CA LYS A 35 -25.11 0.96 -38.86
C LYS A 35 -25.24 1.01 -40.38
N ARG A 36 -24.60 0.02 -41.01
CA ARG A 36 -24.63 -0.17 -42.46
C ARG A 36 -25.12 -1.60 -42.67
N ASP A 37 -24.88 -2.16 -43.85
CA ASP A 37 -25.34 -3.52 -44.08
C ASP A 37 -24.89 -4.10 -45.42
N LYS A 38 -25.68 -5.04 -45.93
CA LYS A 38 -25.45 -5.72 -47.21
C LYS A 38 -24.34 -5.08 -48.05
N GLN A 43 -22.45 -14.30 -40.48
CA GLN A 43 -22.23 -13.51 -39.25
C GLN A 43 -20.83 -12.91 -39.23
N GLY A 44 -19.84 -13.75 -38.93
CA GLY A 44 -18.46 -13.29 -38.89
C GLY A 44 -18.13 -12.67 -40.23
N LEU A 45 -19.12 -12.69 -41.11
CA LEU A 45 -19.01 -12.13 -42.46
C LEU A 45 -18.78 -10.63 -42.34
N ARG A 46 -19.38 -10.04 -41.30
CA ARG A 46 -19.26 -8.61 -41.04
C ARG A 46 -18.11 -8.35 -40.08
N ALA A 47 -17.88 -9.30 -39.16
CA ALA A 47 -16.81 -9.18 -38.17
C ALA A 47 -15.46 -8.91 -38.83
N ASN A 48 -15.30 -9.38 -40.06
CA ASN A 48 -14.05 -9.17 -40.79
C ASN A 48 -14.16 -7.88 -41.56
N LEU A 49 -15.40 -7.46 -41.79
CA LEU A 49 -15.68 -6.23 -42.51
C LEU A 49 -15.30 -5.03 -41.64
N THR A 50 -15.37 -5.23 -40.32
CA THR A 50 -15.01 -4.17 -39.39
C THR A 50 -13.49 -4.09 -39.22
N SER A 51 -12.86 -5.19 -38.79
CA SER A 51 -11.41 -5.22 -38.61
C SER A 51 -10.72 -4.57 -39.80
N ALA A 52 -11.27 -4.81 -40.99
CA ALA A 52 -10.71 -4.26 -42.22
C ALA A 52 -10.80 -2.75 -42.28
N ILE A 53 -11.46 -2.14 -41.31
CA ILE A 53 -11.61 -0.70 -41.29
C ILE A 53 -10.81 0.04 -40.21
N GLU A 54 -10.40 -0.67 -39.16
CA GLU A 54 -9.60 -0.04 -38.12
C GLU A 54 -8.26 0.23 -38.76
N THR A 55 -7.76 -0.78 -39.47
CA THR A 55 -6.48 -0.65 -40.15
C THR A 55 -6.62 0.50 -41.13
N LEU A 56 -7.78 0.57 -41.78
CA LEU A 56 -8.06 1.65 -42.73
C LEU A 56 -7.88 2.96 -42.01
N CYS A 57 -8.38 3.04 -40.77
CA CYS A 57 -8.24 4.24 -39.98
C CYS A 57 -6.78 4.39 -39.54
N GLY A 58 -5.90 3.65 -40.21
CA GLY A 58 -4.48 3.76 -39.96
C GLY A 58 -4.08 5.00 -40.74
N VAL A 59 -5.02 5.95 -40.81
CA VAL A 59 -4.85 7.23 -41.48
C VAL A 59 -4.56 8.24 -40.37
N ASP A 60 -4.25 7.68 -39.20
CA ASP A 60 -3.91 8.44 -38.01
C ASP A 60 -3.12 7.47 -37.14
N SER A 61 -1.83 7.76 -36.98
CA SER A 61 -0.94 6.91 -36.20
C SER A 61 -1.24 6.78 -34.70
N SER A 62 -2.01 7.73 -34.15
CA SER A 62 -2.37 7.74 -32.73
C SER A 62 -2.47 6.35 -32.09
N VAL A 63 -1.82 6.19 -30.94
CA VAL A 63 -1.85 4.93 -30.23
C VAL A 63 -3.29 4.67 -29.84
N ALA A 64 -3.98 5.73 -29.42
CA ALA A 64 -5.36 5.61 -28.98
C ALA A 64 -6.32 5.07 -30.04
N VAL A 65 -6.23 5.56 -31.27
CA VAL A 65 -7.09 5.07 -32.35
C VAL A 65 -6.95 3.56 -32.47
N SER A 66 -5.71 3.10 -32.35
CA SER A 66 -5.40 1.68 -32.41
C SER A 66 -6.02 0.93 -31.21
N SER A 67 -5.63 1.26 -29.98
CA SER A 67 -6.14 0.57 -28.79
C SER A 67 -7.64 0.73 -28.53
N GLY A 68 -8.17 1.93 -28.72
CA GLY A 68 -9.59 2.15 -28.50
C GLY A 68 -10.38 1.32 -29.50
N GLY A 69 -9.88 1.32 -30.73
CA GLY A 69 -10.52 0.55 -31.77
C GLY A 69 -10.56 -0.91 -31.33
N GLU A 70 -9.43 -1.42 -30.84
CA GLU A 70 -9.37 -2.79 -30.41
C GLU A 70 -10.39 -3.05 -29.30
N LEU A 71 -10.41 -2.17 -28.30
CA LEU A 71 -11.32 -2.31 -27.17
C LEU A 71 -12.79 -2.26 -27.59
N PHE A 72 -13.12 -1.41 -28.55
CA PHE A 72 -14.49 -1.30 -29.04
C PHE A 72 -14.90 -2.66 -29.64
N LEU A 73 -14.04 -3.24 -30.47
CA LEU A 73 -14.32 -4.53 -31.10
C LEU A 73 -14.52 -5.63 -30.07
N ARG A 74 -13.58 -5.74 -29.14
CA ARG A 74 -13.67 -6.74 -28.10
C ARG A 74 -14.95 -6.60 -27.25
N PHE A 75 -15.47 -5.38 -27.16
CA PHE A 75 -16.67 -5.17 -26.36
C PHE A 75 -17.94 -5.71 -27.02
N ILE A 76 -17.91 -5.78 -28.34
CA ILE A 76 -19.03 -6.30 -29.10
C ILE A 76 -19.06 -7.85 -29.03
N SER A 77 -20.09 -8.36 -28.36
CA SER A 77 -20.28 -9.82 -28.15
C SER A 77 -19.15 -10.44 -27.33
N CYS A 89 -30.28 -9.60 -35.96
CA CYS A 89 -29.17 -10.36 -35.42
C CYS A 89 -28.05 -9.47 -34.88
N LYS A 90 -27.45 -8.68 -35.77
CA LYS A 90 -26.35 -7.79 -35.39
C LYS A 90 -26.88 -6.46 -34.84
N LYS A 91 -27.89 -6.56 -34.00
CA LYS A 91 -28.50 -5.38 -33.39
C LYS A 91 -27.78 -5.17 -32.08
N ILE A 92 -27.70 -6.24 -31.29
CA ILE A 92 -27.07 -6.22 -29.98
C ILE A 92 -25.63 -5.70 -30.04
N ILE A 94 -24.75 -3.25 -32.22
CA ILE A 94 -24.87 -1.82 -32.41
C ILE A 94 -25.38 -1.24 -31.10
N GLU A 95 -25.77 -2.10 -30.17
CA GLU A 95 -26.28 -1.67 -28.88
C GLU A 95 -25.14 -1.60 -27.87
N ARG A 96 -24.40 -2.69 -27.71
CA ARG A 96 -23.27 -2.75 -26.78
C ARG A 96 -22.27 -1.68 -27.21
N GLY A 97 -22.18 -1.43 -28.51
CA GLY A 97 -21.27 -0.42 -29.02
C GLY A 97 -21.72 0.96 -28.63
N GLU A 98 -23.02 1.18 -28.54
CA GLU A 98 -23.51 2.47 -28.16
C GLU A 98 -23.27 2.62 -26.66
N LEU A 99 -23.46 1.53 -25.94
CA LEU A 99 -23.24 1.53 -24.50
C LEU A 99 -21.75 1.76 -24.18
N PHE A 100 -20.89 1.49 -25.15
CA PHE A 100 -19.45 1.68 -24.99
C PHE A 100 -19.12 3.14 -25.32
N LEU A 101 -19.64 3.65 -26.43
CA LEU A 101 -19.37 5.03 -26.79
C LEU A 101 -19.86 5.95 -25.65
N ARG A 102 -21.10 5.77 -25.25
CA ARG A 102 -21.67 6.57 -24.18
C ARG A 102 -20.80 6.50 -22.93
N ARG A 103 -20.09 5.40 -22.75
CA ARG A 103 -19.26 5.26 -21.57
C ARG A 103 -17.90 5.94 -21.70
N ILE A 104 -17.24 5.76 -22.84
CA ILE A 104 -15.93 6.39 -23.01
C ILE A 104 -16.01 7.89 -23.02
N SER A 105 -17.20 8.44 -23.30
CA SER A 105 -17.33 9.89 -23.35
C SER A 105 -17.69 10.48 -22.00
N LEU A 106 -17.37 9.74 -20.95
CA LEU A 106 -17.64 10.20 -19.60
C LEU A 106 -16.30 10.21 -18.88
N SER A 107 -15.29 9.67 -19.55
CA SER A 107 -13.96 9.56 -18.98
C SER A 107 -13.33 10.89 -18.57
N ARG A 108 -13.38 11.88 -19.47
CA ARG A 108 -12.81 13.19 -19.16
C ARG A 108 -13.40 13.85 -17.91
N ASN A 109 -14.72 13.76 -17.70
CA ASN A 109 -15.34 14.35 -16.51
C ASN A 109 -14.81 13.63 -15.29
N LYS A 110 -14.73 12.31 -15.39
CA LYS A 110 -14.22 11.50 -14.28
C LYS A 110 -12.78 11.86 -13.93
N ILE A 111 -11.94 11.95 -14.96
CA ILE A 111 -10.53 12.28 -14.74
C ILE A 111 -10.38 13.69 -14.14
N ALA A 112 -11.28 14.58 -14.54
CA ALA A 112 -11.28 15.95 -14.03
C ALA A 112 -11.70 15.97 -12.56
N ASP A 113 -12.76 15.24 -12.21
CA ASP A 113 -13.20 15.18 -10.83
C ASP A 113 -12.08 14.63 -9.93
N LEU A 114 -11.58 13.45 -10.28
CA LEU A 114 -10.54 12.78 -9.51
C LEU A 114 -9.24 13.52 -9.29
N CYS A 115 -8.72 14.11 -10.37
CA CYS A 115 -7.45 14.80 -10.34
C CYS A 115 -7.37 16.23 -9.84
N HIS A 116 -8.33 17.10 -10.17
CA HIS A 116 -8.23 18.49 -9.74
C HIS A 116 -8.15 18.63 -8.22
N THR A 117 -8.38 17.54 -7.52
CA THR A 117 -8.35 17.57 -6.06
C THR A 117 -6.92 17.56 -5.50
N PHE A 118 -5.98 17.07 -6.29
CA PHE A 118 -4.57 16.99 -5.88
C PHE A 118 -3.79 18.29 -6.10
N ILE A 119 -4.49 19.36 -6.44
CA ILE A 119 -3.85 20.64 -6.71
C ILE A 119 -4.02 21.60 -5.53
N LYS A 120 -2.97 21.74 -4.74
CA LYS A 120 -3.02 22.62 -3.58
C LYS A 120 -3.30 24.04 -4.03
N ASP A 121 -3.99 24.80 -3.18
CA ASP A 121 -4.30 26.17 -3.50
C ASP A 121 -2.99 26.96 -3.44
N GLY A 122 -2.72 27.72 -4.50
CA GLY A 122 -1.49 28.50 -4.57
C GLY A 122 -0.36 27.73 -5.23
N ALA A 123 -0.71 26.61 -5.86
CA ALA A 123 0.30 25.79 -6.51
C ALA A 123 0.76 26.34 -7.86
N THR A 124 1.97 25.96 -8.21
CA THR A 124 2.57 26.31 -9.48
C THR A 124 2.70 24.97 -10.19
N ILE A 125 2.00 24.84 -11.31
CA ILE A 125 1.98 23.60 -12.05
C ILE A 125 2.77 23.65 -13.36
N LEU A 126 3.50 22.58 -13.66
CA LEU A 126 4.26 22.50 -14.90
C LEU A 126 3.63 21.42 -15.79
N THR A 127 3.41 21.74 -17.07
CA THR A 127 2.81 20.80 -18.03
C THR A 127 3.58 20.86 -19.34
N HIS A 128 3.34 19.92 -20.25
CA HIS A 128 4.05 19.86 -21.52
C HIS A 128 3.10 19.77 -22.70
N ALA A 129 3.37 20.55 -23.74
CA ALA A 129 2.52 20.55 -24.92
C ALA A 129 1.04 20.84 -24.60
N TYR A 130 0.15 20.28 -25.40
CA TYR A 130 -1.28 20.48 -25.27
C TYR A 130 -2.02 19.21 -24.91
N SER A 131 -2.90 19.28 -23.94
CA SER A 131 -3.68 18.09 -23.57
C SER A 131 -5.12 18.45 -23.24
N ARG A 132 -6.04 17.85 -23.98
CA ARG A 132 -7.45 18.09 -23.76
C ARG A 132 -7.85 17.75 -22.32
N VAL A 133 -7.31 16.65 -21.80
CA VAL A 133 -7.63 16.20 -20.46
C VAL A 133 -7.02 17.08 -19.39
N VAL A 134 -5.77 17.48 -19.57
CA VAL A 134 -5.14 18.34 -18.59
C VAL A 134 -5.96 19.61 -18.45
N LEU A 135 -6.34 20.17 -19.61
CA LEU A 135 -7.13 21.39 -19.66
C LEU A 135 -8.38 21.18 -18.83
N ARG A 136 -9.05 20.06 -19.06
CA ARG A 136 -10.26 19.75 -18.30
C ARG A 136 -9.96 19.68 -16.80
N VAL A 137 -8.78 19.18 -16.46
CA VAL A 137 -8.43 19.10 -15.05
C VAL A 137 -8.26 20.50 -14.45
N LEU A 138 -7.55 21.39 -15.14
CA LEU A 138 -7.36 22.74 -14.64
C LEU A 138 -8.70 23.51 -14.55
N GLU A 139 -9.60 23.26 -15.50
CA GLU A 139 -10.92 23.92 -15.44
C GLU A 139 -11.62 23.49 -14.17
N ALA A 140 -11.56 22.20 -13.86
CA ALA A 140 -12.18 21.68 -12.65
C ALA A 140 -11.60 22.40 -11.42
N ALA A 141 -10.31 22.68 -11.45
CA ALA A 141 -9.64 23.35 -10.34
C ALA A 141 -10.10 24.79 -10.11
N VAL A 142 -10.31 25.56 -11.19
CA VAL A 142 -10.77 26.95 -11.04
C VAL A 142 -12.21 26.85 -10.52
N ALA A 143 -12.96 25.87 -11.00
CA ALA A 143 -14.33 25.69 -10.57
C ALA A 143 -14.41 25.27 -9.10
N ALA A 144 -13.28 24.93 -8.52
CA ALA A 144 -13.23 24.54 -7.12
C ALA A 144 -12.68 25.71 -6.31
N LYS A 145 -12.50 26.85 -6.99
CA LYS A 145 -12.01 28.06 -6.35
C LYS A 145 -10.53 28.00 -6.02
N LYS A 146 -9.79 27.14 -6.71
CA LYS A 146 -8.36 27.05 -6.45
C LYS A 146 -7.57 28.09 -7.23
N ARG A 147 -6.60 28.71 -6.57
CA ARG A 147 -5.77 29.72 -7.20
C ARG A 147 -4.45 29.06 -7.55
N PHE A 148 -4.08 29.02 -8.84
CA PHE A 148 -2.83 28.38 -9.23
C PHE A 148 -2.19 29.01 -10.46
N SER A 149 -0.90 28.74 -10.65
CA SER A 149 -0.16 29.29 -11.78
C SER A 149 0.25 28.12 -12.69
N VAL A 150 0.57 28.42 -13.96
CA VAL A 150 0.98 27.38 -14.88
C VAL A 150 2.14 27.72 -15.79
N TYR A 151 3.06 26.76 -15.97
CA TYR A 151 4.19 26.91 -16.86
C TYR A 151 3.99 25.79 -17.88
N VAL A 152 4.11 26.11 -19.16
CA VAL A 152 3.96 25.09 -20.20
C VAL A 152 5.02 25.21 -21.29
N THR A 153 5.60 24.07 -21.69
CA THR A 153 6.61 24.07 -22.75
C THR A 153 5.98 24.49 -24.08
N GLU A 154 6.75 25.17 -24.94
CA GLU A 154 6.19 25.61 -26.23
C GLU A 154 5.93 24.37 -27.07
N SER A 155 6.81 23.38 -26.89
CA SER A 155 6.70 22.10 -27.55
C SER A 155 6.81 22.06 -29.08
N GLN A 156 8.06 22.02 -29.53
CA GLN A 156 8.34 21.92 -30.94
C GLN A 156 7.90 20.53 -31.41
N PRO A 157 7.66 20.35 -32.72
CA PRO A 157 7.82 21.39 -33.75
C PRO A 157 6.52 22.09 -34.11
N ASP A 158 5.40 21.67 -33.52
CA ASP A 158 4.09 22.25 -33.81
C ASP A 158 3.63 23.38 -32.88
N LEU A 159 4.47 23.73 -31.91
CA LEU A 159 4.16 24.77 -30.96
C LEU A 159 2.80 24.62 -30.28
N SER A 160 2.41 23.38 -30.05
CA SER A 160 1.13 23.09 -29.41
C SER A 160 1.07 23.58 -27.94
N GLY A 161 2.23 23.90 -27.34
CA GLY A 161 2.27 24.41 -25.99
C GLY A 161 1.78 25.86 -25.98
N LYS A 162 2.06 26.58 -27.08
CA LYS A 162 1.59 27.96 -27.20
C LYS A 162 0.06 27.90 -27.33
N LYS A 163 -0.44 26.88 -28.00
CA LYS A 163 -1.86 26.71 -28.14
C LYS A 163 -2.43 26.56 -26.72
N ALA A 165 -1.19 27.39 -23.85
CA ALA A 165 -1.13 28.64 -23.09
C ALA A 165 -2.31 29.56 -23.45
N LYS A 166 -2.65 29.64 -24.73
CA LYS A 166 -3.75 30.47 -25.18
C LYS A 166 -5.10 30.02 -24.56
N ALA A 167 -5.34 28.72 -24.56
CA ALA A 167 -6.58 28.17 -24.01
C ALA A 167 -6.69 28.48 -22.52
N LEU A 168 -5.57 28.39 -21.80
CA LEU A 168 -5.54 28.66 -20.37
C LEU A 168 -5.75 30.14 -20.07
N CYS A 169 -5.20 30.97 -20.96
CA CYS A 169 -5.31 32.42 -20.85
C CYS A 169 -6.79 32.82 -20.94
N HIS A 170 -7.57 32.06 -21.71
CA HIS A 170 -8.99 32.33 -21.85
C HIS A 170 -9.77 31.89 -20.63
N LEU A 171 -9.19 31.02 -19.82
CA LEU A 171 -9.85 30.57 -18.61
C LEU A 171 -9.24 31.42 -17.51
N ASN A 172 -8.66 32.54 -17.93
CA ASN A 172 -8.01 33.46 -17.02
C ASN A 172 -7.12 32.82 -15.98
N VAL A 173 -6.20 31.97 -16.47
CA VAL A 173 -5.25 31.30 -15.59
C VAL A 173 -3.86 31.88 -15.91
N PRO A 174 -3.17 32.46 -14.92
CA PRO A 174 -1.85 32.98 -15.30
C PRO A 174 -0.97 31.82 -15.77
N VAL A 175 -0.54 31.91 -17.02
CA VAL A 175 0.28 30.89 -17.64
C VAL A 175 1.55 31.50 -18.25
N THR A 176 2.65 30.74 -18.26
CA THR A 176 3.91 31.22 -18.83
C THR A 176 4.54 30.16 -19.73
N VAL A 177 4.81 30.54 -20.98
CA VAL A 177 5.42 29.65 -21.95
C VAL A 177 6.94 29.72 -21.84
N VAL A 178 7.59 28.56 -21.81
CA VAL A 178 9.05 28.51 -21.76
C VAL A 178 9.51 27.59 -22.86
N LEU A 179 10.78 27.69 -23.23
CA LEU A 179 11.32 26.82 -24.28
C LEU A 179 11.44 25.37 -23.77
N ASP A 180 11.35 24.41 -24.69
CA ASP A 180 11.50 23.00 -24.35
C ASP A 180 12.82 22.80 -23.60
N ALA A 181 13.85 23.53 -24.01
CA ALA A 181 15.18 23.45 -23.39
C ALA A 181 15.22 24.03 -21.97
N ALA A 182 14.17 24.73 -21.56
CA ALA A 182 14.15 25.33 -20.23
C ALA A 182 13.45 24.54 -19.11
N VAL A 183 13.05 23.30 -19.34
CA VAL A 183 12.35 22.55 -18.30
C VAL A 183 13.21 22.30 -17.05
N GLY A 184 14.42 21.75 -17.24
CA GLY A 184 15.28 21.47 -16.11
C GLY A 184 15.52 22.73 -15.28
N TYR A 185 15.52 23.86 -15.99
CA TYR A 185 15.73 25.18 -15.41
C TYR A 185 14.54 25.72 -14.61
N ILE A 186 13.33 25.54 -15.15
CA ILE A 186 12.12 26.06 -14.51
C ILE A 186 11.52 25.14 -13.46
N GLU A 188 12.49 23.89 -10.68
CA GLU A 188 12.59 24.25 -9.28
C GLU A 188 11.48 25.12 -8.76
N LYS A 189 10.81 25.84 -9.65
CA LYS A 189 9.73 26.70 -9.18
C LYS A 189 8.34 26.15 -9.45
N ALA A 190 8.22 24.84 -9.56
CA ALA A 190 6.93 24.20 -9.79
C ALA A 190 6.68 23.29 -8.59
N ASP A 191 5.41 23.02 -8.29
CA ASP A 191 5.06 22.17 -7.17
C ASP A 191 4.71 20.77 -7.61
N LEU A 192 4.28 20.65 -8.87
CA LEU A 192 3.90 19.38 -9.46
C LEU A 192 3.84 19.48 -10.97
N VAL A 193 3.83 18.33 -11.63
CA VAL A 193 3.78 18.26 -13.08
C VAL A 193 2.53 17.47 -13.47
N ILE A 194 1.78 17.97 -14.44
CA ILE A 194 0.57 17.27 -14.89
C ILE A 194 0.61 17.24 -16.40
N VAL A 195 0.60 16.04 -16.97
CA VAL A 195 0.62 15.88 -18.41
C VAL A 195 -0.36 14.81 -18.77
N GLY A 196 -0.76 14.83 -20.04
CA GLY A 196 -1.67 13.84 -20.56
C GLY A 196 -0.86 12.71 -21.18
N ALA A 197 -1.56 11.84 -21.92
CA ALA A 197 -0.92 10.71 -22.58
C ALA A 197 -1.61 10.30 -23.88
N GLU A 198 -0.82 9.68 -24.75
CA GLU A 198 -1.25 9.16 -26.03
C GLU A 198 -1.73 7.76 -25.72
N GLY A 199 -0.92 7.09 -24.90
CA GLY A 199 -1.22 5.73 -24.50
C GLY A 199 -0.56 5.35 -23.20
N VAL A 200 -1.19 4.43 -22.49
CA VAL A 200 -0.67 3.95 -21.24
C VAL A 200 -0.36 2.48 -21.50
N VAL A 201 0.89 2.11 -21.32
CA VAL A 201 1.33 0.73 -21.56
C VAL A 201 1.10 -0.19 -20.36
N GLU A 202 1.31 -1.47 -20.57
CA GLU A 202 1.11 -2.49 -19.53
C GLU A 202 1.86 -2.28 -18.22
N ASN A 203 3.04 -1.68 -18.28
CA ASN A 203 3.80 -1.45 -17.05
C ASN A 203 3.44 -0.15 -16.34
N GLY A 204 2.38 0.53 -16.81
CA GLY A 204 1.99 1.78 -16.16
C GLY A 204 2.77 3.01 -16.62
N GLY A 205 3.70 2.81 -17.55
CA GLY A 205 4.44 3.94 -18.08
C GLY A 205 3.57 4.54 -19.17
N ILE A 206 3.99 5.64 -19.77
CA ILE A 206 3.19 6.27 -20.81
C ILE A 206 3.96 6.62 -22.06
N ILE A 207 3.22 6.75 -23.15
CA ILE A 207 3.75 7.15 -24.44
C ILE A 207 3.12 8.53 -24.63
N ASN A 208 3.93 9.54 -24.90
CA ASN A 208 3.40 10.89 -25.07
C ASN A 208 4.29 11.72 -25.99
N LYS A 209 3.85 12.94 -26.27
CA LYS A 209 4.58 13.88 -27.11
C LYS A 209 6.05 14.09 -26.69
N ILE A 210 6.97 13.88 -27.62
CA ILE A 210 8.40 14.04 -27.39
C ILE A 210 8.76 15.21 -26.45
N GLY A 211 9.41 14.88 -25.34
CA GLY A 211 9.79 15.90 -24.36
C GLY A 211 9.28 15.51 -22.98
N THR A 212 8.23 14.69 -22.97
CA THR A 212 7.62 14.25 -21.72
C THR A 212 8.63 13.56 -20.80
N ASN A 213 9.38 12.62 -21.39
CA ASN A 213 10.39 11.87 -20.66
C ASN A 213 11.37 12.76 -19.88
N GLN A 214 11.94 13.77 -20.55
CA GLN A 214 12.89 14.68 -19.93
C GLN A 214 12.26 15.40 -18.76
N ALA A 216 9.79 14.32 -16.92
CA ALA A 216 9.61 13.33 -15.87
C ALA A 216 10.94 13.11 -15.15
N VAL A 217 12.00 12.91 -15.91
CA VAL A 217 13.32 12.68 -15.33
C VAL A 217 13.69 13.90 -14.46
N CYS A 218 13.48 15.09 -14.98
CA CYS A 218 13.78 16.31 -14.22
C CYS A 218 12.92 16.47 -12.97
N ALA A 219 11.66 16.04 -13.04
CA ALA A 219 10.79 16.17 -11.87
C ALA A 219 11.24 15.20 -10.77
N LYS A 220 11.61 13.99 -11.15
CA LYS A 220 12.03 13.06 -10.13
C LYS A 220 13.30 13.53 -9.45
N ALA A 221 14.21 14.10 -10.23
CA ALA A 221 15.45 14.55 -9.64
C ALA A 221 15.23 15.58 -8.51
N GLN A 222 14.18 16.39 -8.62
CA GLN A 222 13.91 17.39 -7.61
C GLN A 222 12.76 16.98 -6.72
N ASN A 223 12.32 15.73 -6.87
CA ASN A 223 11.24 15.19 -6.05
C ASN A 223 9.88 15.89 -6.14
N LYS A 224 9.46 16.17 -7.37
CA LYS A 224 8.17 16.81 -7.60
C LYS A 224 7.24 15.71 -8.10
N PRO A 225 6.01 15.65 -7.58
CA PRO A 225 5.10 14.60 -8.04
C PRO A 225 4.77 14.79 -9.52
N PHE A 226 4.76 13.67 -10.25
CA PHE A 226 4.49 13.67 -11.69
C PHE A 226 3.18 12.95 -11.95
N TYR A 227 2.16 13.71 -12.35
CA TYR A 227 0.84 13.13 -12.60
C TYR A 227 0.47 13.01 -14.07
N VAL A 228 -0.17 11.89 -14.38
CA VAL A 228 -0.65 11.56 -15.71
C VAL A 228 -2.17 11.48 -15.67
N VAL A 229 -2.82 12.15 -16.62
CA VAL A 229 -4.27 12.11 -16.74
C VAL A 229 -4.59 11.56 -18.16
N ALA A 230 -5.35 10.47 -18.23
CA ALA A 230 -5.65 9.88 -19.52
C ALA A 230 -6.81 8.91 -19.45
N GLU A 231 -7.57 8.81 -20.53
CA GLU A 231 -8.72 7.92 -20.57
C GLU A 231 -8.31 6.45 -20.69
N SER A 232 -9.17 5.57 -20.20
CA SER A 232 -8.86 4.15 -20.22
C SER A 232 -8.68 3.59 -21.63
N PHE A 233 -9.33 4.20 -22.62
CA PHE A 233 -9.19 3.66 -23.96
C PHE A 233 -7.79 3.81 -24.58
N LYS A 234 -6.89 4.50 -23.86
CA LYS A 234 -5.52 4.66 -24.32
C LYS A 234 -4.63 3.55 -23.75
N PHE A 235 -5.24 2.64 -22.98
CA PHE A 235 -4.48 1.52 -22.41
C PHE A 235 -4.11 0.66 -23.60
N VAL A 236 -2.82 0.54 -23.86
CA VAL A 236 -2.35 -0.22 -24.99
C VAL A 236 -1.52 -1.45 -24.57
N ARG A 237 -1.60 -2.52 -25.34
CA ARG A 237 -0.88 -3.76 -25.02
C ARG A 237 0.58 -3.78 -25.50
N LEU A 238 1.43 -3.10 -24.73
CA LEU A 238 2.85 -3.01 -24.99
C LEU A 238 3.58 -2.89 -23.66
N PHE A 239 4.76 -3.49 -23.60
CA PHE A 239 5.58 -3.42 -22.41
C PHE A 239 6.97 -2.96 -22.87
N PRO A 240 7.17 -1.64 -22.98
CA PRO A 240 8.47 -1.12 -23.43
C PRO A 240 9.55 -1.15 -22.34
N LEU A 241 10.78 -1.48 -22.72
CA LEU A 241 11.88 -1.47 -21.77
C LEU A 241 12.70 -0.21 -22.00
N ASN A 242 12.53 0.38 -23.17
CA ASN A 242 13.21 1.61 -23.50
C ASN A 242 12.64 2.22 -24.78
N GLN A 243 13.14 3.40 -25.14
CA GLN A 243 12.68 4.11 -26.32
C GLN A 243 12.58 3.30 -27.63
N GLN A 244 13.32 2.21 -27.76
CA GLN A 244 13.26 1.47 -29.00
C GLN A 244 12.12 0.47 -29.11
N ASP A 245 11.61 0.04 -27.97
CA ASP A 245 10.50 -0.91 -27.96
C ASP A 245 9.19 -0.23 -28.33
N VAL A 246 9.23 1.08 -28.56
CA VAL A 246 8.03 1.79 -28.96
C VAL A 246 7.93 1.68 -30.47
N PRO A 247 6.88 1.03 -30.98
CA PRO A 247 6.68 0.84 -32.42
C PRO A 247 6.85 2.12 -33.24
N ASP A 248 7.51 2.00 -34.38
CA ASP A 248 7.75 3.15 -35.25
C ASP A 248 6.46 3.80 -35.71
N LYS A 249 5.49 2.98 -36.08
CA LYS A 249 4.22 3.49 -36.55
C LYS A 249 3.63 4.55 -35.60
N PHE A 250 3.97 4.45 -34.32
CA PHE A 250 3.47 5.40 -33.35
C PHE A 250 4.26 6.69 -33.21
N LYS A 251 5.48 6.74 -33.75
CA LYS A 251 6.28 7.95 -33.60
C LYS A 251 6.69 8.75 -34.83
N TYR A 252 6.40 8.24 -36.02
CA TYR A 252 6.76 8.96 -37.23
C TYR A 252 5.55 9.30 -38.10
N LEU A 266 21.73 9.72 -41.06
CA LEU A 266 22.36 10.10 -39.81
C LEU A 266 22.51 11.64 -39.77
N LYS A 267 21.40 12.37 -39.98
CA LYS A 267 21.43 13.83 -39.95
C LYS A 267 20.31 14.52 -39.18
N GLU A 268 19.19 13.84 -38.99
CA GLU A 268 18.08 14.47 -38.29
C GLU A 268 17.07 13.42 -37.82
N GLU A 269 16.63 13.53 -36.57
CA GLU A 269 15.65 12.59 -36.02
C GLU A 269 14.40 13.35 -35.60
N HIS A 270 13.24 12.77 -35.84
CA HIS A 270 12.01 13.46 -35.50
C HIS A 270 10.89 12.64 -34.88
N PRO A 271 11.13 12.03 -33.70
CA PRO A 271 10.02 11.27 -33.13
C PRO A 271 8.97 12.18 -32.49
N TRP A 272 7.70 11.83 -32.67
CA TRP A 272 6.65 12.64 -32.09
C TRP A 272 6.32 12.29 -30.66
N VAL A 273 6.55 11.04 -30.29
CA VAL A 273 6.31 10.57 -28.95
C VAL A 273 7.58 9.99 -28.37
N ASP A 274 7.60 9.76 -27.08
CA ASP A 274 8.71 9.09 -26.43
C ASP A 274 8.04 8.33 -25.29
N TYR A 275 8.79 7.50 -24.62
CA TYR A 275 8.24 6.69 -23.54
C TYR A 275 8.74 7.18 -22.19
N THR A 276 7.88 7.12 -21.18
CA THR A 276 8.22 7.53 -19.83
C THR A 276 7.95 6.32 -18.94
N ALA A 277 9.00 5.79 -18.33
CA ALA A 277 8.89 4.59 -17.49
C ALA A 277 8.07 4.77 -16.22
N PRO A 278 7.45 3.69 -15.74
CA PRO A 278 6.63 3.77 -14.53
C PRO A 278 7.38 4.30 -13.33
N SER A 279 8.68 4.03 -13.26
CA SER A 279 9.42 4.52 -12.12
C SER A 279 9.39 6.05 -12.05
N LEU A 280 9.16 6.70 -13.19
CA LEU A 280 9.13 8.16 -13.23
C LEU A 280 7.75 8.77 -13.05
N ILE A 281 6.74 7.93 -12.76
CA ILE A 281 5.38 8.42 -12.61
C ILE A 281 4.81 8.22 -11.22
N THR A 282 4.18 9.26 -10.67
CA THR A 282 3.64 9.17 -9.32
C THR A 282 2.27 8.53 -9.29
N LEU A 283 1.36 9.06 -10.08
CA LEU A 283 0.00 8.52 -10.16
C LEU A 283 -0.55 8.78 -11.54
N LEU A 284 -1.54 7.96 -11.92
CA LEU A 284 -2.22 8.13 -13.19
C LEU A 284 -3.69 8.30 -12.87
N PHE A 285 -4.23 9.46 -13.22
CA PHE A 285 -5.63 9.69 -13.00
C PHE A 285 -6.36 9.22 -14.24
N THR A 286 -7.13 8.17 -14.08
CA THR A 286 -7.84 7.59 -15.20
C THR A 286 -9.30 7.42 -14.83
N ASP A 287 -10.14 7.09 -15.80
CA ASP A 287 -11.54 6.92 -15.48
C ASP A 287 -11.77 5.62 -14.71
N LEU A 288 -10.72 4.80 -14.61
CA LEU A 288 -10.82 3.57 -13.83
C LEU A 288 -10.47 3.90 -12.38
N GLY A 289 -9.97 5.11 -12.16
CA GLY A 289 -9.59 5.58 -10.83
C GLY A 289 -8.15 6.08 -10.76
N VAL A 290 -7.74 6.53 -9.57
CA VAL A 290 -6.38 7.02 -9.33
C VAL A 290 -5.51 5.76 -9.22
N LEU A 291 -4.43 5.67 -9.98
CA LEU A 291 -3.61 4.45 -9.95
C LEU A 291 -2.12 4.71 -9.89
N THR A 292 -1.39 3.77 -9.30
CA THR A 292 0.07 3.82 -9.22
C THR A 292 0.43 3.07 -10.50
N PRO A 293 1.59 3.33 -11.10
CA PRO A 293 1.95 2.61 -12.33
C PRO A 293 1.77 1.09 -12.29
N SER A 294 2.20 0.46 -11.21
CA SER A 294 2.11 -0.99 -11.04
C SER A 294 0.69 -1.56 -10.95
N ALA A 295 -0.25 -0.74 -10.51
CA ALA A 295 -1.64 -1.15 -10.40
C ALA A 295 -2.27 -1.16 -11.79
N VAL A 296 -1.60 -0.56 -12.76
CA VAL A 296 -2.17 -0.52 -14.10
C VAL A 296 -2.43 -1.88 -14.73
N SER A 297 -1.46 -2.80 -14.67
CA SER A 297 -1.64 -4.14 -15.23
C SER A 297 -2.96 -4.80 -14.79
N ASP A 298 -3.31 -4.71 -13.51
CA ASP A 298 -4.56 -5.30 -13.04
C ASP A 298 -5.77 -4.64 -13.73
N GLU A 299 -5.79 -3.31 -13.82
CA GLU A 299 -6.89 -2.60 -14.47
C GLU A 299 -6.96 -2.89 -15.96
N LEU A 300 -5.79 -2.99 -16.59
CA LEU A 300 -5.74 -3.26 -18.01
C LEU A 300 -6.34 -4.63 -18.33
N ILE A 301 -6.14 -5.60 -17.45
CA ILE A 301 -6.72 -6.91 -17.67
C ILE A 301 -8.26 -6.81 -17.55
N LYS A 302 -8.76 -6.26 -16.44
CA LYS A 302 -10.21 -6.07 -16.27
C LYS A 302 -10.79 -5.30 -17.46
N LEU A 303 -10.07 -4.30 -17.95
CA LEU A 303 -10.56 -3.52 -19.08
C LEU A 303 -10.70 -4.38 -20.35
N TYR A 304 -9.60 -4.99 -20.81
CA TYR A 304 -9.67 -5.80 -22.01
C TYR A 304 -10.59 -7.02 -21.94
N LEU A 305 -10.77 -7.57 -20.75
CA LEU A 305 -11.67 -8.71 -20.61
C LEU A 305 -13.04 -8.28 -20.12
N ALA A 306 -13.35 -7.00 -20.27
CA ALA A 306 -14.64 -6.44 -19.84
C ALA A 306 -15.75 -7.48 -19.94
N ALA A 307 -16.15 -7.81 -21.16
CA ALA A 307 -17.18 -8.82 -21.40
C ALA A 307 -17.59 -8.84 -22.88
N ASP B 2 31.23 -25.72 -30.26
CA ASP B 2 30.53 -26.09 -31.47
C ASP B 2 29.10 -26.50 -31.12
N ASP B 3 28.19 -26.26 -32.05
CA ASP B 3 26.76 -26.58 -31.86
C ASP B 3 26.46 -27.90 -31.16
N LYS B 4 26.80 -29.02 -31.80
CA LYS B 4 26.56 -30.33 -31.22
C LYS B 4 27.30 -30.53 -29.89
N GLU B 5 28.40 -29.81 -29.71
CA GLU B 5 29.18 -29.90 -28.48
C GLU B 5 28.54 -29.02 -27.42
N LEU B 6 27.98 -27.89 -27.85
CA LEU B 6 27.31 -26.95 -26.97
C LEU B 6 26.10 -27.69 -26.43
N ILE B 7 25.39 -28.35 -27.34
CA ILE B 7 24.21 -29.10 -26.99
C ILE B 7 24.54 -30.28 -26.09
N GLU B 8 25.79 -30.71 -26.12
CA GLU B 8 26.23 -31.82 -25.27
C GLU B 8 26.44 -31.33 -23.86
N TYR B 9 27.38 -30.39 -23.71
CA TYR B 9 27.71 -29.81 -22.43
C TYR B 9 26.43 -29.47 -21.68
N PHE B 10 25.43 -29.00 -22.42
CA PHE B 10 24.15 -28.61 -21.85
C PHE B 10 23.25 -29.76 -21.43
N LYS B 11 23.36 -30.90 -22.11
CA LYS B 11 22.54 -32.04 -21.74
C LYS B 11 23.18 -32.74 -20.54
N SER B 12 24.50 -32.77 -20.50
CA SER B 12 25.20 -33.41 -19.39
C SER B 12 25.10 -32.53 -18.15
N GLN B 13 25.16 -31.22 -18.35
CA GLN B 13 25.06 -30.29 -17.23
C GLN B 13 23.89 -30.61 -16.32
N LYS B 15 22.34 -33.65 -16.41
CA LYS B 15 22.40 -35.06 -16.02
C LYS B 15 23.14 -35.15 -14.69
N GLU B 16 24.30 -34.52 -14.59
CA GLU B 16 25.06 -34.53 -13.35
C GLU B 16 24.32 -33.75 -12.25
N ASP B 17 23.15 -33.19 -12.58
CA ASP B 17 22.38 -32.45 -11.60
C ASP B 17 20.95 -32.21 -12.06
N PRO B 18 20.04 -33.14 -11.76
CA PRO B 18 18.63 -33.08 -12.14
C PRO B 18 17.83 -31.92 -11.53
N ASP B 19 18.20 -31.49 -10.32
CA ASP B 19 17.47 -30.42 -9.66
C ASP B 19 18.02 -29.03 -9.93
N ALA B 21 17.94 -25.88 -12.22
CA ALA B 21 17.05 -25.25 -13.18
C ALA B 21 17.71 -25.21 -14.56
N SER B 22 16.92 -25.52 -15.59
CA SER B 22 17.39 -25.51 -16.97
C SER B 22 18.10 -24.18 -17.27
N ALA B 23 17.48 -23.09 -16.86
CA ALA B 23 18.06 -21.77 -17.07
C ALA B 23 19.51 -21.75 -16.59
N VAL B 24 19.76 -22.25 -15.38
CA VAL B 24 21.11 -22.28 -14.83
C VAL B 24 22.03 -23.22 -15.59
N ALA B 25 21.50 -24.32 -16.12
CA ALA B 25 22.32 -25.24 -16.91
C ALA B 25 22.71 -24.49 -18.18
N ALA B 26 21.79 -23.70 -18.73
CA ALA B 26 22.08 -22.94 -19.93
C ALA B 26 23.15 -21.87 -19.67
N ILE B 27 22.96 -21.09 -18.61
CA ILE B 27 23.90 -20.05 -18.28
C ILE B 27 25.30 -20.63 -18.10
N ARG B 28 25.40 -21.75 -17.40
CA ARG B 28 26.69 -22.39 -17.20
C ARG B 28 27.32 -22.79 -18.54
N THR B 29 26.49 -23.29 -19.46
CA THR B 29 26.95 -23.72 -20.78
C THR B 29 27.33 -22.53 -21.66
N LEU B 30 26.74 -21.37 -21.38
CA LEU B 30 27.05 -20.16 -22.15
C LEU B 30 28.35 -19.60 -21.61
N LEU B 31 28.49 -19.61 -20.29
CA LEU B 31 29.69 -19.08 -19.66
C LEU B 31 30.87 -19.91 -20.09
N GLU B 32 30.62 -21.19 -20.34
CA GLU B 32 31.67 -22.09 -20.79
C GLU B 32 31.93 -21.76 -22.25
N PHE B 33 30.86 -21.55 -23.01
CA PHE B 33 30.97 -21.22 -24.42
C PHE B 33 31.99 -20.13 -24.68
N LEU B 34 31.89 -19.04 -23.93
CA LEU B 34 32.80 -17.92 -24.08
C LEU B 34 34.26 -18.33 -23.89
N LYS B 35 34.50 -19.19 -22.91
CA LYS B 35 35.85 -19.67 -22.61
C LYS B 35 36.47 -20.41 -23.79
N ARG B 36 35.74 -21.38 -24.34
CA ARG B 36 36.22 -22.15 -25.49
C ARG B 36 35.93 -21.41 -26.79
N ASP B 37 35.90 -20.08 -26.74
CA ASP B 37 35.60 -19.30 -27.94
C ASP B 37 36.63 -18.19 -28.20
N LYS B 38 37.91 -18.52 -28.03
CA LYS B 38 38.98 -17.57 -28.27
C LYS B 38 39.16 -17.30 -29.76
N GLN B 43 39.06 -11.78 -32.75
CA GLN B 43 38.00 -10.87 -33.16
C GLN B 43 37.42 -10.14 -31.95
N GLY B 44 36.62 -9.11 -32.20
CA GLY B 44 36.00 -8.35 -31.13
C GLY B 44 34.48 -8.47 -31.19
N LEU B 45 34.02 -9.46 -31.95
CA LEU B 45 32.59 -9.70 -32.12
C LEU B 45 32.19 -11.16 -31.85
N ARG B 46 32.57 -11.69 -30.70
CA ARG B 46 32.21 -13.06 -30.34
C ARG B 46 30.82 -13.00 -29.70
N ALA B 47 30.44 -11.78 -29.33
CA ALA B 47 29.14 -11.53 -28.72
C ALA B 47 28.13 -11.74 -29.83
N ASN B 48 28.65 -11.98 -31.04
CA ASN B 48 27.81 -12.21 -32.19
C ASN B 48 27.47 -13.70 -32.16
N LEU B 49 28.52 -14.51 -32.09
CA LEU B 49 28.36 -15.96 -32.05
C LEU B 49 27.54 -16.36 -30.83
N THR B 50 27.75 -15.67 -29.71
CA THR B 50 27.03 -15.96 -28.49
C THR B 50 25.52 -15.95 -28.74
N SER B 51 25.10 -15.18 -29.75
CA SER B 51 23.69 -15.09 -30.10
C SER B 51 23.25 -16.35 -30.82
N ALA B 52 23.97 -16.68 -31.89
CA ALA B 52 23.67 -17.86 -32.71
C ALA B 52 23.80 -19.15 -31.91
N ILE B 53 24.14 -19.01 -30.63
CA ILE B 53 24.30 -20.16 -29.75
C ILE B 53 23.23 -20.15 -28.66
N GLU B 54 22.93 -18.96 -28.18
CA GLU B 54 21.91 -18.79 -27.16
C GLU B 54 20.58 -19.23 -27.75
N THR B 55 20.54 -19.39 -29.07
CA THR B 55 19.33 -19.80 -29.77
C THR B 55 19.25 -21.32 -29.89
N LEU B 56 20.39 -21.98 -30.04
CA LEU B 56 20.40 -23.43 -30.13
C LEU B 56 19.82 -24.01 -28.85
N CYS B 57 20.23 -23.48 -27.71
CA CYS B 57 19.68 -23.95 -26.45
C CYS B 57 18.23 -23.50 -26.44
N GLY B 58 18.03 -22.20 -26.71
CA GLY B 58 16.70 -21.62 -26.73
C GLY B 58 15.64 -22.58 -27.24
N VAL B 59 15.98 -23.37 -28.25
CA VAL B 59 15.03 -24.32 -28.79
C VAL B 59 14.94 -25.51 -27.83
N ASP B 60 14.43 -25.20 -26.63
CA ASP B 60 14.22 -26.19 -25.56
C ASP B 60 13.04 -25.69 -24.72
N SER B 61 11.90 -26.35 -24.86
CA SER B 61 10.66 -26.00 -24.15
C SER B 61 10.81 -25.01 -22.98
N SER B 62 11.65 -25.36 -22.00
CA SER B 62 11.90 -24.54 -20.80
C SER B 62 11.72 -23.03 -20.99
N VAL B 63 10.68 -22.47 -20.37
CA VAL B 63 10.40 -21.05 -20.47
C VAL B 63 11.57 -20.24 -19.92
N ALA B 64 12.20 -20.73 -18.85
CA ALA B 64 13.32 -20.05 -18.23
C ALA B 64 14.59 -20.05 -19.07
N VAL B 65 14.71 -20.96 -20.03
CA VAL B 65 15.92 -20.98 -20.84
C VAL B 65 16.01 -19.68 -21.65
N SER B 66 14.87 -19.17 -22.10
CA SER B 66 14.84 -17.93 -22.89
C SER B 66 15.04 -16.67 -22.06
N SER B 67 14.22 -16.48 -21.03
CA SER B 67 14.35 -15.30 -20.18
C SER B 67 15.69 -15.28 -19.45
N GLY B 68 16.11 -16.44 -18.95
CA GLY B 68 17.37 -16.56 -18.26
C GLY B 68 18.52 -16.25 -19.19
N GLY B 69 18.49 -16.82 -20.38
CA GLY B 69 19.52 -16.58 -21.38
C GLY B 69 19.50 -15.11 -21.76
N GLU B 70 18.31 -14.59 -22.05
CA GLU B 70 18.15 -13.20 -22.42
C GLU B 70 18.75 -12.33 -21.31
N LEU B 71 18.38 -12.63 -20.07
CA LEU B 71 18.90 -11.87 -18.94
C LEU B 71 20.40 -11.95 -18.82
N PHE B 72 20.95 -13.12 -19.12
CA PHE B 72 22.38 -13.36 -19.04
C PHE B 72 23.14 -12.51 -20.06
N LEU B 73 22.66 -12.52 -21.30
CA LEU B 73 23.30 -11.77 -22.38
C LEU B 73 23.16 -10.27 -22.24
N ARG B 74 22.07 -9.81 -21.61
CA ARG B 74 21.91 -8.36 -21.41
C ARG B 74 22.96 -7.93 -20.41
N PHE B 75 23.02 -8.63 -19.28
CA PHE B 75 23.94 -8.31 -18.20
C PHE B 75 25.42 -8.27 -18.61
N ILE B 76 25.70 -8.55 -19.87
CA ILE B 76 27.07 -8.54 -20.37
C ILE B 76 27.27 -7.55 -21.54
N SER B 77 27.82 -6.39 -21.18
CA SER B 77 28.13 -5.27 -22.09
C SER B 77 27.94 -5.50 -23.59
N SER B 87 40.51 -7.20 -29.84
CA SER B 87 39.94 -6.72 -28.59
C SER B 87 39.44 -7.86 -27.72
N LYS B 88 40.21 -8.94 -27.64
CA LYS B 88 39.85 -10.08 -26.80
C LYS B 88 40.07 -9.69 -25.34
N CYS B 89 40.18 -8.38 -25.11
CA CYS B 89 40.36 -7.83 -23.77
C CYS B 89 38.99 -7.79 -23.11
N LYS B 90 37.97 -8.07 -23.92
CA LYS B 90 36.59 -8.10 -23.47
C LYS B 90 36.36 -9.46 -22.87
N LYS B 91 37.16 -9.79 -21.85
CA LYS B 91 37.04 -11.05 -21.14
C LYS B 91 36.53 -10.68 -19.77
N ILE B 92 36.17 -9.42 -19.62
CA ILE B 92 35.60 -8.90 -18.39
C ILE B 92 34.22 -9.52 -18.35
N ILE B 94 33.31 -12.77 -18.90
CA ILE B 94 33.47 -13.91 -18.01
C ILE B 94 33.36 -13.46 -16.56
N GLU B 95 34.06 -12.38 -16.23
CA GLU B 95 34.04 -11.84 -14.87
C GLU B 95 32.63 -11.66 -14.35
N ARG B 96 31.80 -10.93 -15.11
CA ARG B 96 30.42 -10.67 -14.73
C ARG B 96 29.49 -11.83 -15.09
N GLY B 97 29.93 -12.67 -16.01
CA GLY B 97 29.13 -13.81 -16.39
C GLY B 97 29.23 -14.80 -15.26
N GLU B 98 30.29 -14.66 -14.47
CA GLU B 98 30.53 -15.52 -13.33
C GLU B 98 29.88 -14.91 -12.10
N LEU B 99 29.57 -13.62 -12.18
CA LEU B 99 28.91 -12.95 -11.06
C LEU B 99 27.43 -13.21 -11.19
N PHE B 100 26.95 -13.21 -12.43
CA PHE B 100 25.55 -13.43 -12.73
C PHE B 100 25.12 -14.86 -12.39
N LEU B 101 26.06 -15.80 -12.44
CA LEU B 101 25.75 -17.20 -12.13
C LEU B 101 25.78 -17.45 -10.62
N ARG B 102 26.60 -16.71 -9.90
CA ARG B 102 26.69 -16.88 -8.46
C ARG B 102 25.50 -16.23 -7.78
N ARG B 103 25.05 -15.13 -8.36
CA ARG B 103 23.91 -14.39 -7.84
C ARG B 103 22.63 -15.22 -7.93
N ILE B 104 22.35 -15.75 -9.13
CA ILE B 104 21.15 -16.55 -9.34
C ILE B 104 21.27 -17.95 -8.78
N SER B 105 22.35 -18.25 -8.06
CA SER B 105 22.48 -19.57 -7.50
C SER B 105 22.10 -19.50 -6.02
N LEU B 106 21.82 -18.28 -5.59
CA LEU B 106 21.42 -18.01 -4.23
C LEU B 106 19.91 -17.79 -4.14
N SER B 107 19.28 -17.74 -5.30
CA SER B 107 17.85 -17.49 -5.39
C SER B 107 17.02 -18.45 -4.57
N ARG B 108 17.10 -19.74 -4.89
CA ARG B 108 16.32 -20.70 -4.17
C ARG B 108 16.47 -20.58 -2.66
N ASN B 109 17.70 -20.39 -2.18
CA ASN B 109 17.90 -20.25 -0.74
C ASN B 109 17.27 -18.98 -0.21
N LYS B 110 17.34 -17.90 -1.01
CA LYS B 110 16.77 -16.63 -0.59
C LYS B 110 15.25 -16.75 -0.54
N ILE B 111 14.70 -17.52 -1.45
CA ILE B 111 13.27 -17.75 -1.49
C ILE B 111 12.81 -18.56 -0.28
N ALA B 112 13.46 -19.70 -0.05
CA ALA B 112 13.09 -20.56 1.07
C ALA B 112 13.02 -19.72 2.34
N ASP B 113 14.07 -18.92 2.55
CA ASP B 113 14.17 -18.04 3.70
C ASP B 113 13.02 -17.03 3.82
N LEU B 114 12.53 -16.54 2.69
CA LEU B 114 11.45 -15.57 2.68
C LEU B 114 10.08 -16.19 2.91
N CYS B 115 9.86 -17.34 2.28
CA CYS B 115 8.56 -18.01 2.37
C CYS B 115 8.30 -18.94 3.56
N HIS B 116 9.33 -19.61 4.06
CA HIS B 116 9.16 -20.55 5.17
C HIS B 116 8.50 -19.95 6.41
N THR B 117 8.71 -18.65 6.66
CA THR B 117 8.14 -18.02 7.84
C THR B 117 6.61 -17.82 7.77
N PHE B 118 5.99 -18.19 6.65
CA PHE B 118 4.55 -18.01 6.49
C PHE B 118 3.75 -19.28 6.72
N ILE B 119 4.47 -20.35 7.02
CA ILE B 119 3.86 -21.64 7.28
C ILE B 119 3.67 -21.71 8.79
N LYS B 120 2.45 -21.47 9.27
CA LYS B 120 2.18 -21.50 10.69
C LYS B 120 2.21 -22.94 11.20
N ASP B 121 2.56 -23.12 12.47
CA ASP B 121 2.65 -24.46 13.04
C ASP B 121 1.34 -25.24 12.86
N GLY B 122 1.48 -26.52 12.53
CA GLY B 122 0.32 -27.39 12.32
C GLY B 122 -0.42 -27.15 11.01
N ALA B 123 0.11 -26.28 10.16
CA ALA B 123 -0.51 -25.95 8.89
C ALA B 123 -0.54 -27.15 7.96
N THR B 124 -1.46 -27.12 6.99
CA THR B 124 -1.59 -28.15 5.98
C THR B 124 -1.41 -27.42 4.65
N ILE B 125 -0.39 -27.81 3.91
CA ILE B 125 -0.07 -27.18 2.67
C ILE B 125 -0.48 -27.99 1.45
N LEU B 126 -1.15 -27.34 0.51
CA LEU B 126 -1.56 -27.99 -0.72
C LEU B 126 -0.61 -27.53 -1.82
N THR B 127 -0.08 -28.46 -2.59
CA THR B 127 0.82 -28.09 -3.66
C THR B 127 0.47 -28.90 -4.91
N HIS B 128 1.01 -28.47 -6.05
CA HIS B 128 0.74 -29.10 -7.32
C HIS B 128 2.01 -29.62 -8.00
N ALA B 129 1.93 -30.82 -8.58
CA ALA B 129 3.05 -31.40 -9.30
C ALA B 129 4.38 -31.42 -8.54
N TYR B 130 5.47 -31.25 -9.27
CA TYR B 130 6.79 -31.25 -8.67
C TYR B 130 7.49 -29.90 -8.84
N SER B 131 7.93 -29.29 -7.75
CA SER B 131 8.63 -28.02 -7.84
C SER B 131 9.85 -28.08 -6.94
N ARG B 132 11.04 -27.91 -7.51
CA ARG B 132 12.23 -27.98 -6.65
C ARG B 132 12.23 -26.82 -5.67
N VAL B 133 11.76 -25.65 -6.12
CA VAL B 133 11.71 -24.50 -5.24
C VAL B 133 10.75 -24.73 -4.07
N VAL B 134 9.60 -25.37 -4.32
CA VAL B 134 8.69 -25.64 -3.22
C VAL B 134 9.35 -26.58 -2.20
N LEU B 135 10.13 -27.53 -2.71
CA LEU B 135 10.84 -28.50 -1.90
C LEU B 135 11.79 -27.77 -0.94
N ARG B 136 12.63 -26.87 -1.46
CA ARG B 136 13.54 -26.13 -0.59
C ARG B 136 12.76 -25.34 0.49
N VAL B 137 11.72 -24.62 0.08
CA VAL B 137 10.92 -23.82 0.99
C VAL B 137 10.47 -24.69 2.14
N LEU B 138 9.99 -25.89 1.80
CA LEU B 138 9.51 -26.82 2.81
C LEU B 138 10.61 -27.40 3.69
N GLU B 139 11.79 -27.61 3.11
CA GLU B 139 12.90 -28.14 3.88
C GLU B 139 13.25 -27.09 4.94
N ALA B 140 13.26 -25.83 4.53
CA ALA B 140 13.55 -24.74 5.45
C ALA B 140 12.47 -24.60 6.54
N ALA B 141 11.28 -25.14 6.29
CA ALA B 141 10.20 -25.06 7.27
C ALA B 141 10.44 -26.10 8.36
N VAL B 142 11.03 -27.23 7.98
CA VAL B 142 11.34 -28.30 8.92
C VAL B 142 12.50 -27.87 9.81
N ALA B 143 13.63 -27.59 9.17
CA ALA B 143 14.83 -27.16 9.85
C ALA B 143 14.55 -26.12 10.93
N ALA B 144 13.42 -25.42 10.80
CA ALA B 144 13.01 -24.40 11.76
C ALA B 144 12.06 -24.95 12.82
N LYS B 145 12.03 -26.27 12.97
CA LYS B 145 11.21 -26.92 13.98
C LYS B 145 9.70 -26.76 13.74
N LYS B 146 9.29 -26.38 12.53
CA LYS B 146 7.87 -26.20 12.22
C LYS B 146 7.24 -27.53 11.78
N ARG B 147 6.11 -27.89 12.41
CA ARG B 147 5.41 -29.14 12.08
C ARG B 147 4.23 -28.86 11.17
N PHE B 148 4.18 -29.55 10.03
CA PHE B 148 3.11 -29.34 9.05
C PHE B 148 2.92 -30.60 8.20
N SER B 149 1.82 -30.67 7.47
CA SER B 149 1.58 -31.83 6.59
C SER B 149 1.23 -31.30 5.21
N VAL B 150 1.47 -32.10 4.17
CA VAL B 150 1.24 -31.66 2.80
C VAL B 150 0.30 -32.54 1.98
N TYR B 151 -0.35 -31.90 1.02
CA TYR B 151 -1.24 -32.55 0.07
C TYR B 151 -0.70 -32.15 -1.28
N VAL B 152 -0.40 -33.13 -2.13
CA VAL B 152 0.07 -32.78 -3.45
C VAL B 152 -0.66 -33.58 -4.52
N THR B 153 -0.94 -32.95 -5.65
CA THR B 153 -1.64 -33.62 -6.75
C THR B 153 -0.66 -34.59 -7.42
N GLU B 154 -1.17 -35.72 -7.91
CA GLU B 154 -0.30 -36.70 -8.58
C GLU B 154 0.27 -36.05 -9.82
N SER B 155 -0.55 -35.21 -10.45
CA SER B 155 -0.19 -34.43 -11.63
C SER B 155 0.04 -35.24 -12.91
N GLN B 156 -1.04 -35.60 -13.61
CA GLN B 156 -0.93 -36.31 -14.87
C GLN B 156 -0.24 -35.34 -15.83
N PRO B 157 0.32 -35.83 -16.94
CA PRO B 157 0.30 -37.25 -17.29
C PRO B 157 1.53 -37.96 -16.74
N ASP B 158 2.62 -37.22 -16.55
CA ASP B 158 3.87 -37.79 -16.08
C ASP B 158 3.92 -38.23 -14.60
N LEU B 159 2.97 -37.78 -13.79
CA LEU B 159 2.92 -38.18 -12.38
C LEU B 159 3.99 -37.57 -11.48
N SER B 160 4.43 -36.35 -11.80
CA SER B 160 5.47 -35.70 -11.00
C SER B 160 5.08 -35.48 -9.54
N GLY B 161 3.79 -35.47 -9.25
CA GLY B 161 3.37 -35.27 -7.89
C GLY B 161 3.86 -36.40 -7.01
N LYS B 162 3.92 -37.59 -7.59
CA LYS B 162 4.38 -38.75 -6.85
C LYS B 162 5.85 -38.63 -6.48
N LYS B 163 6.65 -38.11 -7.41
CA LYS B 163 8.08 -37.92 -7.16
C LYS B 163 8.21 -36.94 -6.01
N ALA B 165 5.97 -36.42 -3.65
CA ALA B 165 5.57 -37.13 -2.43
C ALA B 165 6.74 -37.94 -1.86
N LYS B 166 7.50 -38.63 -2.71
CA LYS B 166 8.68 -39.40 -2.28
C LYS B 166 9.73 -38.49 -1.65
N ALA B 167 10.02 -37.37 -2.33
CA ALA B 167 10.98 -36.41 -1.82
C ALA B 167 10.57 -36.00 -0.41
N LEU B 168 9.35 -35.53 -0.27
CA LEU B 168 8.83 -35.12 1.03
C LEU B 168 8.89 -36.28 2.02
N CYS B 169 8.56 -37.47 1.51
CA CYS B 169 8.57 -38.66 2.33
C CYS B 169 9.98 -38.95 2.87
N HIS B 170 11.02 -38.71 2.07
CA HIS B 170 12.39 -38.97 2.52
C HIS B 170 12.78 -38.09 3.67
N LEU B 171 12.24 -36.87 3.66
CA LEU B 171 12.49 -35.90 4.71
C LEU B 171 11.53 -36.12 5.86
N ASN B 172 10.78 -37.22 5.81
CA ASN B 172 9.85 -37.54 6.89
C ASN B 172 8.77 -36.45 7.07
N VAL B 173 8.18 -36.03 5.96
CA VAL B 173 7.13 -35.00 5.99
C VAL B 173 5.80 -35.68 5.71
N PRO B 174 4.79 -35.47 6.56
CA PRO B 174 3.48 -36.09 6.31
C PRO B 174 2.93 -35.58 4.96
N VAL B 175 2.75 -36.48 4.01
CA VAL B 175 2.26 -36.09 2.70
C VAL B 175 1.32 -37.11 2.06
N THR B 176 0.15 -36.66 1.63
CA THR B 176 -0.81 -37.55 0.98
C THR B 176 -0.92 -37.18 -0.50
N VAL B 177 -0.84 -38.17 -1.39
CA VAL B 177 -0.99 -37.89 -2.82
C VAL B 177 -2.47 -37.85 -3.11
N VAL B 178 -2.85 -36.88 -3.94
CA VAL B 178 -4.24 -36.71 -4.29
C VAL B 178 -4.44 -36.70 -5.80
N LEU B 179 -5.66 -37.02 -6.21
CA LEU B 179 -6.08 -37.06 -7.60
C LEU B 179 -6.22 -35.62 -8.10
N ASP B 180 -5.87 -35.35 -9.35
CA ASP B 180 -6.01 -33.99 -9.90
C ASP B 180 -7.45 -33.52 -9.82
N ALA B 181 -8.37 -34.46 -9.98
CA ALA B 181 -9.81 -34.18 -9.92
C ALA B 181 -10.25 -33.89 -8.49
N ALA B 182 -9.36 -34.09 -7.53
CA ALA B 182 -9.72 -33.89 -6.12
C ALA B 182 -9.25 -32.60 -5.46
N VAL B 183 -8.80 -31.64 -6.27
CA VAL B 183 -8.35 -30.39 -5.69
C VAL B 183 -9.52 -29.65 -5.06
N GLY B 184 -10.63 -29.56 -5.77
CA GLY B 184 -11.78 -28.87 -5.20
C GLY B 184 -12.22 -29.49 -3.90
N TYR B 185 -12.27 -30.82 -3.90
CA TYR B 185 -12.65 -31.63 -2.75
C TYR B 185 -11.74 -31.36 -1.55
N ILE B 186 -10.44 -31.49 -1.79
CA ILE B 186 -9.39 -31.31 -0.79
C ILE B 186 -9.17 -29.88 -0.27
N GLU B 188 -10.83 -27.58 1.17
CA GLU B 188 -11.29 -27.25 2.51
C GLU B 188 -10.41 -27.67 3.66
N LYS B 189 -9.49 -28.61 3.46
CA LYS B 189 -8.65 -28.98 4.58
C LYS B 189 -7.22 -28.51 4.44
N ALA B 190 -7.03 -27.44 3.68
CA ALA B 190 -5.70 -26.88 3.48
C ALA B 190 -5.72 -25.45 4.01
N ASP B 191 -4.59 -25.01 4.57
CA ASP B 191 -4.48 -23.66 5.10
C ASP B 191 -4.01 -22.65 4.06
N LEU B 192 -3.28 -23.16 3.07
CA LEU B 192 -2.74 -22.33 2.02
C LEU B 192 -2.14 -23.26 0.99
N VAL B 193 -1.94 -22.72 -0.21
CA VAL B 193 -1.32 -23.55 -1.23
C VAL B 193 -0.07 -22.83 -1.68
N ILE B 194 1.00 -23.61 -1.89
CA ILE B 194 2.28 -23.09 -2.34
C ILE B 194 2.54 -23.82 -3.63
N VAL B 195 2.89 -23.06 -4.65
CA VAL B 195 3.13 -23.65 -5.94
C VAL B 195 4.33 -22.95 -6.56
N GLY B 196 5.01 -23.65 -7.45
CA GLY B 196 6.15 -23.08 -8.14
C GLY B 196 5.70 -22.45 -9.44
N ALA B 197 6.64 -22.01 -10.27
CA ALA B 197 6.28 -21.40 -11.52
C ALA B 197 7.33 -21.72 -12.56
N GLU B 198 6.90 -21.78 -13.81
CA GLU B 198 7.79 -22.04 -14.93
C GLU B 198 8.23 -20.65 -15.39
N GLY B 199 7.33 -19.69 -15.25
CA GLY B 199 7.62 -18.34 -15.65
C GLY B 199 6.68 -17.38 -14.96
N VAL B 200 7.16 -16.17 -14.68
CA VAL B 200 6.35 -15.14 -14.07
C VAL B 200 6.15 -14.10 -15.19
N VAL B 201 4.92 -13.90 -15.65
CA VAL B 201 4.71 -12.95 -16.73
C VAL B 201 4.65 -11.51 -16.23
N GLU B 202 4.65 -10.55 -17.15
CA GLU B 202 4.66 -9.13 -16.81
C GLU B 202 3.53 -8.66 -15.90
N ASN B 203 2.31 -9.19 -16.07
CA ASN B 203 1.22 -8.79 -15.18
C ASN B 203 1.26 -9.52 -13.83
N GLY B 204 2.29 -10.34 -13.63
CA GLY B 204 2.40 -11.03 -12.36
C GLY B 204 1.72 -12.38 -12.21
N GLY B 205 1.09 -12.83 -13.29
CA GLY B 205 0.46 -14.13 -13.28
C GLY B 205 1.60 -15.09 -13.53
N ILE B 206 1.32 -16.35 -13.82
CA ILE B 206 2.39 -17.32 -14.01
C ILE B 206 2.00 -18.41 -15.00
N ILE B 207 3.02 -19.03 -15.58
CA ILE B 207 2.82 -20.15 -16.49
C ILE B 207 3.38 -21.33 -15.72
N ASN B 208 2.61 -22.41 -15.59
CA ASN B 208 3.09 -23.56 -14.83
C ASN B 208 2.41 -24.83 -15.33
N LYS B 209 2.72 -25.97 -14.69
CA LYS B 209 2.16 -27.27 -15.09
C LYS B 209 0.62 -27.26 -15.15
N ILE B 210 0.07 -27.84 -16.22
CA ILE B 210 -1.37 -27.89 -16.40
C ILE B 210 -2.07 -28.36 -15.10
N GLY B 211 -3.08 -27.60 -14.71
CA GLY B 211 -3.79 -27.91 -13.49
C GLY B 211 -3.59 -26.83 -12.43
N THR B 212 -2.57 -25.99 -12.61
CA THR B 212 -2.27 -24.94 -11.65
C THR B 212 -3.38 -23.92 -11.56
N ASN B 213 -3.94 -23.56 -12.71
CA ASN B 213 -5.03 -22.59 -12.76
C ASN B 213 -6.27 -23.00 -11.95
N GLN B 214 -6.82 -24.18 -12.21
CA GLN B 214 -7.99 -24.61 -11.46
C GLN B 214 -7.69 -24.71 -9.94
N ALA B 216 -5.72 -22.64 -8.32
CA ALA B 216 -5.77 -21.24 -7.93
C ALA B 216 -7.21 -20.75 -7.86
N VAL B 217 -8.05 -21.23 -8.75
CA VAL B 217 -9.46 -20.84 -8.74
C VAL B 217 -10.24 -21.42 -7.57
N CYS B 218 -9.89 -22.62 -7.14
CA CYS B 218 -10.58 -23.23 -6.01
C CYS B 218 -10.10 -22.62 -4.69
N ALA B 219 -8.84 -22.20 -4.66
CA ALA B 219 -8.28 -21.58 -3.46
C ALA B 219 -8.97 -20.24 -3.25
N LYS B 220 -9.22 -19.52 -4.36
CA LYS B 220 -9.86 -18.22 -4.32
C LYS B 220 -11.28 -18.30 -3.73
N ALA B 221 -12.09 -19.19 -4.30
CA ALA B 221 -13.46 -19.32 -3.83
C ALA B 221 -13.50 -19.63 -2.34
N GLN B 222 -12.45 -20.24 -1.80
CA GLN B 222 -12.44 -20.57 -0.38
C GLN B 222 -11.55 -19.67 0.46
N ASN B 223 -11.28 -18.47 -0.07
CA ASN B 223 -10.45 -17.48 0.62
C ASN B 223 -9.16 -18.06 1.21
N LYS B 224 -8.49 -18.90 0.43
CA LYS B 224 -7.25 -19.53 0.85
C LYS B 224 -6.03 -18.86 0.17
N PRO B 225 -5.03 -18.46 0.97
CA PRO B 225 -3.86 -17.82 0.35
C PRO B 225 -3.12 -18.75 -0.62
N PHE B 226 -2.89 -18.24 -1.82
CA PHE B 226 -2.24 -18.95 -2.90
C PHE B 226 -0.89 -18.27 -3.11
N TYR B 227 0.18 -18.95 -2.75
CA TYR B 227 1.49 -18.35 -2.93
C TYR B 227 2.29 -19.06 -4.01
N VAL B 228 3.05 -18.25 -4.75
CA VAL B 228 3.93 -18.71 -5.82
C VAL B 228 5.34 -18.49 -5.29
N VAL B 229 6.23 -19.40 -5.65
CA VAL B 229 7.59 -19.35 -5.19
C VAL B 229 8.46 -19.52 -6.45
N ALA B 230 9.24 -18.51 -6.81
CA ALA B 230 10.05 -18.62 -8.05
C ALA B 230 11.22 -17.61 -8.19
N GLU B 231 12.27 -18.07 -8.88
CA GLU B 231 13.47 -17.27 -9.11
C GLU B 231 13.24 -16.17 -10.15
N SER B 232 13.94 -15.05 -9.97
CA SER B 232 13.76 -13.93 -10.89
C SER B 232 14.06 -14.25 -12.35
N PHE B 233 15.05 -15.10 -12.63
CA PHE B 233 15.36 -15.42 -14.03
C PHE B 233 14.19 -16.06 -14.77
N LYS B 234 13.11 -16.29 -14.04
CA LYS B 234 11.90 -16.86 -14.62
C LYS B 234 10.95 -15.77 -15.14
N PHE B 235 11.31 -14.50 -14.91
CA PHE B 235 10.54 -13.34 -15.37
C PHE B 235 10.66 -13.29 -16.90
N VAL B 236 9.55 -13.51 -17.59
CA VAL B 236 9.51 -13.51 -19.03
C VAL B 236 8.70 -12.33 -19.62
N ARG B 237 9.15 -11.80 -20.76
CA ARG B 237 8.46 -10.67 -21.42
C ARG B 237 7.19 -11.15 -22.13
N LEU B 238 6.13 -11.36 -21.34
CA LEU B 238 4.86 -11.81 -21.87
C LEU B 238 3.70 -11.24 -21.08
N PHE B 239 2.65 -10.89 -21.80
CA PHE B 239 1.47 -10.35 -21.16
C PHE B 239 0.23 -11.05 -21.65
N PRO B 240 -0.04 -12.27 -21.16
CA PRO B 240 -1.23 -13.02 -21.59
C PRO B 240 -2.56 -12.50 -21.00
N LEU B 241 -3.64 -12.59 -21.77
CA LEU B 241 -4.95 -12.17 -21.28
C LEU B 241 -5.77 -13.41 -20.90
N ASN B 242 -5.59 -14.48 -21.69
CA ASN B 242 -6.22 -15.78 -21.47
C ASN B 242 -5.29 -16.90 -21.94
N GLN B 243 -5.72 -18.16 -21.81
CA GLN B 243 -4.91 -19.32 -22.20
C GLN B 243 -4.34 -19.34 -23.63
N GLN B 244 -5.10 -18.86 -24.61
CA GLN B 244 -4.59 -18.87 -25.98
C GLN B 244 -3.34 -18.00 -26.16
N ASP B 245 -3.19 -17.00 -25.30
CA ASP B 245 -2.05 -16.12 -25.37
C ASP B 245 -0.72 -16.74 -24.88
N VAL B 246 -0.78 -17.95 -24.32
CA VAL B 246 0.47 -18.59 -23.88
C VAL B 246 1.08 -19.27 -25.10
N PRO B 247 2.33 -18.95 -25.43
CA PRO B 247 3.03 -19.55 -26.59
C PRO B 247 2.93 -21.07 -26.65
N ASP B 248 2.60 -21.59 -27.83
CA ASP B 248 2.49 -23.03 -28.02
C ASP B 248 3.78 -23.75 -27.63
N LYS B 249 4.93 -23.12 -27.89
CA LYS B 249 6.25 -23.70 -27.57
C LYS B 249 6.34 -24.24 -26.15
N PHE B 250 5.54 -23.68 -25.25
CA PHE B 250 5.55 -24.13 -23.87
C PHE B 250 4.48 -25.17 -23.63
N LYS B 251 3.47 -25.18 -24.50
CA LYS B 251 2.33 -26.08 -24.37
C LYS B 251 2.48 -27.49 -24.92
N TYR B 252 3.12 -27.64 -26.07
CA TYR B 252 3.24 -28.98 -26.65
C TYR B 252 4.64 -29.30 -27.14
N LEU B 266 -12.56 -39.24 -30.15
CA LEU B 266 -12.34 -38.43 -31.35
C LEU B 266 -11.01 -37.67 -31.24
N LYS B 267 -11.05 -36.39 -30.86
CA LYS B 267 -9.81 -35.62 -30.72
C LYS B 267 -9.37 -35.61 -29.26
N GLU B 268 -8.19 -35.03 -29.00
CA GLU B 268 -7.68 -34.92 -27.63
C GLU B 268 -6.83 -33.67 -27.49
N GLU B 269 -6.79 -33.11 -26.29
CA GLU B 269 -6.00 -31.93 -26.02
C GLU B 269 -5.00 -32.24 -24.94
N HIS B 270 -3.74 -31.89 -25.17
CA HIS B 270 -2.70 -32.16 -24.19
C HIS B 270 -1.76 -31.01 -23.86
N PRO B 271 -2.29 -29.91 -23.29
CA PRO B 271 -1.40 -28.80 -22.96
C PRO B 271 -0.60 -29.14 -21.69
N TRP B 272 0.69 -28.80 -21.70
CA TRP B 272 1.59 -29.06 -20.57
C TRP B 272 1.59 -27.99 -19.47
N VAL B 273 1.13 -26.78 -19.80
CA VAL B 273 1.08 -25.70 -18.84
C VAL B 273 -0.21 -24.88 -19.01
N ASP B 274 -0.55 -24.08 -18.01
CA ASP B 274 -1.67 -23.17 -18.14
C ASP B 274 -1.19 -21.85 -17.56
N TYR B 275 -1.98 -20.81 -17.74
CA TYR B 275 -1.64 -19.49 -17.23
C TYR B 275 -2.58 -19.23 -16.06
N THR B 276 -2.10 -18.49 -15.07
CA THR B 276 -2.89 -18.15 -13.89
C THR B 276 -2.80 -16.63 -13.68
N ALA B 277 -3.93 -15.96 -13.90
CA ALA B 277 -4.03 -14.51 -13.78
C ALA B 277 -3.60 -13.93 -12.45
N PRO B 278 -3.06 -12.71 -12.46
CA PRO B 278 -2.64 -12.16 -11.18
C PRO B 278 -3.73 -12.07 -10.11
N SER B 279 -4.99 -11.90 -10.50
CA SER B 279 -6.05 -11.82 -9.50
C SER B 279 -6.15 -13.09 -8.64
N LEU B 280 -5.67 -14.21 -9.16
CA LEU B 280 -5.71 -15.48 -8.46
C LEU B 280 -4.49 -15.74 -7.57
N ILE B 281 -3.53 -14.82 -7.59
CA ILE B 281 -2.32 -15.01 -6.80
C ILE B 281 -2.21 -14.03 -5.64
N THR B 282 -1.94 -14.58 -4.46
CA THR B 282 -1.84 -13.76 -3.25
C THR B 282 -0.49 -13.06 -3.12
N LEU B 283 0.59 -13.80 -3.30
CA LEU B 283 1.93 -13.21 -3.21
C LEU B 283 2.93 -14.08 -3.95
N LEU B 284 4.02 -13.48 -4.40
CA LEU B 284 5.06 -14.25 -5.06
C LEU B 284 6.30 -14.05 -4.22
N PHE B 285 6.97 -15.17 -3.90
CA PHE B 285 8.19 -15.12 -3.12
C PHE B 285 9.33 -15.32 -4.10
N THR B 286 10.16 -14.30 -4.26
CA THR B 286 11.27 -14.37 -5.21
C THR B 286 12.56 -13.92 -4.55
N ASP B 287 13.67 -14.03 -5.27
CA ASP B 287 14.95 -13.58 -4.74
C ASP B 287 14.93 -12.05 -4.65
N LEU B 288 14.04 -11.43 -5.42
CA LEU B 288 13.89 -9.98 -5.41
C LEU B 288 13.00 -9.57 -4.24
N GLY B 289 12.53 -10.54 -3.47
CA GLY B 289 11.68 -10.22 -2.34
C GLY B 289 10.24 -10.62 -2.57
N VAL B 290 9.41 -10.44 -1.54
CA VAL B 290 7.99 -10.80 -1.55
C VAL B 290 7.13 -9.78 -2.32
N LEU B 291 6.69 -10.14 -3.52
CA LEU B 291 5.91 -9.23 -4.35
C LEU B 291 4.41 -9.52 -4.49
N THR B 292 3.63 -8.48 -4.71
CA THR B 292 2.21 -8.68 -4.97
C THR B 292 2.31 -8.80 -6.48
N PRO B 293 1.36 -9.50 -7.13
CA PRO B 293 1.42 -9.65 -8.59
C PRO B 293 1.65 -8.32 -9.33
N SER B 294 0.81 -7.33 -9.05
CA SER B 294 0.90 -6.03 -9.70
C SER B 294 2.31 -5.40 -9.63
N ALA B 295 3.03 -5.69 -8.55
CA ALA B 295 4.37 -5.15 -8.34
C ALA B 295 5.45 -5.82 -9.23
N VAL B 296 5.14 -6.96 -9.81
CA VAL B 296 6.09 -7.65 -10.66
C VAL B 296 6.56 -6.85 -11.87
N SER B 297 5.67 -6.07 -12.48
CA SER B 297 6.04 -5.30 -13.64
C SER B 297 7.19 -4.34 -13.32
N ASP B 298 7.18 -3.76 -12.12
CA ASP B 298 8.26 -2.85 -11.75
C ASP B 298 9.54 -3.63 -11.51
N GLU B 299 9.45 -4.74 -10.77
CA GLU B 299 10.64 -5.54 -10.51
C GLU B 299 11.25 -6.06 -11.80
N LEU B 300 10.39 -6.39 -12.76
CA LEU B 300 10.84 -6.93 -14.05
C LEU B 300 11.64 -5.93 -14.89
N ILE B 301 11.30 -4.65 -14.81
CA ILE B 301 12.05 -3.63 -15.57
C ILE B 301 13.46 -3.50 -14.95
N LYS B 302 13.53 -3.32 -13.63
CA LYS B 302 14.82 -3.22 -12.91
C LYS B 302 15.62 -4.45 -13.27
N LEU B 303 14.98 -5.59 -13.11
CA LEU B 303 15.61 -6.85 -13.40
C LEU B 303 16.28 -6.76 -14.78
N TYR B 304 15.49 -6.53 -15.84
CA TYR B 304 15.99 -6.44 -17.22
C TYR B 304 16.86 -5.22 -17.61
N LEU B 305 16.96 -4.24 -16.72
CA LEU B 305 17.76 -3.05 -17.03
C LEU B 305 18.97 -2.87 -16.11
N ALA B 306 19.06 -3.68 -15.05
CA ALA B 306 20.18 -3.57 -14.10
C ALA B 306 21.51 -3.57 -14.85
N ALA B 307 22.36 -2.59 -14.52
CA ALA B 307 23.66 -2.44 -15.17
C ALA B 307 23.51 -2.48 -16.69
N ASP C 2 35.79 55.79 -26.82
CA ASP C 2 34.44 55.97 -26.30
C ASP C 2 33.55 54.72 -26.41
N ASP C 3 32.60 54.60 -25.50
CA ASP C 3 31.66 53.49 -25.45
C ASP C 3 31.29 52.92 -26.81
N LYS C 4 30.52 53.69 -27.56
CA LYS C 4 30.07 53.25 -28.88
C LYS C 4 31.21 52.67 -29.72
N GLU C 5 32.36 53.34 -29.71
CA GLU C 5 33.51 52.88 -30.48
C GLU C 5 34.02 51.56 -29.91
N LEU C 6 33.89 51.40 -28.60
CA LEU C 6 34.29 50.15 -27.96
C LEU C 6 33.44 49.07 -28.58
N ILE C 7 32.13 49.19 -28.35
CA ILE C 7 31.14 48.23 -28.83
C ILE C 7 31.31 47.87 -30.29
N GLU C 8 31.67 48.85 -31.12
CA GLU C 8 31.85 48.59 -32.53
C GLU C 8 33.15 47.81 -32.71
N TYR C 9 34.20 48.29 -32.05
CA TYR C 9 35.50 47.65 -32.14
C TYR C 9 35.38 46.20 -31.69
N PHE C 10 34.51 45.98 -30.72
CA PHE C 10 34.27 44.65 -30.15
C PHE C 10 33.57 43.73 -31.14
N LYS C 11 32.43 44.18 -31.67
CA LYS C 11 31.70 43.37 -32.62
C LYS C 11 32.52 43.05 -33.85
N SER C 12 33.30 44.02 -34.30
CA SER C 12 34.14 43.82 -35.48
C SER C 12 35.09 42.67 -35.21
N GLN C 13 35.60 42.62 -33.97
CA GLN C 13 36.53 41.58 -33.55
C GLN C 13 35.97 40.20 -33.85
N LYS C 15 33.22 39.52 -35.77
CA LYS C 15 32.72 39.38 -37.12
C LYS C 15 33.84 38.86 -38.02
N GLU C 16 35.05 39.37 -37.82
CA GLU C 16 36.20 38.97 -38.62
C GLU C 16 36.85 37.65 -38.20
N ASP C 17 36.52 37.18 -37.01
CA ASP C 17 37.04 35.91 -36.52
C ASP C 17 36.01 35.34 -35.57
N PRO C 18 34.94 34.78 -36.13
CA PRO C 18 33.83 34.17 -35.38
C PRO C 18 34.29 33.01 -34.50
N ASP C 19 35.43 32.42 -34.83
CA ASP C 19 35.95 31.32 -34.04
C ASP C 19 36.72 31.85 -32.82
N ALA C 21 36.92 33.38 -29.11
CA ALA C 21 36.20 33.38 -27.86
C ALA C 21 35.81 34.83 -27.61
N SER C 22 34.57 35.05 -27.18
CA SER C 22 34.08 36.39 -26.93
C SER C 22 34.97 37.12 -25.93
N ALA C 23 35.35 36.43 -24.86
CA ALA C 23 36.20 37.02 -23.85
C ALA C 23 37.49 37.53 -24.48
N VAL C 24 38.08 36.75 -25.36
CA VAL C 24 39.31 37.18 -26.01
C VAL C 24 39.02 38.41 -26.88
N ALA C 25 37.83 38.46 -27.47
CA ALA C 25 37.47 39.62 -28.30
C ALA C 25 37.32 40.79 -27.35
N ALA C 26 36.83 40.49 -26.16
CA ALA C 26 36.61 41.49 -25.13
C ALA C 26 37.91 42.10 -24.62
N ILE C 27 38.90 41.27 -24.28
CA ILE C 27 40.16 41.83 -23.78
C ILE C 27 41.01 42.45 -24.92
N ARG C 28 40.72 42.11 -26.17
CA ARG C 28 41.47 42.70 -27.28
C ARG C 28 41.03 44.16 -27.41
N THR C 29 39.79 44.46 -27.06
CA THR C 29 39.32 45.83 -27.15
C THR C 29 39.79 46.62 -25.94
N LEU C 30 39.93 45.95 -24.80
CA LEU C 30 40.43 46.61 -23.60
C LEU C 30 41.85 47.07 -23.93
N LEU C 31 42.63 46.22 -24.59
CA LEU C 31 43.98 46.58 -24.97
C LEU C 31 43.98 47.79 -25.90
N GLU C 32 43.06 47.84 -26.87
CA GLU C 32 42.98 48.99 -27.76
C GLU C 32 42.56 50.19 -26.90
N PHE C 33 41.56 49.98 -26.05
CA PHE C 33 41.09 51.06 -25.19
C PHE C 33 42.23 51.52 -24.29
N LEU C 34 43.05 50.60 -23.84
CA LEU C 34 44.14 50.95 -22.96
C LEU C 34 45.09 51.85 -23.75
N LYS C 35 45.28 51.51 -25.01
CA LYS C 35 46.16 52.29 -25.87
C LYS C 35 45.50 53.62 -26.27
N ARG C 36 44.42 53.56 -27.04
CA ARG C 36 43.72 54.78 -27.47
C ARG C 36 43.35 55.68 -26.30
N ASP C 37 43.41 55.15 -25.09
CA ASP C 37 43.10 55.94 -23.90
C ASP C 37 44.41 56.51 -23.39
N LYS C 38 45.27 56.86 -24.33
CA LYS C 38 46.58 57.42 -24.03
C LYS C 38 46.44 58.79 -23.37
N GLY C 39 45.53 59.62 -23.89
CA GLY C 39 45.35 60.92 -23.31
C GLY C 39 44.65 60.92 -21.96
N GLU C 40 44.93 59.91 -21.13
CA GLU C 40 44.29 59.82 -19.82
C GLU C 40 45.04 60.56 -18.70
N THR C 41 44.30 60.89 -17.64
CA THR C 41 44.84 61.62 -16.50
C THR C 41 45.75 60.84 -15.55
N ILE C 42 45.17 60.07 -14.63
CA ILE C 42 45.97 59.32 -13.67
C ILE C 42 45.59 57.84 -13.60
N GLN C 43 46.17 57.14 -12.63
CA GLN C 43 45.92 55.72 -12.39
C GLN C 43 44.48 55.52 -11.96
N GLY C 44 44.09 56.22 -10.90
CA GLY C 44 42.74 56.14 -10.41
C GLY C 44 41.79 56.41 -11.55
N LEU C 45 41.82 57.65 -12.05
CA LEU C 45 40.95 58.04 -13.16
C LEU C 45 41.40 57.37 -14.45
N ARG C 46 41.25 56.04 -14.50
CA ARG C 46 41.63 55.24 -15.65
C ARG C 46 41.50 53.78 -15.26
N ALA C 47 41.83 53.49 -14.01
CA ALA C 47 41.73 52.13 -13.50
C ALA C 47 40.23 51.91 -13.33
N ASN C 48 39.50 53.01 -13.22
CA ASN C 48 38.05 52.96 -13.06
C ASN C 48 37.40 53.03 -14.44
N LEU C 49 38.02 53.82 -15.32
CA LEU C 49 37.52 53.98 -16.67
C LEU C 49 37.58 52.65 -17.41
N THR C 50 38.68 51.93 -17.25
CA THR C 50 38.85 50.63 -17.89
C THR C 50 37.93 49.62 -17.18
N SER C 51 37.45 49.99 -16.00
CA SER C 51 36.56 49.13 -15.25
C SER C 51 35.14 49.35 -15.78
N ALA C 52 34.77 50.61 -16.01
CA ALA C 52 33.44 50.94 -16.53
C ALA C 52 33.25 50.31 -17.90
N ILE C 53 34.34 50.17 -18.65
CA ILE C 53 34.30 49.59 -20.00
C ILE C 53 34.02 48.09 -19.93
N GLU C 54 34.29 47.50 -18.76
CA GLU C 54 34.05 46.07 -18.54
C GLU C 54 32.55 45.88 -18.54
N THR C 55 31.89 46.57 -17.61
CA THR C 55 30.45 46.48 -17.48
C THR C 55 29.82 46.75 -18.84
N LEU C 56 30.47 47.60 -19.64
CA LEU C 56 29.96 47.92 -20.97
C LEU C 56 29.96 46.66 -21.83
N CYS C 57 31.15 46.08 -22.06
CA CYS C 57 31.28 44.86 -22.87
C CYS C 57 30.37 43.77 -22.31
N GLY C 58 29.99 43.91 -21.05
CA GLY C 58 29.10 42.95 -20.43
C GLY C 58 27.84 42.81 -21.26
N VAL C 59 27.37 43.91 -21.87
CA VAL C 59 26.17 43.88 -22.73
C VAL C 59 26.42 42.98 -23.95
N ASP C 60 26.35 41.70 -23.65
CA ASP C 60 26.54 40.58 -24.57
C ASP C 60 25.99 39.49 -23.67
N SER C 61 25.75 39.89 -22.42
CA SER C 61 25.23 39.04 -21.36
C SER C 61 26.24 37.95 -21.05
N SER C 62 27.26 37.86 -21.89
CA SER C 62 28.33 36.87 -21.77
C SER C 62 29.10 36.93 -20.46
N VAL C 63 28.96 35.89 -19.64
CA VAL C 63 29.61 35.80 -18.35
C VAL C 63 31.14 35.82 -18.45
N ALA C 64 31.69 35.20 -19.48
CA ALA C 64 33.14 35.17 -19.65
C ALA C 64 33.72 36.58 -19.81
N VAL C 65 32.96 37.47 -20.46
CA VAL C 65 33.42 38.84 -20.64
C VAL C 65 33.73 39.36 -19.25
N SER C 66 32.86 39.03 -18.31
CA SER C 66 33.01 39.47 -16.94
C SER C 66 34.15 38.84 -16.15
N SER C 67 34.34 37.54 -16.28
CA SER C 67 35.42 36.90 -15.53
C SER C 67 36.78 37.12 -16.21
N GLY C 68 36.80 37.02 -17.53
CA GLY C 68 38.02 37.24 -18.27
C GLY C 68 38.46 38.66 -18.05
N GLY C 69 37.49 39.58 -18.06
CA GLY C 69 37.78 40.97 -17.84
C GLY C 69 38.42 41.21 -16.47
N GLU C 70 37.84 40.62 -15.42
CA GLU C 70 38.37 40.80 -14.07
C GLU C 70 39.77 40.21 -13.93
N LEU C 71 40.01 39.05 -14.53
CA LEU C 71 41.32 38.41 -14.46
C LEU C 71 42.34 39.28 -15.18
N PHE C 72 41.96 39.74 -16.38
CA PHE C 72 42.80 40.59 -17.20
C PHE C 72 43.16 41.87 -16.44
N LEU C 73 42.17 42.41 -15.74
CA LEU C 73 42.33 43.65 -14.98
C LEU C 73 43.30 43.48 -13.81
N ARG C 74 43.11 42.43 -13.04
CA ARG C 74 43.95 42.23 -11.88
C ARG C 74 45.38 41.90 -12.30
N PHE C 75 45.52 41.09 -13.32
CA PHE C 75 46.84 40.72 -13.81
C PHE C 75 47.56 41.96 -14.33
N ILE C 76 46.80 42.79 -15.03
CA ILE C 76 47.30 44.01 -15.64
C ILE C 76 47.78 45.03 -14.61
N SER C 77 46.97 45.31 -13.61
CA SER C 77 47.35 46.30 -12.62
C SER C 77 48.55 45.92 -11.76
N LEU C 78 49.55 46.80 -11.77
CA LEU C 78 50.77 46.64 -11.00
C LEU C 78 51.40 48.00 -10.81
N ALA C 79 50.70 48.84 -10.05
CA ALA C 79 51.19 50.17 -9.74
C ALA C 79 52.36 49.96 -8.78
N SER C 80 52.97 48.78 -8.89
CA SER C 80 54.10 48.41 -8.04
C SER C 80 55.43 48.52 -8.79
N LEU C 81 55.40 49.18 -9.94
CA LEU C 81 56.62 49.38 -10.72
C LEU C 81 56.72 50.84 -11.17
N GLU C 82 56.96 51.73 -10.19
CA GLU C 82 57.09 53.17 -10.40
C GLU C 82 58.54 53.61 -10.13
N TYR C 86 49.22 60.44 -13.42
CA TYR C 86 49.99 59.21 -13.23
C TYR C 86 51.38 59.27 -13.83
N SER C 87 51.79 58.12 -14.39
CA SER C 87 53.08 57.97 -15.05
C SER C 87 52.79 57.20 -16.33
N LYS C 88 53.36 57.65 -17.44
CA LYS C 88 53.15 56.96 -18.70
C LYS C 88 53.80 55.59 -18.62
N CYS C 89 54.82 55.48 -17.78
CA CYS C 89 55.53 54.22 -17.64
C CYS C 89 54.68 53.12 -17.03
N LYS C 90 53.73 53.47 -16.17
CA LYS C 90 52.90 52.45 -15.58
C LYS C 90 52.16 51.66 -16.64
N LYS C 91 52.16 52.18 -17.86
CA LYS C 91 51.55 51.46 -18.97
C LYS C 91 52.52 50.35 -19.39
N ILE C 92 52.79 49.49 -18.42
CA ILE C 92 53.60 48.29 -18.50
C ILE C 92 52.40 47.33 -18.49
N ILE C 94 50.08 47.49 -20.57
CA ILE C 94 49.86 47.08 -21.95
C ILE C 94 50.71 45.86 -22.30
N GLU C 95 51.98 45.87 -21.92
CA GLU C 95 52.84 44.73 -22.21
C GLU C 95 52.37 43.52 -21.41
N ARG C 96 51.95 43.76 -20.17
CA ARG C 96 51.44 42.66 -19.33
C ARG C 96 50.11 42.20 -19.92
N GLY C 97 49.30 43.16 -20.37
CA GLY C 97 48.04 42.84 -20.98
C GLY C 97 48.24 41.97 -22.21
N GLU C 98 49.33 42.18 -22.93
CA GLU C 98 49.61 41.39 -24.12
C GLU C 98 50.13 40.00 -23.75
N LEU C 99 50.89 39.91 -22.65
CA LEU C 99 51.40 38.64 -22.17
C LEU C 99 50.19 37.78 -21.82
N PHE C 100 49.21 38.43 -21.23
CA PHE C 100 47.98 37.78 -20.82
C PHE C 100 47.22 37.22 -22.02
N LEU C 101 47.01 38.03 -23.04
CA LEU C 101 46.26 37.57 -24.20
C LEU C 101 46.98 36.41 -24.88
N ARG C 102 48.30 36.54 -24.97
CA ARG C 102 49.11 35.49 -25.58
C ARG C 102 48.97 34.18 -24.79
N ARG C 103 48.90 34.28 -23.46
CA ARG C 103 48.78 33.08 -22.64
C ARG C 103 47.38 32.44 -22.79
N ILE C 104 46.32 33.27 -22.82
CA ILE C 104 44.99 32.70 -22.95
C ILE C 104 44.66 32.29 -24.40
N SER C 105 45.67 32.29 -25.27
CA SER C 105 45.49 31.87 -26.66
C SER C 105 45.93 30.41 -26.81
N LEU C 106 46.51 29.87 -25.74
CA LEU C 106 46.97 28.49 -25.71
C LEU C 106 45.95 27.55 -25.02
N SER C 107 45.03 28.15 -24.27
CA SER C 107 43.99 27.40 -23.55
C SER C 107 43.23 26.39 -24.37
N ARG C 108 42.60 26.85 -25.44
CA ARG C 108 41.83 25.96 -26.28
C ARG C 108 42.58 24.72 -26.72
N ASN C 109 43.77 24.90 -27.32
CA ASN C 109 44.51 23.73 -27.78
C ASN C 109 45.06 22.95 -26.60
N LYS C 110 45.30 23.61 -25.48
CA LYS C 110 45.79 22.90 -24.30
C LYS C 110 44.69 21.99 -23.76
N ILE C 111 43.44 22.32 -24.07
CA ILE C 111 42.30 21.54 -23.62
C ILE C 111 42.03 20.30 -24.47
N ALA C 112 42.22 20.42 -25.79
CA ALA C 112 42.01 19.28 -26.68
C ALA C 112 43.02 18.19 -26.35
N ASP C 113 44.18 18.60 -25.86
CA ASP C 113 45.25 17.67 -25.52
C ASP C 113 44.82 16.79 -24.35
N LEU C 114 44.27 17.41 -23.32
CA LEU C 114 43.82 16.69 -22.14
C LEU C 114 42.55 15.86 -22.38
N CYS C 115 42.04 15.92 -23.60
CA CYS C 115 40.79 15.23 -23.94
C CYS C 115 40.80 13.97 -24.81
N HIS C 116 41.79 13.80 -25.67
CA HIS C 116 41.78 12.64 -26.57
C HIS C 116 41.56 11.30 -25.89
N THR C 117 42.21 11.07 -24.75
CA THR C 117 42.05 9.80 -24.05
C THR C 117 40.59 9.47 -23.79
N PHE C 118 39.78 10.50 -23.57
CA PHE C 118 38.37 10.26 -23.28
C PHE C 118 37.45 10.04 -24.47
N ILE C 119 37.91 10.34 -25.67
CA ILE C 119 37.11 10.10 -26.86
C ILE C 119 37.58 8.80 -27.52
N LYS C 120 36.90 7.71 -27.20
CA LYS C 120 37.26 6.41 -27.73
C LYS C 120 36.68 6.18 -29.12
N ASP C 121 37.45 5.51 -29.96
CA ASP C 121 37.03 5.17 -31.32
C ASP C 121 35.72 4.37 -31.13
N GLY C 122 34.74 4.60 -31.99
CA GLY C 122 33.47 3.89 -31.87
C GLY C 122 32.45 4.51 -30.93
N ALA C 123 32.82 5.60 -30.26
CA ALA C 123 31.93 6.27 -29.33
C ALA C 123 30.83 7.06 -30.02
N THR C 124 29.75 7.30 -29.28
CA THR C 124 28.62 8.11 -29.76
C THR C 124 28.52 9.24 -28.76
N ILE C 125 28.92 10.43 -29.21
CA ILE C 125 28.93 11.61 -28.36
C ILE C 125 27.67 12.46 -28.52
N LEU C 126 27.13 12.91 -27.40
CA LEU C 126 25.93 13.73 -27.42
C LEU C 126 26.37 15.09 -26.90
N THR C 127 26.10 16.14 -27.68
CA THR C 127 26.48 17.49 -27.24
C THR C 127 25.28 18.43 -27.41
N HIS C 128 25.43 19.67 -26.92
CA HIS C 128 24.35 20.66 -26.94
C HIS C 128 24.77 22.00 -27.53
N ALA C 129 23.94 22.55 -28.40
CA ALA C 129 24.21 23.84 -29.02
C ALA C 129 25.58 23.92 -29.64
N TYR C 130 26.08 25.14 -29.82
CA TYR C 130 27.38 25.34 -30.45
C TYR C 130 28.46 25.62 -29.41
N SER C 131 29.65 25.10 -29.65
CA SER C 131 30.77 25.34 -28.74
C SER C 131 32.07 25.25 -29.50
N ARG C 132 32.84 26.34 -29.45
CA ARG C 132 34.12 26.40 -30.14
C ARG C 132 35.13 25.41 -29.55
N VAL C 133 35.14 25.31 -28.23
CA VAL C 133 36.06 24.39 -27.56
C VAL C 133 35.67 22.94 -27.83
N VAL C 134 34.37 22.66 -27.87
CA VAL C 134 33.91 21.30 -28.13
C VAL C 134 34.31 20.94 -29.55
N LEU C 135 34.00 21.83 -30.49
CA LEU C 135 34.34 21.63 -31.90
C LEU C 135 35.84 21.29 -32.10
N ARG C 136 36.72 22.01 -31.39
CA ARG C 136 38.16 21.78 -31.48
C ARG C 136 38.53 20.40 -30.93
N VAL C 137 37.98 20.05 -29.78
CA VAL C 137 38.27 18.76 -29.18
C VAL C 137 37.89 17.61 -30.13
N LEU C 138 36.80 17.76 -30.87
CA LEU C 138 36.39 16.71 -31.81
C LEU C 138 37.24 16.75 -33.08
N GLU C 139 37.72 17.93 -33.44
CA GLU C 139 38.59 18.06 -34.61
C GLU C 139 39.85 17.27 -34.26
N ALA C 140 40.33 17.51 -33.04
CA ALA C 140 41.53 16.85 -32.54
C ALA C 140 41.33 15.34 -32.46
N ALA C 141 40.08 14.90 -32.49
CA ALA C 141 39.77 13.47 -32.43
C ALA C 141 39.77 12.88 -33.84
N VAL C 142 39.22 13.60 -34.81
CA VAL C 142 39.20 13.08 -36.17
C VAL C 142 40.63 12.99 -36.71
N ALA C 143 41.41 14.03 -36.47
CA ALA C 143 42.80 14.09 -36.92
C ALA C 143 43.63 12.95 -36.32
N ALA C 144 43.15 12.40 -35.21
CA ALA C 144 43.83 11.29 -34.57
C ALA C 144 43.28 10.01 -35.21
N LYS C 145 42.59 10.20 -36.34
CA LYS C 145 42.01 9.10 -37.10
C LYS C 145 40.89 8.36 -36.36
N LYS C 146 40.53 8.83 -35.16
CA LYS C 146 39.46 8.19 -34.39
C LYS C 146 38.12 8.26 -35.15
N ARG C 147 37.29 7.24 -34.98
CA ARG C 147 35.98 7.21 -35.62
C ARG C 147 34.92 7.25 -34.55
N PHE C 148 34.01 8.24 -34.66
CA PHE C 148 32.91 8.41 -33.72
C PHE C 148 31.78 9.14 -34.42
N SER C 149 30.59 9.14 -33.82
CA SER C 149 29.45 9.83 -34.40
C SER C 149 28.86 10.72 -33.32
N VAL C 150 28.16 11.78 -33.74
CA VAL C 150 27.60 12.76 -32.81
C VAL C 150 26.09 13.06 -32.89
N TYR C 151 25.55 13.45 -31.74
CA TYR C 151 24.16 13.85 -31.60
C TYR C 151 24.19 15.24 -31.00
N VAL C 152 23.48 16.16 -31.62
CA VAL C 152 23.43 17.52 -31.13
C VAL C 152 22.01 18.08 -31.21
N THR C 153 21.58 18.72 -30.12
CA THR C 153 20.27 19.36 -30.03
C THR C 153 20.33 20.58 -30.95
N GLU C 154 19.22 20.91 -31.61
CA GLU C 154 19.24 22.07 -32.50
C GLU C 154 19.43 23.36 -31.70
N SER C 155 19.04 23.32 -30.43
CA SER C 155 19.21 24.43 -29.51
C SER C 155 18.47 25.76 -29.76
N GLN C 156 17.14 25.76 -29.52
CA GLN C 156 16.33 26.96 -29.66
C GLN C 156 16.93 28.01 -28.73
N PRO C 157 16.72 29.31 -29.03
CA PRO C 157 15.97 29.83 -30.18
C PRO C 157 16.82 30.16 -31.43
N ASP C 158 18.12 30.29 -31.25
CA ASP C 158 19.01 30.64 -32.36
C ASP C 158 19.47 29.46 -33.24
N LEU C 159 19.12 28.23 -32.86
CA LEU C 159 19.51 27.03 -33.61
C LEU C 159 21.02 26.86 -33.80
N SER C 160 21.80 27.27 -32.80
CA SER C 160 23.26 27.16 -32.87
C SER C 160 23.72 25.71 -32.97
N GLY C 161 22.85 24.78 -32.53
CA GLY C 161 23.18 23.37 -32.62
C GLY C 161 23.24 22.96 -34.08
N LYS C 162 22.33 23.52 -34.88
CA LYS C 162 22.31 23.22 -36.30
C LYS C 162 23.58 23.74 -36.99
N LYS C 163 24.15 24.82 -36.45
CA LYS C 163 25.35 25.36 -37.05
C LYS C 163 26.50 24.44 -36.69
N ALA C 165 26.23 21.28 -36.20
CA ALA C 165 26.03 20.13 -37.07
C ALA C 165 26.74 20.31 -38.42
N LYS C 166 26.51 21.44 -39.09
CA LYS C 166 27.14 21.71 -40.40
C LYS C 166 28.66 21.68 -40.34
N ALA C 167 29.23 22.17 -39.24
CA ALA C 167 30.66 22.18 -39.08
C ALA C 167 31.26 20.79 -38.82
N LEU C 168 30.56 19.96 -38.06
CA LEU C 168 31.07 18.62 -37.82
C LEU C 168 30.84 17.84 -39.13
N CYS C 169 29.79 18.23 -39.84
CA CYS C 169 29.48 17.59 -41.10
C CYS C 169 30.61 17.84 -42.10
N HIS C 170 31.21 19.02 -42.01
CA HIS C 170 32.32 19.39 -42.89
C HIS C 170 33.62 18.68 -42.51
N LEU C 171 33.65 18.07 -41.34
CA LEU C 171 34.81 17.30 -40.88
C LEU C 171 34.38 15.87 -41.16
N ASN C 172 33.23 15.76 -41.85
CA ASN C 172 32.55 14.50 -42.12
C ASN C 172 32.66 13.53 -40.96
N VAL C 173 32.06 13.98 -39.87
CA VAL C 173 31.90 13.24 -38.63
C VAL C 173 30.39 12.95 -38.73
N PRO C 174 29.98 11.68 -38.69
CA PRO C 174 28.54 11.40 -38.77
C PRO C 174 27.80 12.14 -37.65
N VAL C 175 26.90 13.05 -38.00
CA VAL C 175 26.15 13.79 -36.97
C VAL C 175 24.68 13.92 -37.23
N THR C 176 23.87 13.66 -36.20
CA THR C 176 22.42 13.78 -36.31
C THR C 176 21.97 14.91 -35.40
N VAL C 177 21.03 15.71 -35.86
CA VAL C 177 20.49 16.79 -35.06
C VAL C 177 19.16 16.30 -34.45
N VAL C 178 18.88 16.72 -33.22
CA VAL C 178 17.64 16.30 -32.56
C VAL C 178 16.97 17.49 -31.88
N LEU C 179 15.68 17.38 -31.57
CA LEU C 179 14.97 18.48 -30.90
C LEU C 179 15.45 18.61 -29.46
N ASP C 180 15.30 19.81 -28.90
CA ASP C 180 15.72 20.02 -27.52
C ASP C 180 14.87 19.13 -26.61
N ALA C 181 13.69 18.77 -27.09
CA ALA C 181 12.77 17.93 -26.33
C ALA C 181 13.13 16.44 -26.44
N ALA C 182 14.11 16.12 -27.28
CA ALA C 182 14.50 14.73 -27.51
C ALA C 182 15.79 14.24 -26.86
N VAL C 183 16.29 14.99 -25.88
CA VAL C 183 17.50 14.64 -25.17
C VAL C 183 17.30 13.41 -24.27
N GLY C 184 16.19 13.37 -23.53
CA GLY C 184 15.93 12.24 -22.67
C GLY C 184 15.62 11.00 -23.48
N TYR C 185 15.12 11.23 -24.68
CA TYR C 185 14.78 10.17 -25.58
C TYR C 185 16.02 9.53 -26.24
N ILE C 186 16.95 10.39 -26.64
CA ILE C 186 18.15 9.95 -27.35
C ILE C 186 19.29 9.53 -26.43
N GLU C 188 19.87 7.16 -24.29
CA GLU C 188 20.26 5.76 -24.26
C GLU C 188 21.25 5.34 -25.37
N LYS C 189 21.25 6.06 -26.48
CA LYS C 189 22.13 5.75 -27.59
C LYS C 189 23.52 6.36 -27.45
N ALA C 190 23.68 7.26 -26.49
CA ALA C 190 24.95 7.93 -26.28
C ALA C 190 25.87 7.24 -25.26
N ASP C 191 27.16 7.47 -25.41
CA ASP C 191 28.12 6.88 -24.48
C ASP C 191 28.53 7.93 -23.48
N LEU C 192 28.60 9.17 -23.94
CA LEU C 192 28.96 10.25 -23.06
C LEU C 192 28.51 11.54 -23.68
N VAL C 193 28.37 12.58 -22.86
CA VAL C 193 28.00 13.85 -23.40
C VAL C 193 29.09 14.83 -23.04
N ILE C 194 29.32 15.76 -23.96
CA ILE C 194 30.34 16.78 -23.85
C ILE C 194 29.78 18.18 -24.16
N VAL C 195 30.01 19.11 -23.25
CA VAL C 195 29.54 20.45 -23.48
C VAL C 195 30.63 21.43 -23.08
N GLY C 196 30.47 22.67 -23.53
CA GLY C 196 31.40 23.73 -23.18
C GLY C 196 30.72 24.51 -22.08
N ALA C 197 31.24 25.69 -21.72
CA ALA C 197 30.64 26.50 -20.67
C ALA C 197 30.78 27.99 -20.90
N GLU C 198 29.78 28.75 -20.46
CA GLU C 198 29.82 30.20 -20.57
C GLU C 198 30.69 30.59 -19.38
N GLY C 199 30.45 29.91 -18.27
CA GLY C 199 31.20 30.19 -17.06
C GLY C 199 31.21 29.04 -16.09
N VAL C 200 32.33 28.88 -15.40
CA VAL C 200 32.51 27.87 -14.38
C VAL C 200 32.50 28.60 -13.04
N VAL C 201 31.50 28.24 -12.24
CA VAL C 201 31.24 28.84 -10.94
C VAL C 201 32.05 28.24 -9.79
N GLU C 202 32.09 28.93 -8.66
CA GLU C 202 32.91 28.52 -7.52
C GLU C 202 32.71 27.15 -6.87
N ASN C 203 31.63 26.44 -7.19
CA ASN C 203 31.44 25.09 -6.61
C ASN C 203 31.76 24.03 -7.68
N GLY C 204 32.26 24.48 -8.83
CA GLY C 204 32.58 23.55 -9.89
C GLY C 204 31.42 23.33 -10.84
N GLY C 205 30.32 24.04 -10.61
CA GLY C 205 29.16 23.91 -11.49
C GLY C 205 29.36 24.83 -12.68
N ILE C 206 28.48 24.77 -13.68
CA ILE C 206 28.66 25.67 -14.82
C ILE C 206 27.39 26.41 -15.24
N ILE C 207 27.62 27.54 -15.91
CA ILE C 207 26.53 28.34 -16.47
C ILE C 207 26.72 28.06 -17.96
N ASN C 208 25.63 27.74 -18.64
CA ASN C 208 25.72 27.42 -20.05
C ASN C 208 24.41 27.64 -20.75
N LYS C 209 24.44 27.53 -22.07
CA LYS C 209 23.27 27.70 -22.90
C LYS C 209 22.07 26.96 -22.28
N ILE C 210 20.93 27.65 -22.16
CA ILE C 210 19.72 27.05 -21.61
C ILE C 210 19.51 25.69 -22.28
N GLY C 211 19.18 24.68 -21.49
CA GLY C 211 19.00 23.35 -22.03
C GLY C 211 20.08 22.43 -21.50
N THR C 212 21.22 23.02 -21.14
CA THR C 212 22.36 22.27 -20.62
C THR C 212 22.07 21.56 -19.31
N ASN C 213 21.25 22.18 -18.47
CA ASN C 213 20.92 21.60 -17.19
C ASN C 213 20.15 20.28 -17.31
N GLN C 214 19.06 20.28 -18.07
CA GLN C 214 18.26 19.07 -18.22
C GLN C 214 19.04 17.98 -18.91
N ALA C 216 22.10 17.39 -18.37
CA ALA C 216 22.92 16.86 -17.29
C ALA C 216 22.14 15.89 -16.40
N VAL C 217 20.94 16.31 -16.02
CA VAL C 217 20.06 15.51 -15.18
C VAL C 217 19.72 14.20 -15.92
N CYS C 218 19.53 14.27 -17.22
CA CYS C 218 19.19 13.08 -18.02
C CYS C 218 20.34 12.12 -18.14
N ALA C 219 21.56 12.64 -18.23
CA ALA C 219 22.74 11.83 -18.35
C ALA C 219 23.06 11.19 -16.98
N LYS C 220 22.81 11.93 -15.91
CA LYS C 220 23.08 11.38 -14.59
C LYS C 220 22.17 10.16 -14.40
N ALA C 221 20.87 10.34 -14.66
CA ALA C 221 19.89 9.27 -14.53
C ALA C 221 20.25 8.05 -15.36
N GLN C 222 20.93 8.21 -16.49
CA GLN C 222 21.30 7.02 -17.25
C GLN C 222 22.76 6.62 -17.02
N ASN C 223 23.35 7.22 -15.99
CA ASN C 223 24.73 6.95 -15.62
C ASN C 223 25.72 7.16 -16.76
N LYS C 224 25.53 8.26 -17.49
CA LYS C 224 26.41 8.59 -18.58
C LYS C 224 27.32 9.70 -18.10
N PRO C 225 28.64 9.55 -18.33
CA PRO C 225 29.56 10.60 -17.88
C PRO C 225 29.26 11.91 -18.60
N PHE C 226 29.31 12.99 -17.82
CA PHE C 226 29.05 14.35 -18.30
C PHE C 226 30.37 15.14 -18.25
N TYR C 227 30.91 15.48 -19.42
CA TYR C 227 32.16 16.22 -19.49
C TYR C 227 31.95 17.64 -19.93
N VAL C 228 32.80 18.51 -19.39
CA VAL C 228 32.80 19.92 -19.68
C VAL C 228 34.19 20.38 -20.11
N VAL C 229 34.28 20.97 -21.30
CA VAL C 229 35.54 21.50 -21.76
C VAL C 229 35.38 23.01 -21.71
N ALA C 230 36.29 23.70 -21.02
CA ALA C 230 36.19 25.13 -20.89
C ALA C 230 37.49 25.82 -20.41
N GLU C 231 37.79 26.98 -20.97
CA GLU C 231 38.99 27.73 -20.61
C GLU C 231 38.93 28.27 -19.17
N SER C 232 40.09 28.44 -18.55
CA SER C 232 40.15 28.94 -17.18
C SER C 232 39.73 30.41 -17.04
N PHE C 233 39.67 31.15 -18.14
CA PHE C 233 39.25 32.54 -18.01
C PHE C 233 37.71 32.62 -17.85
N LYS C 234 37.06 31.45 -17.78
CA LYS C 234 35.63 31.41 -17.59
C LYS C 234 35.34 31.14 -16.12
N PHE C 235 36.39 30.98 -15.32
CA PHE C 235 36.21 30.76 -13.89
C PHE C 235 35.72 32.11 -13.35
N VAL C 236 34.47 32.18 -12.95
CA VAL C 236 33.90 33.43 -12.45
C VAL C 236 33.57 33.42 -10.95
N ARG C 237 33.61 34.60 -10.32
CA ARG C 237 33.31 34.74 -8.90
C ARG C 237 31.81 34.80 -8.71
N LEU C 238 31.17 33.64 -8.62
CA LEU C 238 29.73 33.52 -8.40
C LEU C 238 29.51 32.16 -7.75
N PHE C 239 28.59 32.08 -6.79
CA PHE C 239 28.33 30.82 -6.14
C PHE C 239 26.84 30.48 -6.14
N PRO C 240 26.27 30.28 -7.33
CA PRO C 240 24.85 29.96 -7.30
C PRO C 240 24.61 28.51 -6.86
N LEU C 241 23.52 28.30 -6.13
CA LEU C 241 23.12 26.99 -5.65
C LEU C 241 21.86 26.52 -6.39
N ASN C 242 21.20 27.43 -7.08
CA ASN C 242 19.97 27.12 -7.81
C ASN C 242 19.85 28.13 -8.95
N GLN C 243 18.83 28.00 -9.79
CA GLN C 243 18.68 28.91 -10.91
C GLN C 243 18.44 30.35 -10.47
N GLN C 244 17.58 30.53 -9.48
CA GLN C 244 17.30 31.87 -8.96
C GLN C 244 18.56 32.66 -8.69
N ASP C 245 19.65 31.98 -8.36
CA ASP C 245 20.89 32.68 -8.04
C ASP C 245 21.67 33.25 -9.20
N VAL C 246 21.46 32.79 -10.43
CA VAL C 246 22.19 33.35 -11.56
C VAL C 246 21.69 34.79 -11.78
N PRO C 247 22.62 35.78 -11.85
CA PRO C 247 22.24 37.18 -12.06
C PRO C 247 21.52 37.41 -13.37
N ASP C 248 20.49 38.24 -13.32
CA ASP C 248 19.72 38.53 -14.51
C ASP C 248 20.60 39.06 -15.63
N LYS C 249 21.63 39.83 -15.29
CA LYS C 249 22.54 40.38 -16.29
C LYS C 249 23.14 39.30 -17.19
N PHE C 250 23.27 38.09 -16.65
CA PHE C 250 23.83 36.97 -17.41
C PHE C 250 22.79 36.10 -18.15
N LYS C 251 21.56 36.04 -17.65
CA LYS C 251 20.56 35.21 -18.34
C LYS C 251 19.59 35.87 -19.32
N TYR C 252 19.55 37.19 -19.38
CA TYR C 252 18.65 37.84 -20.34
C TYR C 252 19.39 38.74 -21.33
N LYS C 253 19.04 38.58 -22.61
CA LYS C 253 19.66 39.32 -23.71
C LYS C 253 21.03 38.73 -24.03
N GLN C 264 -5.18 34.60 -16.14
CA GLN C 264 -4.57 35.87 -16.43
C GLN C 264 -3.64 35.75 -17.64
N ASP C 265 -3.21 36.90 -18.15
CA ASP C 265 -2.36 36.98 -19.33
C ASP C 265 -1.32 35.86 -19.55
N LEU C 266 -0.96 35.71 -20.82
CA LEU C 266 0.01 34.74 -21.28
C LEU C 266 1.40 35.36 -21.21
N LYS C 267 2.17 34.98 -20.19
CA LYS C 267 3.51 35.49 -20.02
C LYS C 267 4.52 34.60 -20.77
N GLU C 268 5.78 35.02 -20.80
CA GLU C 268 6.80 34.25 -21.49
C GLU C 268 8.15 34.49 -20.81
N GLU C 269 8.87 33.41 -20.52
CA GLU C 269 10.17 33.53 -19.88
C GLU C 269 11.26 32.95 -20.80
N HIS C 270 12.31 33.72 -21.04
CA HIS C 270 13.39 33.26 -21.92
C HIS C 270 14.80 33.43 -21.40
N PRO C 271 15.24 32.56 -20.51
CA PRO C 271 16.61 32.73 -20.04
C PRO C 271 17.52 32.10 -21.10
N TRP C 272 18.66 32.73 -21.39
CA TRP C 272 19.60 32.22 -22.39
C TRP C 272 20.57 31.18 -21.84
N VAL C 273 20.70 31.12 -20.51
CA VAL C 273 21.59 30.16 -19.87
C VAL C 273 20.89 29.58 -18.65
N ASP C 274 21.41 28.46 -18.16
CA ASP C 274 20.89 27.82 -16.94
C ASP C 274 22.12 27.36 -16.14
N TYR C 275 21.94 26.95 -14.90
CA TYR C 275 23.07 26.51 -14.09
C TYR C 275 23.06 25.00 -13.94
N THR C 276 24.23 24.40 -13.98
CA THR C 276 24.37 22.95 -13.83
C THR C 276 25.21 22.69 -12.61
N ALA C 277 24.59 22.11 -11.58
CA ALA C 277 25.26 21.81 -10.32
C ALA C 277 26.45 20.87 -10.48
N PRO C 278 27.43 21.00 -9.57
CA PRO C 278 28.63 20.16 -9.58
C PRO C 278 28.33 18.67 -9.50
N SER C 279 27.26 18.33 -8.80
CA SER C 279 26.86 16.93 -8.66
C SER C 279 26.47 16.29 -9.99
N LEU C 280 26.22 17.12 -11.00
CA LEU C 280 25.86 16.62 -12.32
C LEU C 280 27.04 16.57 -13.30
N ILE C 281 28.23 17.01 -12.86
CA ILE C 281 29.41 17.00 -13.71
C ILE C 281 30.44 15.97 -13.28
N THR C 282 30.91 15.18 -14.26
CA THR C 282 31.91 14.14 -14.00
C THR C 282 33.31 14.75 -13.93
N LEU C 283 33.69 15.45 -14.99
CA LEU C 283 34.99 16.09 -15.04
C LEU C 283 34.95 17.34 -15.87
N LEU C 284 35.79 18.30 -15.49
CA LEU C 284 35.92 19.54 -16.25
C LEU C 284 37.33 19.52 -16.85
N PHE C 285 37.42 19.67 -18.15
CA PHE C 285 38.72 19.70 -18.81
C PHE C 285 39.09 21.15 -19.07
N THR C 286 40.02 21.67 -18.28
CA THR C 286 40.46 23.05 -18.41
C THR C 286 41.94 23.08 -18.76
N ASP C 287 42.45 24.29 -19.08
CA ASP C 287 43.86 24.45 -19.40
C ASP C 287 44.71 24.34 -18.12
N LEU C 288 44.03 24.38 -16.97
CA LEU C 288 44.70 24.22 -15.67
C LEU C 288 44.80 22.73 -15.35
N GLY C 289 44.15 21.90 -16.17
CA GLY C 289 44.16 20.46 -15.95
C GLY C 289 42.77 19.83 -15.85
N VAL C 290 42.72 18.51 -15.72
CA VAL C 290 41.45 17.82 -15.60
C VAL C 290 41.05 17.92 -14.14
N LEU C 291 39.80 18.27 -13.88
CA LEU C 291 39.35 18.45 -12.50
C LEU C 291 37.97 17.85 -12.20
N THR C 292 37.77 17.42 -10.97
CA THR C 292 36.46 16.92 -10.57
C THR C 292 35.83 18.24 -10.13
N PRO C 293 34.50 18.37 -10.22
CA PRO C 293 33.88 19.62 -9.80
C PRO C 293 34.35 20.18 -8.45
N SER C 294 34.64 19.30 -7.48
CA SER C 294 35.04 19.74 -6.14
C SER C 294 36.46 20.30 -6.04
N ALA C 295 37.27 20.09 -7.08
CA ALA C 295 38.62 20.61 -7.09
C ALA C 295 38.63 22.04 -7.66
N VAL C 296 37.56 22.42 -8.33
CA VAL C 296 37.48 23.75 -8.93
C VAL C 296 37.61 24.91 -7.93
N SER C 297 36.80 24.92 -6.88
CA SER C 297 36.86 25.96 -5.87
C SER C 297 38.28 26.45 -5.50
N ASP C 298 39.14 25.49 -5.15
CA ASP C 298 40.51 25.80 -4.74
C ASP C 298 41.38 26.30 -5.88
N GLU C 299 41.17 25.74 -7.07
CA GLU C 299 41.90 26.13 -8.26
C GLU C 299 41.56 27.55 -8.66
N LEU C 300 40.29 27.88 -8.50
CA LEU C 300 39.79 29.20 -8.83
C LEU C 300 40.47 30.28 -8.02
N ILE C 301 40.65 30.07 -6.71
CA ILE C 301 41.29 31.08 -5.88
C ILE C 301 42.78 31.18 -6.25
N LYS C 302 43.43 30.04 -6.49
CA LYS C 302 44.83 30.08 -6.89
C LYS C 302 44.88 30.88 -8.19
N LEU C 303 43.83 30.73 -8.99
CA LEU C 303 43.72 31.44 -10.26
C LEU C 303 43.60 32.95 -10.03
N TYR C 304 42.84 33.35 -9.01
CA TYR C 304 42.67 34.76 -8.69
C TYR C 304 43.76 35.20 -7.69
N LEU C 305 44.99 34.87 -8.03
CA LEU C 305 46.18 35.23 -7.24
C LEU C 305 47.33 35.45 -8.22
N ALA C 306 47.76 36.72 -8.31
CA ALA C 306 48.82 37.11 -9.21
C ALA C 306 50.11 37.52 -8.47
N ALA C 307 51.25 37.17 -9.07
CA ALA C 307 52.60 37.45 -8.56
C ALA C 307 52.64 38.31 -7.30
N ASP D 2 4.45 -11.42 49.18
CA ASP D 2 4.38 -9.98 49.43
C ASP D 2 5.44 -9.25 48.62
N ASP D 3 5.25 -7.94 48.45
CA ASP D 3 6.15 -7.11 47.66
C ASP D 3 7.63 -7.50 47.64
N LYS D 4 8.25 -7.62 48.81
CA LYS D 4 9.66 -8.00 48.87
C LYS D 4 9.85 -9.29 48.08
N GLU D 5 8.95 -10.25 48.29
CA GLU D 5 9.01 -11.53 47.58
C GLU D 5 8.93 -11.34 46.07
N LEU D 6 7.92 -10.62 45.61
CA LEU D 6 7.76 -10.34 44.19
C LEU D 6 9.08 -9.85 43.60
N ILE D 7 9.53 -8.69 44.07
CA ILE D 7 10.76 -8.07 43.59
C ILE D 7 11.95 -9.03 43.50
N GLU D 8 12.15 -9.81 44.55
CA GLU D 8 13.26 -10.76 44.58
C GLU D 8 13.04 -11.86 43.56
N TYR D 9 11.78 -12.28 43.42
CA TYR D 9 11.47 -13.32 42.47
C TYR D 9 11.69 -12.76 41.07
N PHE D 10 11.27 -11.52 40.87
CA PHE D 10 11.41 -10.85 39.59
C PHE D 10 12.89 -10.64 39.22
N LYS D 11 13.69 -10.20 40.17
CA LYS D 11 15.12 -9.98 39.88
C LYS D 11 15.86 -11.30 39.70
N SER D 12 15.38 -12.34 40.38
CA SER D 12 15.98 -13.66 40.27
C SER D 12 15.80 -14.11 38.83
N GLN D 13 14.56 -14.05 38.36
CA GLN D 13 14.23 -14.43 37.01
C GLN D 13 15.21 -13.78 36.04
N LYS D 15 18.28 -12.57 36.80
CA LYS D 15 19.64 -12.99 37.04
C LYS D 15 19.77 -14.42 36.52
N GLU D 16 18.70 -15.21 36.70
CA GLU D 16 18.63 -16.61 36.24
C GLU D 16 18.99 -16.65 34.76
N ASP D 17 18.34 -15.79 33.98
CA ASP D 17 18.56 -15.70 32.54
C ASP D 17 18.55 -14.24 32.08
N PRO D 18 19.75 -13.67 31.87
CA PRO D 18 19.93 -12.27 31.43
C PRO D 18 19.43 -11.98 30.00
N ASP D 19 19.21 -13.02 29.20
CA ASP D 19 18.72 -12.81 27.85
C ASP D 19 17.20 -12.73 27.82
N ALA D 21 13.65 -11.21 28.20
CA ALA D 21 13.08 -9.88 28.13
C ALA D 21 12.61 -9.49 29.53
N SER D 22 12.79 -8.21 29.87
CA SER D 22 12.38 -7.72 31.17
C SER D 22 10.89 -7.95 31.42
N ALA D 23 10.11 -7.83 30.36
CA ALA D 23 8.67 -8.02 30.46
C ALA D 23 8.35 -9.49 30.69
N VAL D 24 9.11 -10.37 30.04
CA VAL D 24 8.90 -11.81 30.18
C VAL D 24 9.22 -12.22 31.61
N ALA D 25 10.30 -11.68 32.14
CA ALA D 25 10.65 -11.97 33.51
C ALA D 25 9.46 -11.55 34.36
N ALA D 26 8.90 -10.38 34.08
CA ALA D 26 7.76 -9.86 34.83
C ALA D 26 6.47 -10.67 34.76
N ILE D 27 6.04 -11.09 33.58
CA ILE D 27 4.79 -11.83 33.59
C ILE D 27 5.04 -13.16 34.29
N ARG D 28 6.25 -13.69 34.19
CA ARG D 28 6.54 -14.94 34.88
C ARG D 28 6.31 -14.83 36.38
N THR D 29 6.79 -13.75 37.00
CA THR D 29 6.62 -13.61 38.43
C THR D 29 5.17 -13.24 38.78
N LEU D 30 4.42 -12.73 37.80
CA LEU D 30 3.02 -12.40 38.02
C LEU D 30 2.28 -13.73 38.06
N LEU D 31 2.72 -14.64 37.19
CA LEU D 31 2.13 -15.96 37.12
C LEU D 31 2.39 -16.71 38.43
N GLU D 32 3.58 -16.53 38.97
CA GLU D 32 3.95 -17.19 40.21
C GLU D 32 3.14 -16.60 41.35
N PHE D 33 2.94 -15.29 41.30
CA PHE D 33 2.16 -14.59 42.31
C PHE D 33 0.72 -15.04 42.25
N LEU D 34 0.21 -15.25 41.04
CA LEU D 34 -1.17 -15.70 40.87
C LEU D 34 -1.35 -17.13 41.38
N LYS D 35 -0.27 -17.92 41.34
CA LYS D 35 -0.31 -19.31 41.78
C LYS D 35 -0.34 -19.42 43.31
N ARG D 36 0.37 -18.53 43.97
CA ARG D 36 0.41 -18.56 45.41
C ARG D 36 -0.75 -17.82 46.08
N ASP D 37 -1.17 -16.72 45.48
CA ASP D 37 -2.25 -15.90 46.06
C ASP D 37 -3.36 -16.70 46.76
N LYS D 38 -3.29 -16.66 48.09
CA LYS D 38 -4.23 -17.35 48.97
C LYS D 38 -5.40 -16.45 49.34
N GLY D 39 -5.47 -15.29 48.70
CA GLY D 39 -6.56 -14.36 48.95
C GLY D 39 -7.79 -14.69 48.14
N ILE D 42 -10.84 -14.58 47.09
CA ILE D 42 -12.00 -14.28 46.27
C ILE D 42 -11.54 -13.77 44.91
N GLN D 43 -12.47 -13.68 43.96
CA GLN D 43 -12.13 -13.22 42.60
C GLN D 43 -11.75 -11.75 42.50
N GLY D 44 -12.56 -10.87 43.07
CA GLY D 44 -12.26 -9.45 43.03
C GLY D 44 -10.88 -9.16 43.60
N LEU D 45 -10.60 -9.70 44.78
CA LEU D 45 -9.30 -9.52 45.43
C LEU D 45 -8.21 -9.85 44.43
N ARG D 46 -8.17 -11.11 44.04
CA ARG D 46 -7.20 -11.63 43.10
C ARG D 46 -6.91 -10.63 41.99
N ALA D 47 -7.97 -9.96 41.53
CA ALA D 47 -7.85 -8.97 40.47
C ALA D 47 -6.99 -7.78 40.87
N ASN D 48 -7.44 -6.98 41.83
CA ASN D 48 -6.63 -5.82 42.20
C ASN D 48 -5.36 -6.26 42.90
N LEU D 49 -5.31 -7.51 43.30
CA LEU D 49 -4.12 -8.01 43.97
C LEU D 49 -3.03 -8.24 42.92
N THR D 50 -3.42 -8.95 41.86
CA THR D 50 -2.49 -9.24 40.77
C THR D 50 -2.27 -7.95 39.97
N SER D 51 -2.88 -6.87 40.45
CA SER D 51 -2.78 -5.56 39.81
C SER D 51 -1.97 -4.57 40.65
N ALA D 52 -2.23 -4.56 41.96
CA ALA D 52 -1.53 -3.67 42.88
C ALA D 52 -0.17 -4.29 43.18
N ILE D 53 0.39 -4.96 42.19
CA ILE D 53 1.69 -5.62 42.32
C ILE D 53 2.38 -5.52 40.98
N GLU D 54 1.57 -5.54 39.94
CA GLU D 54 2.06 -5.41 38.59
C GLU D 54 2.68 -4.03 38.54
N THR D 55 2.03 -3.10 39.21
CA THR D 55 2.50 -1.73 39.27
C THR D 55 3.67 -1.71 40.23
N LEU D 56 3.68 -2.66 41.15
CA LEU D 56 4.76 -2.75 42.11
C LEU D 56 5.98 -3.22 41.32
N CYS D 57 5.72 -4.01 40.28
CA CYS D 57 6.77 -4.50 39.40
C CYS D 57 7.18 -3.29 38.55
N GLY D 58 6.34 -2.26 38.56
CA GLY D 58 6.64 -1.05 37.83
C GLY D 58 7.93 -0.44 38.35
N VAL D 59 8.54 -1.08 39.35
CA VAL D 59 9.83 -0.63 39.91
C VAL D 59 10.97 -1.19 39.03
N ASP D 60 10.80 -0.82 37.76
CA ASP D 60 11.64 -1.07 36.61
C ASP D 60 10.77 -0.29 35.64
N SER D 61 11.01 1.01 35.60
CA SER D 61 10.25 1.94 34.78
C SER D 61 10.26 1.67 33.28
N SER D 62 10.13 0.40 32.90
CA SER D 62 10.11 0.03 31.50
C SER D 62 8.66 -0.07 30.98
N VAL D 63 8.45 0.43 29.78
CA VAL D 63 7.13 0.42 29.19
C VAL D 63 6.64 -1.01 29.01
N ALA D 64 7.56 -1.87 28.57
CA ALA D 64 7.29 -3.29 28.32
C ALA D 64 6.69 -4.01 29.52
N VAL D 65 7.33 -3.84 30.68
CA VAL D 65 6.84 -4.46 31.90
C VAL D 65 5.40 -4.05 32.11
N SER D 66 5.12 -2.80 31.76
CA SER D 66 3.77 -2.27 31.89
C SER D 66 2.85 -2.88 30.83
N SER D 67 3.26 -2.85 29.57
CA SER D 67 2.45 -3.41 28.47
C SER D 67 2.24 -4.91 28.64
N GLY D 68 3.32 -5.61 28.97
CA GLY D 68 3.24 -7.05 29.18
C GLY D 68 2.22 -7.39 30.25
N GLY D 69 2.40 -6.80 31.43
CA GLY D 69 1.47 -7.03 32.52
C GLY D 69 0.04 -6.77 32.10
N GLU D 70 -0.22 -5.58 31.57
CA GLU D 70 -1.55 -5.21 31.14
C GLU D 70 -2.13 -6.29 30.22
N LEU D 71 -1.37 -6.65 29.19
CA LEU D 71 -1.81 -7.67 28.24
C LEU D 71 -2.07 -9.02 28.88
N PHE D 72 -1.25 -9.35 29.87
CA PHE D 72 -1.39 -10.61 30.60
C PHE D 72 -2.70 -10.56 31.41
N LEU D 73 -2.90 -9.52 32.20
CA LEU D 73 -4.13 -9.43 32.97
C LEU D 73 -5.32 -9.49 32.03
N ARG D 74 -5.18 -8.88 30.86
CA ARG D 74 -6.28 -8.86 29.91
C ARG D 74 -6.61 -10.27 29.40
N PHE D 75 -5.60 -10.97 28.92
CA PHE D 75 -5.76 -12.32 28.39
C PHE D 75 -6.21 -13.34 29.44
N ILE D 76 -5.71 -13.16 30.65
CA ILE D 76 -6.01 -14.04 31.76
C ILE D 76 -7.40 -13.78 32.34
N SER D 77 -7.84 -12.52 32.31
CA SER D 77 -9.14 -12.14 32.88
C SER D 77 -10.37 -12.67 32.14
N LEU D 78 -11.51 -12.65 32.83
CA LEU D 78 -12.78 -13.13 32.27
C LEU D 78 -13.98 -12.48 33.00
N TYR D 86 -17.18 -21.88 44.98
CA TYR D 86 -17.01 -22.88 43.94
C TYR D 86 -16.39 -22.31 42.67
N SER D 87 -17.02 -21.28 42.11
CA SER D 87 -16.51 -20.63 40.90
C SER D 87 -15.05 -20.25 41.17
N LYS D 88 -14.81 -19.73 42.35
CA LYS D 88 -13.47 -19.30 42.76
C LYS D 88 -12.39 -20.29 42.32
N CYS D 89 -12.11 -21.26 43.18
CA CYS D 89 -11.09 -22.27 42.92
C CYS D 89 -10.97 -22.74 41.48
N LYS D 90 -12.11 -22.95 40.84
CA LYS D 90 -12.11 -23.41 39.46
C LYS D 90 -11.47 -22.41 38.50
N LYS D 91 -10.64 -21.49 39.02
CA LYS D 91 -9.98 -20.48 38.19
C LYS D 91 -9.04 -21.08 37.14
N ILE D 92 -9.54 -21.04 35.91
CA ILE D 92 -8.85 -21.52 34.73
C ILE D 92 -7.90 -20.42 34.25
N ILE D 94 -4.91 -19.57 35.61
CA ILE D 94 -3.55 -20.07 35.59
C ILE D 94 -3.25 -20.82 34.29
N GLU D 95 -4.22 -21.58 33.79
CA GLU D 95 -4.02 -22.31 32.55
C GLU D 95 -3.80 -21.32 31.40
N ARG D 96 -4.71 -20.36 31.25
CA ARG D 96 -4.58 -19.34 30.22
C ARG D 96 -3.23 -18.65 30.42
N GLY D 97 -2.94 -18.33 31.67
CA GLY D 97 -1.70 -17.66 32.01
C GLY D 97 -0.48 -18.33 31.40
N GLU D 98 -0.36 -19.63 31.58
CA GLU D 98 0.78 -20.36 31.05
C GLU D 98 0.77 -20.39 29.52
N LEU D 99 -0.42 -20.44 28.92
CA LEU D 99 -0.55 -20.44 27.46
C LEU D 99 -0.01 -19.12 26.89
N PHE D 100 -0.43 -18.02 27.50
CA PHE D 100 0.01 -16.69 27.10
C PHE D 100 1.52 -16.67 27.20
N LEU D 101 2.01 -17.15 28.34
CA LEU D 101 3.43 -17.19 28.59
C LEU D 101 4.16 -17.99 27.51
N ARG D 102 3.53 -19.06 27.03
CA ARG D 102 4.15 -19.90 26.01
C ARG D 102 4.23 -19.27 24.64
N ARG D 103 3.27 -18.42 24.30
CA ARG D 103 3.32 -17.78 23.00
C ARG D 103 4.30 -16.61 22.94
N ILE D 104 4.29 -15.73 23.94
CA ILE D 104 5.19 -14.58 23.90
C ILE D 104 6.67 -14.97 23.87
N SER D 105 6.97 -16.19 24.29
CA SER D 105 8.34 -16.69 24.32
C SER D 105 8.74 -17.22 22.95
N LEU D 106 7.79 -17.19 22.02
CA LEU D 106 8.04 -17.63 20.67
C LEU D 106 8.43 -16.40 19.84
N SER D 107 7.75 -15.29 20.13
CA SER D 107 7.93 -14.02 19.45
C SER D 107 9.34 -13.68 19.03
N ARG D 108 10.25 -13.57 19.99
CA ARG D 108 11.60 -13.19 19.65
C ARG D 108 12.16 -13.95 18.44
N ASN D 109 11.94 -15.25 18.36
CA ASN D 109 12.46 -16.01 17.22
C ASN D 109 11.76 -15.71 15.92
N LYS D 110 10.44 -15.47 15.97
CA LYS D 110 9.71 -15.13 14.75
C LYS D 110 10.32 -13.87 14.14
N ILE D 111 10.68 -12.90 14.98
CA ILE D 111 11.30 -11.65 14.52
C ILE D 111 12.65 -11.94 13.87
N ALA D 112 13.46 -12.76 14.53
CA ALA D 112 14.76 -13.13 14.00
C ALA D 112 14.62 -13.62 12.54
N ASP D 113 13.70 -14.55 12.32
CA ASP D 113 13.43 -15.13 10.99
C ASP D 113 12.97 -14.10 9.97
N LEU D 114 11.99 -13.29 10.35
CA LEU D 114 11.46 -12.26 9.46
C LEU D 114 12.48 -11.21 9.04
N CYS D 115 13.23 -10.72 10.01
CA CYS D 115 14.18 -9.66 9.74
C CYS D 115 15.48 -9.96 9.02
N HIS D 116 16.25 -10.95 9.48
CA HIS D 116 17.54 -11.25 8.84
C HIS D 116 17.47 -11.35 7.31
N THR D 117 16.29 -11.66 6.81
CA THR D 117 16.02 -11.75 5.39
C THR D 117 16.37 -10.44 4.65
N PHE D 118 16.23 -9.32 5.35
CA PHE D 118 16.51 -7.98 4.82
C PHE D 118 17.95 -7.50 4.93
N ILE D 119 18.84 -8.32 5.48
CA ILE D 119 20.24 -7.93 5.61
C ILE D 119 21.01 -8.38 4.37
N LYS D 120 21.28 -7.44 3.46
CA LYS D 120 21.99 -7.79 2.24
C LYS D 120 23.44 -8.18 2.54
N ASP D 121 23.92 -9.24 1.91
CA ASP D 121 25.28 -9.73 2.13
C ASP D 121 26.29 -8.60 1.96
N GLY D 122 27.25 -8.53 2.88
CA GLY D 122 28.26 -7.48 2.81
C GLY D 122 27.81 -6.14 3.37
N ALA D 123 26.59 -6.09 3.92
CA ALA D 123 26.05 -4.86 4.49
C ALA D 123 26.62 -4.47 5.85
N THR D 124 26.69 -3.17 6.08
CA THR D 124 27.18 -2.62 7.35
C THR D 124 25.91 -2.14 8.05
N ILE D 125 25.64 -2.72 9.21
CA ILE D 125 24.46 -2.37 9.98
C ILE D 125 24.84 -1.52 11.19
N LEU D 126 24.02 -0.51 11.48
CA LEU D 126 24.26 0.38 12.61
C LEU D 126 23.20 0.13 13.69
N THR D 127 23.62 0.06 14.94
CA THR D 127 22.70 -0.16 16.05
C THR D 127 22.97 0.81 17.18
N HIS D 128 22.06 0.82 18.14
CA HIS D 128 22.16 1.68 19.31
C HIS D 128 21.97 0.86 20.59
N ALA D 129 22.82 1.11 21.58
CA ALA D 129 22.75 0.43 22.86
C ALA D 129 22.70 -1.11 22.74
N TYR D 130 22.21 -1.74 23.80
CA TYR D 130 22.09 -3.19 23.84
C TYR D 130 20.65 -3.62 23.58
N SER D 131 20.44 -4.52 22.62
CA SER D 131 19.10 -5.01 22.38
C SER D 131 19.17 -6.53 22.22
N ARG D 132 18.47 -7.25 23.07
CA ARG D 132 18.45 -8.70 23.00
C ARG D 132 17.88 -9.21 21.69
N VAL D 133 16.76 -8.64 21.26
CA VAL D 133 16.17 -9.09 20.02
C VAL D 133 17.06 -8.76 18.83
N VAL D 134 17.77 -7.64 18.86
CA VAL D 134 18.62 -7.35 17.71
C VAL D 134 19.76 -8.38 17.70
N LEU D 135 20.22 -8.74 18.89
CA LEU D 135 21.26 -9.73 19.03
C LEU D 135 20.74 -11.03 18.39
N ARG D 136 19.52 -11.46 18.72
CA ARG D 136 19.00 -12.69 18.13
C ARG D 136 18.81 -12.56 16.63
N VAL D 137 18.46 -11.37 16.16
CA VAL D 137 18.28 -11.17 14.73
C VAL D 137 19.60 -11.37 14.01
N LEU D 138 20.67 -10.83 14.58
CA LEU D 138 21.99 -10.94 13.98
C LEU D 138 22.60 -12.35 14.07
N GLU D 139 22.10 -13.17 14.99
CA GLU D 139 22.59 -14.54 15.09
C GLU D 139 21.91 -15.32 13.98
N ALA D 140 20.65 -14.99 13.76
CA ALA D 140 19.86 -15.62 12.72
C ALA D 140 20.50 -15.26 11.39
N ALA D 141 21.34 -14.22 11.41
CA ALA D 141 22.00 -13.78 10.20
C ALA D 141 23.27 -14.56 9.91
N VAL D 142 24.06 -14.85 10.95
CA VAL D 142 25.30 -15.62 10.75
C VAL D 142 24.86 -17.01 10.32
N ALA D 143 23.78 -17.50 10.92
CA ALA D 143 23.25 -18.82 10.61
C ALA D 143 22.84 -18.92 9.15
N ALA D 144 22.33 -17.82 8.58
CA ALA D 144 21.90 -17.80 7.19
C ALA D 144 23.12 -17.63 6.28
N LYS D 145 24.30 -17.77 6.87
CA LYS D 145 25.56 -17.66 6.13
C LYS D 145 25.79 -16.27 5.52
N LYS D 146 25.16 -15.26 6.10
CA LYS D 146 25.29 -13.88 5.61
C LYS D 146 26.52 -13.21 6.21
N ARG D 147 27.20 -12.40 5.44
CA ARG D 147 28.38 -11.70 5.94
C ARG D 147 28.06 -10.22 6.07
N PHE D 148 28.29 -9.68 7.26
CA PHE D 148 27.99 -8.29 7.53
C PHE D 148 28.94 -7.75 8.59
N SER D 149 28.80 -6.47 8.90
CA SER D 149 29.61 -5.83 9.92
C SER D 149 28.74 -4.82 10.66
N VAL D 150 29.01 -4.66 11.94
CA VAL D 150 28.26 -3.76 12.79
C VAL D 150 29.02 -2.55 13.35
N TYR D 151 28.24 -1.51 13.62
CA TYR D 151 28.70 -0.27 14.23
C TYR D 151 27.66 -0.07 15.33
N VAL D 152 28.11 0.17 16.56
CA VAL D 152 27.18 0.37 17.66
C VAL D 152 27.65 1.47 18.61
N THR D 153 26.69 2.32 19.02
CA THR D 153 26.93 3.42 19.95
C THR D 153 27.21 2.83 21.34
N GLU D 154 28.13 3.43 22.09
CA GLU D 154 28.44 2.90 23.42
C GLU D 154 27.24 3.06 24.34
N SER D 155 26.49 4.13 24.11
CA SER D 155 25.27 4.45 24.85
C SER D 155 25.44 4.82 26.32
N GLN D 156 25.52 6.11 26.59
CA GLN D 156 25.63 6.60 27.94
C GLN D 156 24.25 6.50 28.58
N PRO D 157 24.18 6.45 29.92
CA PRO D 157 25.33 6.48 30.82
C PRO D 157 25.83 5.11 31.26
N ASP D 158 25.08 4.05 30.94
CA ASP D 158 25.44 2.70 31.35
C ASP D 158 26.35 1.94 30.39
N LEU D 159 26.70 2.60 29.28
CA LEU D 159 27.58 2.02 28.27
C LEU D 159 27.17 0.64 27.76
N SER D 160 25.86 0.39 27.78
CA SER D 160 25.33 -0.90 27.32
C SER D 160 25.72 -1.24 25.88
N GLY D 161 26.17 -0.25 25.12
CA GLY D 161 26.55 -0.51 23.74
C GLY D 161 27.82 -1.34 23.69
N LYS D 162 28.69 -1.09 24.65
CA LYS D 162 29.94 -1.79 24.77
C LYS D 162 29.69 -3.27 25.02
N LYS D 163 28.74 -3.55 25.90
CA LYS D 163 28.37 -4.92 26.26
C LYS D 163 27.82 -5.61 25.02
N ALA D 165 28.74 -4.92 21.97
CA ALA D 165 29.89 -5.14 21.10
C ALA D 165 30.62 -6.44 21.42
N LYS D 166 30.73 -6.78 22.72
CA LYS D 166 31.39 -8.02 23.11
C LYS D 166 30.55 -9.22 22.68
N ALA D 167 29.25 -9.14 22.92
CA ALA D 167 28.36 -10.22 22.55
C ALA D 167 28.60 -10.53 21.09
N LEU D 168 28.65 -9.49 20.28
CA LEU D 168 28.87 -9.64 18.84
C LEU D 168 30.28 -10.16 18.56
N CYS D 169 31.24 -9.71 19.35
CA CYS D 169 32.62 -10.14 19.19
C CYS D 169 32.70 -11.64 19.50
N HIS D 170 31.95 -12.07 20.51
CA HIS D 170 31.92 -13.48 20.89
C HIS D 170 31.10 -14.32 19.93
N LEU D 171 30.58 -13.69 18.88
CA LEU D 171 29.80 -14.40 17.86
C LEU D 171 30.60 -14.35 16.59
N ASN D 172 31.71 -13.62 16.65
CA ASN D 172 32.64 -13.45 15.54
C ASN D 172 32.26 -12.48 14.43
N VAL D 173 31.27 -11.63 14.69
CA VAL D 173 30.86 -10.63 13.71
C VAL D 173 31.71 -9.37 13.96
N PRO D 174 32.24 -8.77 12.88
CA PRO D 174 33.06 -7.57 13.07
C PRO D 174 32.18 -6.48 13.68
N VAL D 175 32.67 -5.82 14.72
CA VAL D 175 31.90 -4.76 15.36
C VAL D 175 32.82 -3.64 15.80
N THR D 176 32.39 -2.41 15.52
CA THR D 176 33.14 -1.22 15.91
C THR D 176 32.29 -0.38 16.87
N VAL D 177 32.87 0.07 17.99
CA VAL D 177 32.11 0.90 18.93
C VAL D 177 32.36 2.38 18.59
N VAL D 178 31.30 3.18 18.64
CA VAL D 178 31.44 4.60 18.37
C VAL D 178 30.68 5.41 19.41
N LEU D 179 31.16 6.63 19.62
CA LEU D 179 30.57 7.57 20.56
C LEU D 179 29.16 7.97 20.11
N ASP D 180 28.25 8.17 21.06
CA ASP D 180 26.87 8.58 20.77
C ASP D 180 26.88 9.81 19.87
N ALA D 181 27.91 10.62 20.00
CA ALA D 181 28.06 11.85 19.21
C ALA D 181 28.52 11.63 17.76
N ALA D 182 28.86 10.39 17.41
CA ALA D 182 29.35 10.14 16.05
C ALA D 182 28.39 9.40 15.14
N VAL D 183 27.11 9.47 15.46
CA VAL D 183 26.13 8.79 14.64
C VAL D 183 25.97 9.50 13.31
N GLY D 184 25.81 10.83 13.34
CA GLY D 184 25.67 11.58 12.12
C GLY D 184 26.90 11.41 11.27
N TYR D 185 28.05 11.35 11.94
CA TYR D 185 29.34 11.20 11.29
C TYR D 185 29.49 9.82 10.67
N ILE D 186 29.05 8.81 11.41
CA ILE D 186 29.18 7.44 10.96
C ILE D 186 28.10 6.98 9.99
N GLU D 188 27.12 7.75 7.27
CA GLU D 188 27.69 7.64 5.94
C GLU D 188 28.12 6.20 5.60
N LYS D 189 28.82 5.55 6.54
CA LYS D 189 29.30 4.18 6.34
C LYS D 189 28.27 3.06 6.46
N ALA D 190 27.05 3.36 6.90
CA ALA D 190 26.05 2.32 7.05
C ALA D 190 25.09 2.16 5.87
N ASP D 191 24.53 0.97 5.77
CA ASP D 191 23.59 0.62 4.73
C ASP D 191 22.17 0.65 5.31
N LEU D 192 22.08 0.40 6.61
CA LEU D 192 20.80 0.40 7.28
C LEU D 192 20.96 0.42 8.80
N VAL D 193 19.88 0.80 9.49
CA VAL D 193 19.85 0.87 10.94
C VAL D 193 18.87 -0.15 11.48
N ILE D 194 19.31 -0.91 12.48
CA ILE D 194 18.43 -1.90 13.08
C ILE D 194 18.49 -1.63 14.57
N VAL D 195 17.35 -1.25 15.13
CA VAL D 195 17.26 -0.92 16.54
C VAL D 195 16.06 -1.63 17.17
N GLY D 196 16.14 -1.90 18.47
CA GLY D 196 15.04 -2.56 19.16
C GLY D 196 14.09 -1.50 19.71
N ALA D 197 13.17 -1.89 20.58
CA ALA D 197 12.24 -0.93 21.16
C ALA D 197 11.78 -1.35 22.55
N GLU D 198 11.63 -0.38 23.43
CA GLU D 198 11.16 -0.66 24.76
C GLU D 198 9.62 -0.71 24.68
N GLY D 199 9.08 0.00 23.70
CA GLY D 199 7.65 0.05 23.49
C GLY D 199 7.27 0.55 22.11
N VAL D 200 6.15 0.07 21.59
CA VAL D 200 5.65 0.48 20.30
C VAL D 200 4.33 1.16 20.60
N VAL D 201 4.20 2.42 20.21
CA VAL D 201 2.98 3.16 20.46
C VAL D 201 1.96 3.03 19.34
N GLU D 202 0.72 3.42 19.64
CA GLU D 202 -0.38 3.31 18.70
C GLU D 202 -0.17 3.92 17.30
N ASN D 203 0.57 5.03 17.21
CA ASN D 203 0.78 5.58 15.89
C ASN D 203 1.91 4.91 15.09
N GLY D 204 2.53 3.87 15.65
CA GLY D 204 3.59 3.19 14.94
C GLY D 204 4.98 3.63 15.38
N GLY D 205 5.03 4.71 16.14
CA GLY D 205 6.30 5.21 16.66
C GLY D 205 6.80 4.29 17.76
N ILE D 206 7.98 4.59 18.29
CA ILE D 206 8.52 3.73 19.33
C ILE D 206 9.19 4.50 20.45
N ILE D 207 9.20 3.89 21.63
CA ILE D 207 9.85 4.46 22.81
C ILE D 207 11.08 3.60 22.99
N ASN D 208 12.25 4.21 23.07
CA ASN D 208 13.48 3.43 23.23
C ASN D 208 14.63 4.20 23.86
N LYS D 209 15.74 3.49 24.15
CA LYS D 209 16.93 4.10 24.75
C LYS D 209 17.23 5.49 24.20
N ILE D 210 17.40 6.46 25.10
CA ILE D 210 17.66 7.82 24.70
C ILE D 210 18.81 7.77 23.70
N GLY D 211 18.63 8.46 22.58
CA GLY D 211 19.65 8.45 21.54
C GLY D 211 19.06 7.87 20.26
N THR D 212 17.98 7.10 20.42
CA THR D 212 17.33 6.47 19.29
C THR D 212 16.81 7.48 18.28
N ASN D 213 16.05 8.48 18.75
CA ASN D 213 15.48 9.49 17.86
C ASN D 213 16.55 10.08 16.97
N GLN D 214 17.62 10.56 17.58
CA GLN D 214 18.75 11.13 16.85
C GLN D 214 19.22 10.27 15.68
N ALA D 216 17.55 7.90 14.05
CA ALA D 216 16.50 7.79 13.05
C ALA D 216 16.43 9.05 12.18
N VAL D 217 16.57 10.22 12.80
CA VAL D 217 16.55 11.49 12.08
C VAL D 217 17.74 11.56 11.14
N CYS D 218 18.91 11.10 11.60
CA CYS D 218 20.09 11.12 10.74
C CYS D 218 19.99 10.07 9.63
N ALA D 219 19.33 8.97 9.95
CA ALA D 219 19.15 7.89 8.99
C ALA D 219 18.29 8.35 7.85
N LYS D 220 17.19 9.03 8.18
CA LYS D 220 16.24 9.52 7.20
C LYS D 220 16.85 10.54 6.25
N ALA D 221 17.72 11.39 6.79
CA ALA D 221 18.39 12.43 6.04
C ALA D 221 19.28 11.88 4.94
N GLN D 222 19.77 10.65 5.13
CA GLN D 222 20.65 10.02 4.14
C GLN D 222 19.93 8.85 3.52
N ASN D 223 18.61 8.87 3.68
CA ASN D 223 17.74 7.85 3.15
C ASN D 223 18.20 6.42 3.48
N LYS D 224 18.62 6.21 4.72
CA LYS D 224 19.06 4.88 5.13
C LYS D 224 17.86 4.20 5.78
N PRO D 225 17.52 2.98 5.36
CA PRO D 225 16.36 2.34 5.99
C PRO D 225 16.52 2.17 7.50
N PHE D 226 15.47 2.51 8.25
CA PHE D 226 15.47 2.41 9.69
C PHE D 226 14.55 1.26 10.14
N TYR D 227 15.13 0.12 10.51
CA TYR D 227 14.32 -1.01 10.94
C TYR D 227 14.24 -1.17 12.45
N VAL D 228 13.04 -1.54 12.91
CA VAL D 228 12.75 -1.77 14.31
C VAL D 228 12.34 -3.23 14.47
N VAL D 229 12.90 -3.90 15.48
CA VAL D 229 12.55 -5.30 15.77
C VAL D 229 11.97 -5.31 17.19
N ALA D 230 10.73 -5.78 17.36
CA ALA D 230 10.10 -5.75 18.68
C ALA D 230 8.94 -6.72 18.89
N GLU D 231 8.93 -7.38 20.05
CA GLU D 231 7.86 -8.32 20.38
C GLU D 231 6.55 -7.56 20.61
N SER D 232 5.43 -8.16 20.22
CA SER D 232 4.14 -7.52 20.38
C SER D 232 3.65 -7.24 21.82
N PHE D 233 4.22 -7.89 22.84
CA PHE D 233 3.76 -7.59 24.20
C PHE D 233 4.24 -6.19 24.58
N LYS D 234 4.99 -5.57 23.68
CA LYS D 234 5.49 -4.22 23.88
C LYS D 234 4.56 -3.18 23.24
N PHE D 235 3.47 -3.63 22.61
CA PHE D 235 2.53 -2.67 22.03
C PHE D 235 1.86 -2.00 23.20
N VAL D 236 2.04 -0.69 23.31
CA VAL D 236 1.45 0.07 24.41
C VAL D 236 0.45 1.11 23.88
N ARG D 237 -0.59 1.38 24.69
CA ARG D 237 -1.66 2.30 24.32
C ARG D 237 -1.37 3.78 24.56
N LEU D 238 -0.47 4.33 23.77
CA LEU D 238 -0.09 5.73 23.87
C LEU D 238 0.02 6.28 22.46
N PHE D 239 -0.36 7.54 22.30
CA PHE D 239 -0.30 8.19 21.00
C PHE D 239 0.44 9.51 21.17
N PRO D 240 1.77 9.45 21.40
CA PRO D 240 2.60 10.65 21.60
C PRO D 240 2.61 11.56 20.37
N LEU D 241 2.67 12.88 20.59
CA LEU D 241 2.77 13.83 19.48
C LEU D 241 4.17 14.45 19.53
N ASN D 242 4.78 14.40 20.71
CA ASN D 242 6.12 14.95 20.91
C ASN D 242 6.75 14.29 22.13
N GLN D 243 8.01 14.63 22.40
CA GLN D 243 8.74 14.07 23.53
C GLN D 243 8.04 14.27 24.88
N GLN D 244 7.38 15.42 25.06
CA GLN D 244 6.71 15.71 26.32
C GLN D 244 5.52 14.77 26.57
N ASP D 245 5.10 14.05 25.53
CA ASP D 245 3.98 13.14 25.64
C ASP D 245 4.31 11.76 26.19
N VAL D 246 5.58 11.44 26.33
CA VAL D 246 5.92 10.15 26.90
C VAL D 246 5.84 10.35 28.41
N PRO D 247 4.97 9.59 29.10
CA PRO D 247 4.83 9.71 30.56
C PRO D 247 6.19 9.70 31.24
N ASP D 248 6.32 10.42 32.35
CA ASP D 248 7.60 10.48 33.07
C ASP D 248 8.00 9.17 33.76
N LYS D 249 7.02 8.38 34.19
CA LYS D 249 7.35 7.12 34.85
C LYS D 249 8.12 6.18 33.95
N PHE D 250 8.18 6.49 32.65
CA PHE D 250 8.91 5.65 31.70
C PHE D 250 10.29 6.20 31.34
N LYS D 251 10.48 7.50 31.54
CA LYS D 251 11.76 8.10 31.20
C LYS D 251 12.66 8.48 32.38
N TYR D 252 12.14 8.43 33.60
CA TYR D 252 12.97 8.76 34.75
C TYR D 252 13.11 7.61 35.74
N LYS D 253 14.25 7.60 36.44
CA LYS D 253 14.56 6.56 37.40
C LYS D 253 14.40 5.25 36.67
N ALA D 254 15.10 5.12 35.53
CA ALA D 254 15.01 3.92 34.70
C ALA D 254 16.31 3.13 34.53
N ASP D 255 16.23 2.13 33.65
CA ASP D 255 17.34 1.24 33.33
C ASP D 255 16.77 0.02 32.61
N GLY D 263 20.34 24.65 41.14
CA GLY D 263 19.86 26.00 40.94
C GLY D 263 19.89 26.41 39.47
N GLN D 264 20.79 27.34 39.15
CA GLN D 264 20.96 27.86 37.79
C GLN D 264 21.48 26.82 36.79
N ASP D 265 22.44 26.02 37.22
CA ASP D 265 23.04 24.98 36.40
C ASP D 265 22.24 23.71 36.62
N LEU D 266 21.77 23.10 35.54
CA LEU D 266 20.97 21.89 35.65
C LEU D 266 21.39 20.77 34.70
N LYS D 267 21.50 19.57 35.25
CA LYS D 267 21.79 18.38 34.46
C LYS D 267 20.39 17.81 34.50
N GLU D 268 19.47 18.66 34.96
CA GLU D 268 18.06 18.33 35.13
C GLU D 268 17.50 17.49 33.99
N GLU D 269 18.36 17.11 33.06
CA GLU D 269 17.91 16.29 31.96
C GLU D 269 18.62 14.95 31.88
N HIS D 270 17.94 13.92 32.38
CA HIS D 270 18.46 12.56 32.35
C HIS D 270 17.38 11.60 31.90
N PRO D 271 16.66 11.90 30.79
CA PRO D 271 15.62 10.98 30.35
C PRO D 271 16.29 9.68 29.86
N TRP D 272 15.69 8.54 30.17
CA TRP D 272 16.26 7.24 29.78
C TRP D 272 15.80 6.77 28.42
N VAL D 273 14.66 7.29 27.98
CA VAL D 273 14.12 6.94 26.68
C VAL D 273 13.74 8.19 25.92
N ASP D 274 13.46 8.05 24.63
CA ASP D 274 13.00 9.16 23.83
C ASP D 274 11.99 8.59 22.88
N TYR D 275 11.31 9.45 22.15
CA TYR D 275 10.28 9.01 21.23
C TYR D 275 10.72 9.22 19.78
N THR D 276 10.44 8.23 18.94
CA THR D 276 10.77 8.27 17.52
C THR D 276 9.43 8.13 16.78
N ALA D 277 9.00 9.20 16.12
CA ALA D 277 7.73 9.27 15.39
C ALA D 277 7.66 8.28 14.25
N PRO D 278 6.44 7.91 13.84
CA PRO D 278 6.23 6.96 12.75
C PRO D 278 6.84 7.33 11.40
N SER D 279 7.03 8.61 11.13
CA SER D 279 7.62 9.01 9.86
C SER D 279 9.13 8.75 9.77
N LEU D 280 9.75 8.39 10.89
CA LEU D 280 11.20 8.13 10.91
C LEU D 280 11.51 6.65 10.87
N ILE D 281 10.46 5.84 10.83
CA ILE D 281 10.61 4.40 10.82
C ILE D 281 10.14 3.82 9.48
N THR D 282 10.92 2.92 8.91
CA THR D 282 10.62 2.28 7.64
C THR D 282 9.76 1.04 7.88
N LEU D 283 10.23 0.15 8.74
CA LEU D 283 9.47 -1.06 9.05
C LEU D 283 9.66 -1.53 10.48
N LEU D 284 8.62 -2.17 11.00
CA LEU D 284 8.69 -2.75 12.34
C LEU D 284 8.56 -4.26 12.11
N PHE D 285 9.51 -5.04 12.63
CA PHE D 285 9.47 -6.49 12.49
C PHE D 285 8.89 -7.04 13.81
N THR D 286 7.76 -7.71 13.70
CA THR D 286 7.03 -8.21 14.85
C THR D 286 6.60 -9.66 14.71
N ASP D 287 6.26 -10.29 15.83
CA ASP D 287 5.77 -11.67 15.76
C ASP D 287 4.46 -11.66 14.98
N LEU D 288 3.80 -10.51 14.97
CA LEU D 288 2.54 -10.32 14.25
C LEU D 288 2.74 -10.07 12.76
N GLY D 289 4.01 -9.97 12.33
CA GLY D 289 4.30 -9.70 10.93
C GLY D 289 5.14 -8.44 10.69
N VAL D 290 5.49 -8.21 9.43
CA VAL D 290 6.30 -7.05 9.03
C VAL D 290 5.33 -5.89 8.77
N LEU D 291 5.30 -4.95 9.69
CA LEU D 291 4.38 -3.82 9.63
C LEU D 291 4.98 -2.45 9.41
N THR D 292 4.28 -1.63 8.63
CA THR D 292 4.67 -0.26 8.39
C THR D 292 3.97 0.47 9.55
N PRO D 293 4.53 1.60 10.03
CA PRO D 293 3.95 2.37 11.16
C PRO D 293 2.42 2.56 11.17
N SER D 294 1.81 2.84 10.03
CA SER D 294 0.36 3.03 9.96
C SER D 294 -0.44 1.76 10.29
N ALA D 295 0.11 0.61 9.91
CA ALA D 295 -0.54 -0.67 10.14
C ALA D 295 -0.53 -1.10 11.60
N VAL D 296 0.24 -0.40 12.42
CA VAL D 296 0.33 -0.76 13.82
C VAL D 296 -0.97 -0.58 14.58
N SER D 297 -1.73 0.48 14.30
CA SER D 297 -2.96 0.68 15.03
C SER D 297 -3.95 -0.49 14.85
N ASP D 298 -4.00 -1.11 13.66
CA ASP D 298 -4.91 -2.23 13.45
C ASP D 298 -4.42 -3.51 14.14
N GLU D 299 -3.11 -3.73 14.17
CA GLU D 299 -2.57 -4.90 14.86
C GLU D 299 -2.71 -4.75 16.38
N LEU D 300 -2.58 -3.52 16.87
CA LEU D 300 -2.68 -3.23 18.30
C LEU D 300 -4.10 -3.46 18.81
N ILE D 301 -5.09 -3.23 17.95
CA ILE D 301 -6.49 -3.45 18.31
C ILE D 301 -6.71 -4.97 18.34
N LYS D 302 -6.32 -5.62 17.26
CA LYS D 302 -6.46 -7.07 17.15
C LYS D 302 -5.75 -7.77 18.34
N LEU D 303 -4.58 -7.30 18.71
CA LEU D 303 -3.83 -7.88 19.81
C LEU D 303 -4.60 -7.75 21.12
N TYR D 304 -4.92 -6.50 21.47
CA TYR D 304 -5.65 -6.18 22.70
C TYR D 304 -7.09 -6.70 22.78
N LEU D 305 -7.70 -7.01 21.63
CA LEU D 305 -9.07 -7.53 21.66
C LEU D 305 -9.05 -9.05 21.66
N ALA D 306 -8.18 -9.64 20.84
CA ALA D 306 -8.06 -11.09 20.76
C ALA D 306 -8.13 -11.67 22.16
N ALA D 307 -9.21 -12.40 22.43
CA ALA D 307 -9.48 -13.03 23.72
C ALA D 307 -10.89 -13.65 23.75
N ASP E 2 64.04 25.81 18.85
CA ASP E 2 63.88 24.35 18.85
C ASP E 2 62.43 23.86 18.77
N ASP E 3 62.28 22.59 18.38
CA ASP E 3 60.96 21.98 18.27
C ASP E 3 60.36 21.72 19.65
N LYS E 4 61.05 20.95 20.48
CA LYS E 4 60.55 20.66 21.82
C LYS E 4 60.25 21.96 22.56
N GLU E 5 60.96 23.02 22.21
CA GLU E 5 60.73 24.33 22.83
C GLU E 5 59.54 24.95 22.11
N LEU E 6 59.53 24.80 20.79
CA LEU E 6 58.47 25.32 19.96
C LEU E 6 57.16 24.86 20.59
N ILE E 7 57.17 23.63 21.09
CA ILE E 7 55.99 23.03 21.71
C ILE E 7 55.75 23.58 23.11
N GLU E 8 56.82 23.66 23.90
CA GLU E 8 56.73 24.18 25.26
C GLU E 8 56.23 25.61 25.23
N TYR E 9 56.74 26.40 24.28
CA TYR E 9 56.34 27.79 24.17
C TYR E 9 54.86 27.84 23.83
N PHE E 10 54.46 26.97 22.91
CA PHE E 10 53.08 26.89 22.45
C PHE E 10 52.14 26.43 23.57
N LYS E 11 52.48 25.35 24.25
CA LYS E 11 51.62 24.86 25.31
C LYS E 11 51.49 25.86 26.44
N SER E 12 52.59 26.55 26.76
CA SER E 12 52.59 27.52 27.83
C SER E 12 51.76 28.77 27.53
N GLN E 13 51.63 29.12 26.25
CA GLN E 13 50.83 30.29 25.86
C GLN E 13 49.37 30.04 26.22
N LYS E 15 48.35 27.75 28.60
CA LYS E 15 48.20 27.54 30.04
C LYS E 15 48.08 28.86 30.77
N GLU E 16 48.87 29.84 30.34
CA GLU E 16 48.86 31.16 30.96
C GLU E 16 47.62 31.99 30.64
N ASP E 17 46.96 31.68 29.52
CA ASP E 17 45.74 32.39 29.11
C ASP E 17 44.77 31.42 28.44
N PRO E 18 43.96 30.71 29.24
CA PRO E 18 42.97 29.74 28.76
C PRO E 18 42.01 30.37 27.74
N ASP E 19 41.88 31.69 27.89
CA ASP E 19 41.06 32.55 27.05
C ASP E 19 41.43 32.40 25.58
N ALA E 21 42.60 31.24 21.93
CA ALA E 21 42.30 30.24 20.93
C ALA E 21 43.57 29.52 20.47
N SER E 22 43.50 28.19 20.37
CA SER E 22 44.63 27.38 19.94
C SER E 22 45.39 28.07 18.80
N ALA E 23 44.68 28.34 17.72
CA ALA E 23 45.25 28.98 16.54
C ALA E 23 46.05 30.24 16.83
N VAL E 24 45.54 31.09 17.72
CA VAL E 24 46.21 32.34 18.06
C VAL E 24 47.49 32.13 18.88
N ALA E 25 47.51 31.09 19.71
CA ALA E 25 48.69 30.78 20.51
C ALA E 25 49.74 30.20 19.58
N ALA E 26 49.27 29.64 18.48
CA ALA E 26 50.14 29.03 17.50
C ALA E 26 50.74 30.07 16.54
N ILE E 27 49.89 30.88 15.91
CA ILE E 27 50.41 31.89 14.97
C ILE E 27 51.27 32.84 15.80
N ARG E 28 51.09 32.77 17.11
CA ARG E 28 51.85 33.61 18.03
C ARG E 28 53.21 32.98 18.30
N THR E 29 53.23 31.66 18.45
CA THR E 29 54.46 30.92 18.69
C THR E 29 55.38 31.01 17.49
N LEU E 30 54.81 31.25 16.32
CA LEU E 30 55.61 31.37 15.10
C LEU E 30 56.26 32.73 15.11
N LEU E 31 55.52 33.73 15.55
CA LEU E 31 56.02 35.08 15.61
C LEU E 31 57.22 35.11 16.53
N GLU E 32 57.26 34.21 17.51
CA GLU E 32 58.37 34.15 18.44
C GLU E 32 59.54 33.39 17.83
N PHE E 33 59.23 32.34 17.06
CA PHE E 33 60.26 31.53 16.41
C PHE E 33 60.94 32.33 15.29
N LEU E 34 60.20 33.27 14.71
CA LEU E 34 60.71 34.10 13.64
C LEU E 34 61.75 35.09 14.18
N LYS E 35 61.38 35.80 15.25
CA LYS E 35 62.26 36.79 15.87
C LYS E 35 63.53 36.14 16.39
N ARG E 36 63.34 35.06 17.14
CA ARG E 36 64.42 34.30 17.76
C ARG E 36 65.22 33.49 16.75
N ASP E 37 65.01 33.74 15.47
CA ASP E 37 65.71 32.98 14.46
C ASP E 37 65.76 33.71 13.10
N GLU E 40 67.76 32.55 9.95
CA GLU E 40 68.29 33.82 9.52
C GLU E 40 69.14 33.61 8.27
N THR E 41 70.08 32.68 8.39
CA THR E 41 71.00 32.33 7.32
C THR E 41 70.33 32.21 5.95
N ILE E 42 70.25 30.98 5.46
CA ILE E 42 69.64 30.69 4.17
C ILE E 42 68.21 31.22 4.13
N GLN E 43 67.95 32.22 3.29
CA GLN E 43 66.60 32.78 3.18
C GLN E 43 65.58 31.66 3.01
N GLY E 44 66.04 30.54 2.48
CA GLY E 44 65.18 29.38 2.29
C GLY E 44 64.79 28.81 3.63
N LEU E 45 65.78 28.60 4.49
CA LEU E 45 65.56 28.06 5.84
C LEU E 45 64.48 28.86 6.54
N ARG E 46 64.30 30.12 6.12
CA ARG E 46 63.29 30.98 6.71
C ARG E 46 61.91 30.47 6.31
N ALA E 47 61.54 30.72 5.05
CA ALA E 47 60.26 30.28 4.53
C ALA E 47 60.13 28.76 4.62
N ASN E 48 61.16 28.11 5.14
CA ASN E 48 61.18 26.67 5.30
C ASN E 48 60.88 26.27 6.73
N LEU E 49 61.83 26.53 7.61
CA LEU E 49 61.71 26.17 9.02
C LEU E 49 60.36 26.53 9.61
N THR E 50 59.82 27.70 9.27
CA THR E 50 58.52 28.10 9.80
C THR E 50 57.41 27.14 9.34
N SER E 51 57.39 26.79 8.07
CA SER E 51 56.40 25.85 7.56
C SER E 51 56.86 24.46 7.96
N ALA E 52 58.11 24.37 8.43
CA ALA E 52 58.68 23.12 8.87
C ALA E 52 58.41 22.97 10.36
N ILE E 53 57.62 23.89 10.89
CA ILE E 53 57.27 23.88 12.30
C ILE E 53 55.80 24.18 12.58
N GLU E 54 55.07 24.65 11.56
CA GLU E 54 53.65 24.92 11.73
C GLU E 54 53.01 23.55 11.83
N THR E 55 53.68 22.58 11.21
CA THR E 55 53.22 21.21 11.22
C THR E 55 53.69 20.58 12.52
N LEU E 56 54.87 20.99 12.98
CA LEU E 56 55.43 20.47 14.21
C LEU E 56 54.44 20.75 15.34
N CYS E 57 54.03 22.01 15.50
CA CYS E 57 53.04 22.32 16.54
C CYS E 57 51.67 21.88 16.01
N GLY E 58 51.75 20.99 15.02
CA GLY E 58 50.56 20.40 14.44
C GLY E 58 50.35 19.26 15.42
N VAL E 59 50.89 19.49 16.63
CA VAL E 59 50.83 18.59 17.76
C VAL E 59 49.51 18.90 18.47
N ASP E 60 48.62 19.56 17.73
CA ASP E 60 47.32 19.94 18.21
C ASP E 60 46.24 19.10 17.50
N SER E 61 46.43 18.89 16.20
CA SER E 61 45.51 18.10 15.36
C SER E 61 44.37 18.93 14.83
N SER E 62 44.25 20.18 15.29
CA SER E 62 43.18 21.06 14.85
C SER E 62 43.49 21.76 13.54
N VAL E 63 42.43 22.05 12.79
CA VAL E 63 42.56 22.75 11.52
C VAL E 63 42.80 24.23 11.77
N ALA E 64 42.25 24.75 12.87
CA ALA E 64 42.44 26.17 13.19
C ALA E 64 43.93 26.49 13.17
N VAL E 65 44.71 25.64 13.82
CA VAL E 65 46.15 25.81 13.87
C VAL E 65 46.75 25.84 12.46
N SER E 66 46.37 24.87 11.64
CA SER E 66 46.87 24.80 10.28
C SER E 66 46.45 25.99 9.43
N SER E 67 45.16 26.34 9.45
CA SER E 67 44.67 27.47 8.65
C SER E 67 45.14 28.80 9.19
N GLY E 68 45.22 28.90 10.52
CA GLY E 68 45.68 30.14 11.14
C GLY E 68 47.11 30.34 10.70
N GLY E 69 47.90 29.27 10.77
CA GLY E 69 49.28 29.31 10.38
C GLY E 69 49.50 29.63 8.91
N GLU E 70 48.77 28.97 8.02
CA GLU E 70 48.94 29.25 6.60
C GLU E 70 48.60 30.73 6.35
N LEU E 71 47.53 31.23 6.96
CA LEU E 71 47.13 32.61 6.78
C LEU E 71 48.21 33.58 7.25
N PHE E 72 48.87 33.21 8.33
CA PHE E 72 49.94 34.02 8.91
C PHE E 72 51.12 34.09 7.94
N LEU E 73 51.75 32.95 7.70
CA LEU E 73 52.89 32.87 6.81
C LEU E 73 52.63 33.56 5.47
N ARG E 74 51.38 33.55 5.01
CA ARG E 74 51.04 34.19 3.74
C ARG E 74 51.00 35.71 3.89
N PHE E 75 50.50 36.18 5.03
CA PHE E 75 50.39 37.61 5.27
C PHE E 75 51.75 38.27 5.42
N ILE E 76 52.69 37.55 6.03
CA ILE E 76 54.03 38.07 6.23
C ILE E 76 54.91 37.77 5.02
N SER E 77 54.41 38.09 3.83
CA SER E 77 55.17 37.84 2.60
C SER E 77 55.22 39.05 1.67
N LEU E 78 56.40 39.25 1.05
CA LEU E 78 56.66 40.36 0.14
C LEU E 78 56.37 41.70 0.82
N SER E 87 69.24 43.10 1.75
CA SER E 87 67.80 42.96 1.89
C SER E 87 67.41 41.85 2.86
N LYS E 88 68.39 41.33 3.61
CA LYS E 88 68.08 40.28 4.59
C LYS E 88 67.44 40.98 5.79
N CYS E 89 66.94 42.18 5.53
CA CYS E 89 66.26 43.01 6.52
C CYS E 89 64.77 42.89 6.23
N LYS E 90 64.43 41.84 5.49
CA LYS E 90 63.05 41.58 5.15
C LYS E 90 62.35 41.12 6.41
N LYS E 91 62.90 41.51 7.56
CA LYS E 91 62.32 41.17 8.84
C LYS E 91 61.21 42.17 9.10
N ILE E 92 60.66 42.70 8.01
CA ILE E 92 59.56 43.62 8.07
C ILE E 92 58.42 42.64 8.37
N ILE E 94 58.28 40.52 10.72
CA ILE E 94 57.94 40.58 12.13
C ILE E 94 56.95 41.69 12.46
N GLU E 95 57.06 42.84 11.80
CA GLU E 95 56.11 43.91 12.09
C GLU E 95 54.78 43.62 11.41
N ARG E 96 54.83 42.78 10.38
CA ARG E 96 53.64 42.38 9.65
C ARG E 96 52.94 41.39 10.57
N GLY E 97 53.71 40.47 11.11
CA GLY E 97 53.17 39.47 12.01
C GLY E 97 52.47 40.08 13.22
N GLU E 98 53.03 41.15 13.76
CA GLU E 98 52.41 41.80 14.90
C GLU E 98 51.14 42.54 14.49
N LEU E 99 51.11 42.96 13.22
CA LEU E 99 49.95 43.66 12.69
C LEU E 99 48.83 42.65 12.56
N PHE E 100 49.19 41.47 12.07
CA PHE E 100 48.25 40.36 11.88
C PHE E 100 47.75 39.82 13.22
N LEU E 101 48.60 39.85 14.23
CA LEU E 101 48.26 39.34 15.55
C LEU E 101 47.42 40.36 16.30
N ARG E 102 47.62 41.63 15.96
CA ARG E 102 46.87 42.72 16.57
C ARG E 102 45.49 42.72 15.91
N ARG E 103 45.47 42.50 14.60
CA ARG E 103 44.23 42.46 13.82
C ARG E 103 43.29 41.32 14.20
N ILE E 104 43.81 40.12 14.44
CA ILE E 104 42.94 38.99 14.79
C ILE E 104 42.55 38.93 16.26
N SER E 105 43.07 39.84 17.08
CA SER E 105 42.72 39.83 18.50
C SER E 105 41.49 40.70 18.78
N LEU E 106 40.84 41.14 17.71
CA LEU E 106 39.64 41.95 17.86
C LEU E 106 38.42 41.18 17.36
N SER E 107 38.71 40.05 16.69
CA SER E 107 37.68 39.19 16.09
C SER E 107 36.53 38.79 16.99
N ARG E 108 36.80 38.05 18.06
CA ARG E 108 35.72 37.63 18.95
C ARG E 108 34.73 38.77 19.21
N ASN E 109 35.22 39.90 19.69
CA ASN E 109 34.34 41.03 19.96
C ASN E 109 33.57 41.42 18.72
N LYS E 110 34.24 41.51 17.58
CA LYS E 110 33.55 41.85 16.34
C LYS E 110 32.32 40.96 16.19
N ILE E 111 32.51 39.66 16.41
CA ILE E 111 31.44 38.68 16.29
C ILE E 111 30.42 38.74 17.43
N ALA E 112 30.92 38.81 18.67
CA ALA E 112 30.06 38.84 19.85
C ALA E 112 28.98 39.91 19.74
N ASP E 113 29.24 40.94 18.94
CA ASP E 113 28.26 42.01 18.79
C ASP E 113 27.71 42.12 17.38
N LEU E 114 28.24 41.30 16.48
CA LEU E 114 27.78 41.29 15.10
C LEU E 114 26.50 40.48 15.00
N CYS E 115 26.17 39.74 16.06
CA CYS E 115 24.98 38.90 16.10
C CYS E 115 24.16 39.07 17.38
N HIS E 116 24.23 40.26 17.96
CA HIS E 116 23.50 40.53 19.19
C HIS E 116 22.01 40.56 18.82
N THR E 117 21.74 40.95 17.59
CA THR E 117 20.37 41.04 17.12
C THR E 117 19.74 39.67 16.87
N PHE E 118 20.56 38.64 16.65
CA PHE E 118 20.02 37.31 16.42
C PHE E 118 19.69 36.58 17.70
N ILE E 119 20.28 37.03 18.81
CA ILE E 119 19.98 36.42 20.09
C ILE E 119 18.81 37.22 20.62
N LYS E 120 17.62 36.64 20.54
CA LYS E 120 16.41 37.31 20.98
C LYS E 120 16.02 37.04 22.42
N ASP E 121 15.50 38.07 23.08
CA ASP E 121 15.08 37.98 24.47
C ASP E 121 14.03 36.87 24.62
N GLY E 122 14.14 36.08 25.68
CA GLY E 122 13.20 34.99 25.91
C GLY E 122 13.46 33.75 25.05
N ALA E 123 14.61 33.69 24.40
CA ALA E 123 14.92 32.54 23.55
C ALA E 123 15.58 31.43 24.33
N THR E 124 15.49 30.23 23.77
CA THR E 124 16.10 29.05 24.37
C THR E 124 17.14 28.66 23.36
N ILE E 125 18.40 28.70 23.77
CA ILE E 125 19.53 28.38 22.90
C ILE E 125 20.17 27.02 23.15
N LEU E 126 20.52 26.32 22.07
CA LEU E 126 21.21 25.04 22.19
C LEU E 126 22.63 25.14 21.58
N THR E 127 23.64 24.65 22.30
CA THR E 127 25.01 24.65 21.77
C THR E 127 25.62 23.31 22.06
N HIS E 128 26.79 23.08 21.48
CA HIS E 128 27.51 21.84 21.62
C HIS E 128 28.90 22.08 22.19
N ALA E 129 29.24 21.33 23.22
CA ALA E 129 30.55 21.42 23.84
C ALA E 129 30.96 22.82 24.31
N TYR E 130 32.26 23.05 24.39
CA TYR E 130 32.75 24.34 24.84
C TYR E 130 33.23 25.17 23.66
N SER E 131 32.99 26.47 23.72
CA SER E 131 33.43 27.36 22.67
C SER E 131 33.73 28.72 23.23
N ARG E 132 34.98 29.14 23.08
CA ARG E 132 35.39 30.44 23.54
C ARG E 132 34.56 31.52 22.84
N VAL E 133 34.32 31.35 21.54
CA VAL E 133 33.54 32.33 20.79
C VAL E 133 32.04 32.40 21.10
N VAL E 134 31.36 31.26 21.33
CA VAL E 134 29.95 31.37 21.64
C VAL E 134 29.85 32.00 23.03
N LEU E 135 30.78 31.63 23.92
CA LEU E 135 30.80 32.19 25.28
C LEU E 135 30.74 33.74 25.22
N ARG E 136 31.63 34.35 24.44
CA ARG E 136 31.64 35.79 24.31
C ARG E 136 30.33 36.28 23.72
N VAL E 137 29.85 35.62 22.68
CA VAL E 137 28.59 36.01 22.06
C VAL E 137 27.50 36.14 23.13
N LEU E 138 27.31 35.07 23.91
CA LEU E 138 26.30 35.02 24.97
C LEU E 138 26.62 35.97 26.10
N GLU E 139 27.90 36.06 26.44
CA GLU E 139 28.37 36.95 27.50
C GLU E 139 28.00 38.36 27.10
N ALA E 140 28.08 38.65 25.81
CA ALA E 140 27.75 39.97 25.31
C ALA E 140 26.24 40.15 25.40
N ALA E 141 25.50 39.05 25.25
CA ALA E 141 24.05 39.07 25.29
C ALA E 141 23.49 39.33 26.69
N VAL E 142 24.09 38.74 27.71
CA VAL E 142 23.61 38.95 29.08
C VAL E 142 23.94 40.34 29.57
N ALA E 143 25.15 40.81 29.23
CA ALA E 143 25.58 42.13 29.64
C ALA E 143 24.83 43.19 28.85
N ALA E 144 23.92 42.75 28.00
CA ALA E 144 23.11 43.66 27.21
C ALA E 144 21.66 43.50 27.68
N LYS E 145 21.49 42.83 28.83
CA LYS E 145 20.19 42.59 29.44
C LYS E 145 19.23 41.67 28.71
N LYS E 146 19.76 40.85 27.80
CA LYS E 146 18.91 39.92 27.08
C LYS E 146 18.65 38.76 28.03
N ARG E 147 17.41 38.29 28.07
CA ARG E 147 17.03 37.19 28.95
C ARG E 147 16.86 35.91 28.15
N PHE E 148 17.76 34.94 28.35
CA PHE E 148 17.70 33.68 27.63
C PHE E 148 18.16 32.46 28.43
N SER E 149 17.80 31.29 27.92
CA SER E 149 18.14 30.01 28.56
C SER E 149 19.05 29.18 27.61
N VAL E 150 19.79 28.24 28.16
CA VAL E 150 20.68 27.44 27.32
C VAL E 150 20.74 25.95 27.63
N TYR E 151 20.84 25.16 26.57
CA TYR E 151 20.99 23.71 26.64
C TYR E 151 22.34 23.43 25.98
N VAL E 152 23.18 22.63 26.61
CA VAL E 152 24.47 22.28 26.03
C VAL E 152 24.78 20.82 26.31
N THR E 153 25.22 20.11 25.27
CA THR E 153 25.60 18.70 25.34
C THR E 153 26.85 18.58 26.21
N GLU E 154 26.99 17.46 26.93
CA GLU E 154 28.17 17.28 27.79
C GLU E 154 29.43 17.10 26.94
N SER E 155 29.24 16.55 25.75
CA SER E 155 30.31 16.34 24.78
C SER E 155 31.47 15.45 25.20
N GLN E 156 31.30 14.15 25.02
CA GLN E 156 32.33 13.16 25.32
C GLN E 156 33.51 13.37 24.36
N PRO E 157 34.72 12.95 24.76
CA PRO E 157 35.09 12.32 26.02
C PRO E 157 35.60 13.29 27.06
N ASP E 158 36.00 14.48 26.63
CA ASP E 158 36.50 15.48 27.56
C ASP E 158 35.43 16.16 28.42
N LEU E 159 34.17 15.97 28.07
CA LEU E 159 33.08 16.59 28.83
C LEU E 159 33.28 18.10 28.87
N SER E 160 33.71 18.68 27.74
CA SER E 160 33.95 20.12 27.68
C SER E 160 32.64 20.89 27.72
N GLY E 161 31.54 20.21 27.45
CA GLY E 161 30.26 20.88 27.51
C GLY E 161 29.91 21.22 28.96
N LYS E 162 30.39 20.41 29.91
CA LYS E 162 30.13 20.66 31.34
C LYS E 162 30.88 21.90 31.77
N LYS E 163 32.10 22.03 31.27
CA LYS E 163 32.95 23.18 31.54
C LYS E 163 32.23 24.42 31.02
N ALA E 165 29.10 24.76 30.74
CA ALA E 165 27.94 24.96 31.61
C ALA E 165 28.28 25.73 32.87
N LYS E 166 29.43 25.43 33.45
CA LYS E 166 29.85 26.14 34.64
C LYS E 166 30.08 27.57 34.23
N ALA E 167 30.67 27.76 33.06
CA ALA E 167 30.96 29.10 32.58
C ALA E 167 29.71 29.94 32.40
N LEU E 168 28.65 29.33 31.88
CA LEU E 168 27.42 30.07 31.67
C LEU E 168 26.71 30.34 32.99
N CYS E 169 26.92 29.45 33.94
CA CYS E 169 26.35 29.60 35.26
C CYS E 169 26.96 30.84 35.93
N HIS E 170 28.26 31.03 35.76
CA HIS E 170 28.93 32.18 36.36
C HIS E 170 28.49 33.51 35.76
N LEU E 171 27.80 33.46 34.63
CA LEU E 171 27.29 34.66 34.01
C LEU E 171 25.81 34.75 34.39
N ASN E 172 25.44 33.89 35.32
CA ASN E 172 24.07 33.80 35.82
C ASN E 172 23.05 33.54 34.72
N VAL E 173 23.42 32.68 33.78
CA VAL E 173 22.55 32.28 32.68
C VAL E 173 21.95 30.90 33.00
N PRO E 174 20.62 30.76 32.92
CA PRO E 174 20.08 29.44 33.24
C PRO E 174 20.62 28.46 32.21
N VAL E 175 21.17 27.34 32.69
CA VAL E 175 21.74 26.35 31.78
C VAL E 175 21.56 24.91 32.20
N THR E 176 21.20 24.09 31.22
CA THR E 176 20.99 22.66 31.46
C THR E 176 21.95 21.81 30.64
N VAL E 177 22.54 20.80 31.28
CA VAL E 177 23.43 19.88 30.59
C VAL E 177 22.66 18.62 30.22
N VAL E 178 22.87 18.14 29.00
CA VAL E 178 22.19 16.95 28.52
C VAL E 178 23.19 16.02 27.83
N LEU E 179 22.95 14.72 27.90
CA LEU E 179 23.81 13.73 27.25
C LEU E 179 23.86 14.01 25.74
N ASP E 180 24.94 13.60 25.07
CA ASP E 180 25.04 13.83 23.63
C ASP E 180 23.91 13.10 22.93
N ALA E 181 23.48 11.99 23.51
CA ALA E 181 22.41 11.18 22.93
C ALA E 181 21.01 11.79 23.07
N ALA E 182 20.92 12.93 23.76
CA ALA E 182 19.63 13.58 24.00
C ALA E 182 19.31 14.79 23.10
N VAL E 183 20.21 15.10 22.17
CA VAL E 183 19.98 16.22 21.27
C VAL E 183 18.68 16.06 20.47
N GLY E 184 18.51 14.93 19.78
CA GLY E 184 17.28 14.71 19.04
C GLY E 184 16.03 14.95 19.89
N TYR E 185 16.11 14.54 21.15
CA TYR E 185 15.05 14.67 22.15
C TYR E 185 14.73 16.08 22.68
N ILE E 186 15.78 16.86 22.88
CA ILE E 186 15.66 18.20 23.43
C ILE E 186 15.43 19.28 22.37
N GLU E 188 13.17 20.01 20.13
CA GLU E 188 11.88 20.67 20.07
C GLU E 188 11.75 21.79 21.09
N LYS E 189 12.58 21.77 22.14
CA LYS E 189 12.55 22.78 23.20
C LYS E 189 13.36 24.04 22.88
N ALA E 190 14.25 23.99 21.89
CA ALA E 190 15.06 25.15 21.57
C ALA E 190 14.52 26.02 20.44
N ASP E 191 14.95 27.27 20.42
CA ASP E 191 14.53 28.21 19.41
C ASP E 191 15.58 28.24 18.31
N LEU E 192 16.83 28.03 18.71
CA LEU E 192 17.91 28.03 17.75
C LEU E 192 19.18 27.40 18.28
N VAL E 193 20.08 27.10 17.36
CA VAL E 193 21.35 26.52 17.73
C VAL E 193 22.47 27.48 17.32
N ILE E 194 23.43 27.67 18.23
CA ILE E 194 24.60 28.50 17.99
C ILE E 194 25.80 27.61 18.28
N VAL E 195 26.79 27.64 17.40
CA VAL E 195 27.96 26.78 17.58
C VAL E 195 29.25 27.38 17.05
N GLY E 196 30.37 26.87 17.54
CA GLY E 196 31.66 27.34 17.08
C GLY E 196 32.14 26.49 15.90
N ALA E 197 33.33 26.78 15.42
CA ALA E 197 33.86 26.01 14.31
C ALA E 197 35.35 25.86 14.51
N GLU E 198 35.85 24.65 14.29
CA GLU E 198 37.28 24.45 14.41
C GLU E 198 37.82 24.84 13.05
N GLY E 199 36.98 24.79 12.02
CA GLY E 199 37.42 25.16 10.69
C GLY E 199 36.29 25.46 9.70
N VAL E 200 36.32 26.62 9.05
CA VAL E 200 35.29 26.90 8.07
C VAL E 200 35.83 26.50 6.71
N VAL E 201 35.20 25.51 6.12
CA VAL E 201 35.61 24.93 4.87
C VAL E 201 35.20 25.71 3.61
N GLU E 202 35.88 25.44 2.51
CA GLU E 202 35.64 26.17 1.28
C GLU E 202 34.24 26.27 0.73
N ASN E 203 33.38 25.33 1.07
CA ASN E 203 32.00 25.39 0.58
C ASN E 203 31.08 26.01 1.61
N GLY E 204 31.65 26.46 2.72
CA GLY E 204 30.83 27.04 3.76
C GLY E 204 30.46 26.06 4.86
N GLY E 205 30.80 24.78 4.67
CA GLY E 205 30.54 23.79 5.70
C GLY E 205 31.55 24.02 6.82
N ILE E 206 31.54 23.19 7.86
CA ILE E 206 32.50 23.36 8.96
C ILE E 206 33.00 22.08 9.64
N ILE E 207 34.24 22.12 10.10
CA ILE E 207 34.80 20.99 10.83
C ILE E 207 34.65 21.39 12.30
N ASN E 208 34.10 20.50 13.14
CA ASN E 208 33.89 20.83 14.55
C ASN E 208 33.84 19.63 15.48
N LYS E 209 33.98 19.88 16.77
CA LYS E 209 33.94 18.81 17.77
C LYS E 209 32.92 17.77 17.34
N ILE E 210 33.32 16.50 17.37
CA ILE E 210 32.47 15.38 16.99
C ILE E 210 31.10 15.56 17.66
N GLY E 211 30.03 15.47 16.87
CA GLY E 211 28.68 15.64 17.40
C GLY E 211 27.96 16.85 16.79
N THR E 212 28.72 17.76 16.17
CA THR E 212 28.13 18.94 15.57
C THR E 212 27.21 18.61 14.42
N ASN E 213 27.63 17.64 13.62
CA ASN E 213 26.85 17.18 12.49
C ASN E 213 25.43 16.76 12.88
N GLN E 214 25.33 15.87 13.87
CA GLN E 214 24.04 15.37 14.37
C GLN E 214 23.10 16.47 14.81
N ALA E 216 23.10 19.57 13.82
CA ALA E 216 22.68 20.28 12.63
C ALA E 216 21.56 19.55 11.91
N VAL E 217 21.69 18.23 11.79
CA VAL E 217 20.67 17.44 11.11
C VAL E 217 19.34 17.48 11.88
N CYS E 218 19.38 17.37 13.21
CA CYS E 218 18.15 17.42 13.98
C CYS E 218 17.58 18.82 13.97
N ALA E 219 18.43 19.81 13.74
CA ALA E 219 17.97 21.20 13.66
C ALA E 219 17.23 21.42 12.35
N LYS E 220 17.81 20.94 11.25
CA LYS E 220 17.19 21.09 9.95
C LYS E 220 15.84 20.36 9.94
N ALA E 221 15.84 19.15 10.47
CA ALA E 221 14.63 18.33 10.52
C ALA E 221 13.47 19.02 11.21
N GLN E 222 13.76 19.93 12.13
CA GLN E 222 12.72 20.66 12.84
C GLN E 222 12.76 22.14 12.51
N ASN E 223 13.51 22.48 11.47
CA ASN E 223 13.63 23.85 11.02
C ASN E 223 13.96 24.87 12.09
N LYS E 224 14.99 24.58 12.88
CA LYS E 224 15.46 25.48 13.92
C LYS E 224 16.69 26.10 13.27
N PRO E 225 16.81 27.43 13.30
CA PRO E 225 18.02 27.98 12.67
C PRO E 225 19.28 27.52 13.38
N PHE E 226 20.26 27.13 12.59
CA PHE E 226 21.55 26.66 13.09
C PHE E 226 22.55 27.74 12.71
N TYR E 227 23.04 28.47 13.70
CA TYR E 227 24.03 29.53 13.43
C TYR E 227 25.44 29.13 13.81
N VAL E 228 26.42 29.73 13.15
CA VAL E 228 27.80 29.41 13.42
C VAL E 228 28.60 30.69 13.62
N VAL E 229 29.43 30.70 14.66
CA VAL E 229 30.28 31.85 14.95
C VAL E 229 31.74 31.41 14.94
N ALA E 230 32.55 32.06 14.12
CA ALA E 230 33.96 31.68 14.02
C ALA E 230 34.85 32.81 13.52
N GLU E 231 36.12 32.81 13.94
CA GLU E 231 37.06 33.85 13.53
C GLU E 231 37.52 33.55 12.10
N SER E 232 37.80 34.59 11.31
CA SER E 232 38.21 34.36 9.92
C SER E 232 39.53 33.60 9.76
N PHE E 233 40.35 33.53 10.80
CA PHE E 233 41.59 32.78 10.65
C PHE E 233 41.32 31.29 10.55
N LYS E 234 40.05 30.90 10.77
CA LYS E 234 39.67 29.50 10.70
C LYS E 234 39.23 29.09 9.30
N PHE E 235 39.24 30.03 8.36
CA PHE E 235 38.87 29.73 6.97
C PHE E 235 40.01 28.87 6.44
N VAL E 236 39.73 27.61 6.18
CA VAL E 236 40.77 26.71 5.72
C VAL E 236 40.62 26.35 4.25
N ARG E 237 41.75 25.99 3.63
CA ARG E 237 41.78 25.60 2.23
C ARG E 237 41.42 24.12 2.10
N LEU E 238 40.14 23.78 2.19
CA LEU E 238 39.71 22.40 2.05
C LEU E 238 38.32 22.38 1.46
N PHE E 239 38.05 21.39 0.61
CA PHE E 239 36.72 21.26 0.02
C PHE E 239 36.13 19.86 0.25
N PRO E 240 35.82 19.53 1.52
CA PRO E 240 35.27 18.20 1.75
C PRO E 240 33.77 18.15 1.37
N LEU E 241 33.32 16.98 0.95
CA LEU E 241 31.92 16.80 0.58
C LEU E 241 31.23 15.78 1.48
N ASN E 242 32.02 15.04 2.25
CA ASN E 242 31.52 14.04 3.18
C ASN E 242 32.59 13.77 4.22
N GLN E 243 32.21 13.08 5.30
CA GLN E 243 33.15 12.80 6.40
C GLN E 243 34.52 12.28 5.99
N GLN E 244 34.52 11.35 5.06
CA GLN E 244 35.75 10.73 4.60
C GLN E 244 36.72 11.72 3.98
N ASP E 245 36.20 12.82 3.44
CA ASP E 245 37.02 13.84 2.81
C ASP E 245 37.92 14.60 3.77
N VAL E 246 37.52 14.65 5.04
CA VAL E 246 38.31 15.34 6.02
C VAL E 246 39.55 14.51 6.28
N PRO E 247 40.75 15.13 6.19
CA PRO E 247 42.05 14.47 6.41
C PRO E 247 42.15 13.95 7.83
N ASP E 248 42.66 12.74 8.01
CA ASP E 248 42.78 12.17 9.36
C ASP E 248 43.61 13.04 10.31
N LYS E 249 44.55 13.79 9.75
CA LYS E 249 45.39 14.70 10.54
C LYS E 249 44.53 15.41 11.58
N PHE E 250 43.36 15.84 11.14
CA PHE E 250 42.43 16.60 11.96
C PHE E 250 41.43 15.82 12.81
N LYS E 251 41.11 14.59 12.41
CA LYS E 251 40.17 13.79 13.18
C LYS E 251 40.82 13.17 14.40
N TYR E 252 42.11 12.84 14.30
CA TYR E 252 42.80 12.21 15.43
C TYR E 252 44.01 12.98 15.93
N ASP E 265 35.83 -9.10 15.05
CA ASP E 265 36.90 -8.34 15.70
C ASP E 265 36.40 -6.96 16.14
N LEU E 266 36.45 -6.77 17.45
CA LEU E 266 36.01 -5.54 18.13
C LEU E 266 36.97 -4.37 17.93
N LYS E 267 36.41 -3.23 17.50
CA LYS E 267 37.19 -2.04 17.25
C LYS E 267 36.49 -0.81 17.81
N GLU E 268 37.20 0.30 17.82
CA GLU E 268 36.67 1.57 18.31
C GLU E 268 37.16 2.66 17.38
N GLU E 269 36.30 3.65 17.15
CA GLU E 269 36.64 4.80 16.32
C GLU E 269 36.39 6.02 17.17
N HIS E 270 37.42 6.84 17.37
CA HIS E 270 37.26 8.03 18.19
C HIS E 270 37.59 9.34 17.46
N PRO E 271 36.85 9.66 16.39
CA PRO E 271 37.14 10.92 15.67
C PRO E 271 36.85 12.08 16.61
N TRP E 272 37.62 13.16 16.48
CA TRP E 272 37.46 14.34 17.33
C TRP E 272 36.59 15.40 16.71
N VAL E 273 36.48 15.37 15.39
CA VAL E 273 35.66 16.34 14.71
C VAL E 273 34.92 15.65 13.59
N ASP E 274 33.82 16.25 13.16
CA ASP E 274 33.07 15.73 12.02
C ASP E 274 32.80 16.95 11.13
N TYR E 275 32.19 16.72 9.97
CA TYR E 275 31.91 17.79 9.02
C TYR E 275 30.40 18.03 8.88
N THR E 276 30.01 19.30 8.83
CA THR E 276 28.62 19.69 8.68
C THR E 276 28.46 20.40 7.33
N ALA E 277 27.79 19.74 6.38
CA ALA E 277 27.59 20.34 5.05
C ALA E 277 27.01 21.73 5.18
N PRO E 278 27.25 22.59 4.17
CA PRO E 278 26.73 23.95 4.20
C PRO E 278 25.22 24.01 4.14
N SER E 279 24.59 22.99 3.56
CA SER E 279 23.13 22.95 3.46
C SER E 279 22.48 22.96 4.85
N LEU E 280 23.24 22.52 5.85
CA LEU E 280 22.73 22.46 7.23
C LEU E 280 23.00 23.71 8.05
N ILE E 281 23.59 24.73 7.43
CA ILE E 281 23.94 25.97 8.13
C ILE E 281 23.12 27.18 7.66
N THR E 282 22.60 27.94 8.61
CA THR E 282 21.79 29.12 8.28
C THR E 282 22.65 30.35 8.04
N LEU E 283 23.50 30.69 9.00
CA LEU E 283 24.38 31.85 8.89
C LEU E 283 25.68 31.66 9.63
N LEU E 284 26.72 32.30 9.11
CA LEU E 284 28.02 32.26 9.75
C LEU E 284 28.28 33.67 10.21
N PHE E 285 28.50 33.83 11.51
CA PHE E 285 28.83 35.13 12.06
C PHE E 285 30.34 35.19 12.21
N THR E 286 30.97 35.95 11.32
CA THR E 286 32.40 36.07 11.30
C THR E 286 32.85 37.52 11.53
N ASP E 287 34.15 37.72 11.74
CA ASP E 287 34.66 39.06 11.94
C ASP E 287 34.73 39.80 10.59
N LEU E 288 34.26 39.15 9.54
CA LEU E 288 34.21 39.75 8.21
C LEU E 288 32.74 40.03 7.89
N GLY E 289 31.89 39.89 8.91
CA GLY E 289 30.47 40.12 8.75
C GLY E 289 29.64 38.84 8.77
N VAL E 290 28.33 38.97 8.55
CA VAL E 290 27.43 37.83 8.51
C VAL E 290 27.51 37.21 7.12
N LEU E 291 27.52 35.88 7.03
CA LEU E 291 27.64 35.24 5.73
C LEU E 291 26.71 34.07 5.53
N THR E 292 26.32 33.83 4.29
CA THR E 292 25.51 32.67 3.96
C THR E 292 26.59 31.64 3.60
N PRO E 293 26.42 30.38 4.03
CA PRO E 293 27.44 29.39 3.70
C PRO E 293 27.99 29.48 2.26
N SER E 294 27.13 29.69 1.28
CA SER E 294 27.59 29.74 -0.11
C SER E 294 28.54 30.90 -0.43
N ALA E 295 28.48 31.98 0.34
CA ALA E 295 29.35 33.13 0.12
C ALA E 295 30.74 32.99 0.73
N VAL E 296 31.00 31.91 1.44
CA VAL E 296 32.29 31.74 2.09
C VAL E 296 33.50 31.69 1.15
N SER E 297 33.39 30.96 0.04
CA SER E 297 34.51 30.84 -0.90
C SER E 297 34.96 32.20 -1.44
N ASP E 298 34.02 33.04 -1.81
CA ASP E 298 34.40 34.33 -2.36
C ASP E 298 35.09 35.15 -1.28
N GLU E 299 34.70 34.92 -0.03
CA GLU E 299 35.26 35.62 1.12
C GLU E 299 36.69 35.22 1.38
N LEU E 300 37.01 33.95 1.16
CA LEU E 300 38.37 33.53 1.38
C LEU E 300 39.26 34.26 0.39
N ILE E 301 38.91 34.23 -0.89
CA ILE E 301 39.74 34.91 -1.88
C ILE E 301 39.71 36.43 -1.69
N LYS E 302 38.61 36.99 -1.19
CA LYS E 302 38.58 38.43 -0.96
C LYS E 302 39.55 38.73 0.17
N LEU E 303 39.62 37.80 1.11
CA LEU E 303 40.48 37.94 2.28
C LEU E 303 41.97 37.98 1.89
N TYR E 304 42.40 37.03 1.05
CA TYR E 304 43.79 36.98 0.60
C TYR E 304 44.14 38.27 -0.16
N LEU E 305 43.25 38.70 -1.05
CA LEU E 305 43.47 39.91 -1.80
C LEU E 305 43.46 41.09 -0.84
N ALA E 306 44.02 40.89 0.33
CA ALA E 306 44.16 41.94 1.32
C ALA E 306 45.62 42.33 1.09
N ALA E 307 45.84 43.06 -0.01
CA ALA E 307 47.17 43.53 -0.45
C ALA E 307 48.25 42.46 -0.29
N ASP F 2 -18.04 37.93 28.21
CA ASP F 2 -18.09 37.04 29.36
C ASP F 2 -18.91 35.79 29.02
N ASP F 3 -18.96 34.85 29.95
CA ASP F 3 -19.70 33.60 29.77
C ASP F 3 -21.10 33.75 29.19
N LYS F 4 -21.86 34.71 29.70
CA LYS F 4 -23.21 34.93 29.19
C LYS F 4 -23.15 35.14 27.68
N GLU F 5 -22.36 36.13 27.29
CA GLU F 5 -22.19 36.48 25.88
C GLU F 5 -21.81 35.28 25.01
N LEU F 6 -20.75 34.56 25.40
CA LEU F 6 -20.28 33.39 24.66
C LEU F 6 -21.43 32.46 24.29
N ILE F 7 -22.04 31.86 25.31
CA ILE F 7 -23.13 30.94 25.10
C ILE F 7 -24.22 31.52 24.19
N GLU F 8 -24.42 32.83 24.27
CA GLU F 8 -25.45 33.49 23.46
C GLU F 8 -24.92 33.58 22.04
N TYR F 9 -23.71 34.13 21.91
CA TYR F 9 -23.06 34.28 20.61
C TYR F 9 -23.03 32.94 19.87
N PHE F 10 -22.49 31.94 20.53
CA PHE F 10 -22.39 30.60 19.95
C PHE F 10 -23.74 30.13 19.47
N LYS F 11 -24.75 30.27 20.31
CA LYS F 11 -26.08 29.83 19.96
C LYS F 11 -26.74 30.61 18.82
N SER F 12 -26.41 31.89 18.67
CA SER F 12 -26.99 32.69 17.59
C SER F 12 -26.23 32.54 16.26
N GLN F 13 -25.10 31.83 16.29
CA GLN F 13 -24.32 31.59 15.09
C GLN F 13 -25.06 30.50 14.34
N LYS F 15 -28.08 29.77 15.13
CA LYS F 15 -29.42 30.33 15.01
C LYS F 15 -29.56 30.86 13.59
N GLU F 16 -28.79 31.92 13.29
CA GLU F 16 -28.80 32.54 11.98
C GLU F 16 -28.52 31.56 10.85
N ASP F 17 -28.26 30.31 11.19
CA ASP F 17 -27.97 29.31 10.18
C ASP F 17 -27.89 27.91 10.76
N PRO F 18 -28.98 27.14 10.66
CA PRO F 18 -29.04 25.77 11.17
C PRO F 18 -28.14 24.81 10.41
N ASP F 19 -27.81 25.17 9.18
CA ASP F 19 -26.96 24.32 8.36
C ASP F 19 -25.48 24.37 8.72
N ALA F 21 -22.14 23.73 11.03
CA ALA F 21 -21.65 22.68 11.90
C ALA F 21 -21.38 23.29 13.28
N SER F 22 -21.59 22.49 14.31
CA SER F 22 -21.37 22.95 15.66
C SER F 22 -19.94 23.40 15.93
N ALA F 23 -18.98 22.65 15.43
CA ALA F 23 -17.59 23.00 15.67
C ALA F 23 -17.22 24.32 15.00
N VAL F 24 -17.81 24.59 13.83
CA VAL F 24 -17.51 25.84 13.13
C VAL F 24 -18.15 27.02 13.89
N ALA F 25 -19.38 26.83 14.37
CA ALA F 25 -20.06 27.88 15.13
C ALA F 25 -19.27 28.16 16.40
N ALA F 26 -18.73 27.10 16.98
CA ALA F 26 -17.96 27.21 18.19
C ALA F 26 -16.62 27.86 17.93
N ILE F 27 -16.01 27.55 16.79
CA ILE F 27 -14.71 28.13 16.50
C ILE F 27 -14.86 29.61 16.18
N ARG F 28 -15.93 30.00 15.50
CA ARG F 28 -16.15 31.40 15.22
C ARG F 28 -16.31 32.15 16.56
N THR F 29 -17.05 31.57 17.51
CA THR F 29 -17.24 32.22 18.80
C THR F 29 -15.92 32.44 19.56
N LEU F 30 -14.94 31.55 19.35
CA LEU F 30 -13.64 31.73 20.03
C LEU F 30 -12.97 32.90 19.34
N LEU F 31 -13.21 33.04 18.05
CA LEU F 31 -12.62 34.13 17.30
C LEU F 31 -13.17 35.48 17.75
N GLU F 32 -14.47 35.54 18.04
CA GLU F 32 -15.05 36.80 18.51
C GLU F 32 -14.51 37.01 19.92
N PHE F 33 -14.76 36.05 20.79
CA PHE F 33 -14.28 36.13 22.17
C PHE F 33 -12.84 36.60 22.17
N LEU F 34 -12.02 36.04 21.29
CA LEU F 34 -10.63 36.45 21.24
C LEU F 34 -10.65 37.96 21.02
N LYS F 35 -11.12 38.37 19.85
CA LYS F 35 -11.20 39.79 19.48
C LYS F 35 -11.68 40.68 20.63
N ARG F 36 -12.86 40.38 21.15
CA ARG F 36 -13.44 41.14 22.25
C ARG F 36 -12.75 40.89 23.60
N ASP F 37 -11.48 40.50 23.55
CA ASP F 37 -10.71 40.23 24.78
C ASP F 37 -9.54 41.20 24.92
N LYS F 38 -9.77 42.47 24.63
CA LYS F 38 -8.72 43.47 24.76
C LYS F 38 -8.55 43.78 26.24
N GLY F 39 -9.62 43.57 27.00
CA GLY F 39 -9.57 43.81 28.42
C GLY F 39 -8.43 43.02 29.04
N GLU F 40 -8.01 41.97 28.34
CA GLU F 40 -6.91 41.14 28.81
C GLU F 40 -5.65 41.97 28.67
N THR F 41 -4.48 41.33 28.66
CA THR F 41 -3.25 42.10 28.55
C THR F 41 -2.02 41.28 28.11
N ILE F 42 -1.70 40.21 28.83
CA ILE F 42 -0.55 39.38 28.49
C ILE F 42 -0.87 38.33 27.42
N GLN F 43 0.05 38.13 26.49
CA GLN F 43 -0.13 37.15 25.43
C GLN F 43 -0.44 35.79 26.03
N GLY F 44 -0.06 35.63 27.29
CA GLY F 44 -0.32 34.37 27.97
C GLY F 44 -1.80 34.27 28.34
N LEU F 45 -2.31 35.29 29.03
CA LEU F 45 -3.70 35.29 29.45
C LEU F 45 -4.74 35.20 28.34
N ARG F 46 -4.40 35.70 27.16
CA ARG F 46 -5.35 35.59 26.05
C ARG F 46 -5.49 34.07 25.88
N ALA F 47 -4.36 33.42 25.59
CA ALA F 47 -4.28 31.98 25.39
C ALA F 47 -4.83 31.20 26.57
N ASN F 48 -4.80 31.80 27.76
CA ASN F 48 -5.31 31.12 28.94
C ASN F 48 -6.81 31.28 29.10
N LEU F 49 -7.29 32.51 29.06
CA LEU F 49 -8.71 32.74 29.20
C LEU F 49 -9.46 32.12 28.02
N THR F 50 -8.73 31.89 26.94
CA THR F 50 -9.30 31.29 25.75
C THR F 50 -9.61 29.81 25.99
N SER F 51 -8.82 29.16 26.85
CA SER F 51 -9.06 27.76 27.17
C SER F 51 -10.30 27.68 28.06
N ALA F 52 -10.45 28.68 28.93
CA ALA F 52 -11.60 28.71 29.83
C ALA F 52 -12.93 28.69 29.08
N ILE F 53 -12.94 29.26 27.87
CA ILE F 53 -14.16 29.30 27.07
C ILE F 53 -14.49 28.01 26.34
N GLU F 54 -13.46 27.30 25.88
CA GLU F 54 -13.65 26.03 25.19
C GLU F 54 -14.58 25.22 26.06
N THR F 55 -14.24 25.15 27.34
CA THR F 55 -15.01 24.38 28.32
C THR F 55 -16.41 24.91 28.34
N LEU F 56 -16.55 26.22 28.42
CA LEU F 56 -17.86 26.84 28.43
C LEU F 56 -18.64 26.27 27.25
N CYS F 57 -18.07 26.38 26.05
CA CYS F 57 -18.72 25.85 24.86
C CYS F 57 -18.93 24.35 25.03
N GLY F 58 -18.05 23.71 25.81
CA GLY F 58 -18.17 22.28 26.09
C GLY F 58 -19.62 21.92 26.38
N VAL F 59 -20.45 22.94 26.64
CA VAL F 59 -21.89 22.79 26.90
C VAL F 59 -22.60 22.34 25.61
N ASP F 60 -21.86 21.61 24.78
CA ASP F 60 -22.34 21.03 23.54
C ASP F 60 -21.52 19.75 23.47
N SER F 61 -22.05 18.71 24.11
CA SER F 61 -21.41 17.41 24.21
C SER F 61 -20.68 16.95 22.96
N SER F 62 -21.00 17.54 21.82
CA SER F 62 -20.35 17.18 20.57
C SER F 62 -18.83 17.03 20.67
N VAL F 63 -18.33 16.00 20.02
CA VAL F 63 -16.91 15.70 19.96
C VAL F 63 -16.18 16.78 19.17
N ALA F 64 -16.70 17.12 17.99
CA ALA F 64 -16.10 18.13 17.13
C ALA F 64 -15.86 19.45 17.88
N VAL F 65 -16.75 19.80 18.80
CA VAL F 65 -16.57 21.06 19.54
C VAL F 65 -15.27 21.00 20.33
N SER F 66 -14.93 19.83 20.86
CA SER F 66 -13.67 19.69 21.60
C SER F 66 -12.48 19.74 20.63
N SER F 67 -12.47 18.84 19.65
CA SER F 67 -11.39 18.77 18.69
C SER F 67 -11.22 20.04 17.87
N GLY F 68 -12.33 20.61 17.41
CA GLY F 68 -12.25 21.83 16.64
C GLY F 68 -11.67 22.88 17.56
N GLY F 69 -12.24 22.95 18.77
CA GLY F 69 -11.79 23.91 19.74
C GLY F 69 -10.31 23.75 20.04
N GLU F 70 -9.88 22.51 20.26
CA GLU F 70 -8.49 22.29 20.58
C GLU F 70 -7.59 22.65 19.41
N LEU F 71 -7.96 22.19 18.23
CA LEU F 71 -7.18 22.47 17.04
C LEU F 71 -7.04 23.96 16.81
N PHE F 72 -8.10 24.72 17.12
CA PHE F 72 -8.09 26.17 16.98
C PHE F 72 -6.98 26.81 17.85
N LEU F 73 -7.03 26.53 19.15
CA LEU F 73 -6.09 27.06 20.12
C LEU F 73 -4.67 26.64 19.79
N ARG F 74 -4.54 25.52 19.11
CA ARG F 74 -3.24 24.99 18.74
C ARG F 74 -2.64 25.73 17.54
N PHE F 75 -3.46 26.04 16.55
CA PHE F 75 -2.95 26.74 15.36
C PHE F 75 -2.48 28.17 15.69
N ILE F 76 -2.49 28.51 16.97
CA ILE F 76 -2.09 29.82 17.45
C ILE F 76 -1.00 29.77 18.55
N SER F 77 0.20 30.21 18.20
CA SER F 77 1.31 30.23 19.15
C SER F 77 0.98 31.12 20.34
N LYS F 88 4.04 42.84 22.08
CA LYS F 88 3.50 41.70 22.83
C LYS F 88 1.98 41.81 22.93
N CYS F 89 1.51 42.74 23.76
CA CYS F 89 0.09 42.98 23.95
C CYS F 89 -0.58 42.97 22.56
N LYS F 90 0.19 43.37 21.55
CA LYS F 90 -0.25 43.41 20.16
C LYS F 90 0.07 42.05 19.54
N LYS F 91 -0.98 41.29 19.22
CA LYS F 91 -0.84 39.93 18.67
C LYS F 91 -1.50 39.66 17.33
N ILE F 92 -0.80 38.87 16.51
CA ILE F 92 -1.26 38.48 15.18
C ILE F 92 -1.99 37.14 15.23
N ILE F 94 -4.99 36.56 15.90
CA ILE F 94 -6.25 36.70 15.18
C ILE F 94 -6.09 36.49 13.68
N GLU F 95 -4.91 36.79 13.15
CA GLU F 95 -4.67 36.60 11.71
C GLU F 95 -4.76 35.10 11.41
N ARG F 96 -4.19 34.31 12.32
CA ARG F 96 -4.17 32.87 12.19
C ARG F 96 -5.56 32.29 12.45
N GLY F 97 -6.26 32.88 13.41
CA GLY F 97 -7.59 32.42 13.76
C GLY F 97 -8.59 32.60 12.63
N GLU F 98 -8.35 33.58 11.78
CA GLU F 98 -9.24 33.83 10.67
C GLU F 98 -8.80 32.98 9.49
N LEU F 99 -7.51 32.72 9.44
CA LEU F 99 -6.97 31.87 8.39
C LEU F 99 -7.49 30.47 8.67
N PHE F 100 -7.52 30.12 9.95
CA PHE F 100 -8.00 28.82 10.37
C PHE F 100 -9.48 28.68 10.01
N LEU F 101 -10.28 29.69 10.34
CA LEU F 101 -11.72 29.69 10.08
C LEU F 101 -11.98 29.63 8.57
N ARG F 102 -11.17 30.36 7.83
CA ARG F 102 -11.28 30.41 6.40
C ARG F 102 -11.12 29.04 5.78
N ARG F 103 -10.27 28.20 6.37
CA ARG F 103 -10.01 26.87 5.84
C ARG F 103 -10.98 25.75 6.23
N ILE F 104 -11.45 25.75 7.48
CA ILE F 104 -12.37 24.69 7.86
C ILE F 104 -13.74 24.93 7.22
N SER F 105 -13.91 26.13 6.64
CA SER F 105 -15.17 26.50 5.98
C SER F 105 -15.23 25.97 4.54
N LEU F 106 -14.11 25.43 4.07
CA LEU F 106 -13.99 24.85 2.73
C LEU F 106 -14.13 23.33 2.84
N SER F 107 -13.87 22.80 4.03
CA SER F 107 -13.93 21.37 4.31
C SER F 107 -15.12 20.63 3.72
N ARG F 108 -16.32 20.93 4.23
CA ARG F 108 -17.52 20.29 3.75
C ARG F 108 -17.62 20.22 2.22
N ASN F 109 -17.31 21.32 1.53
CA ASN F 109 -17.35 21.34 0.07
C ASN F 109 -16.23 20.56 -0.58
N LYS F 110 -15.02 20.61 -0.05
CA LYS F 110 -13.95 19.81 -0.64
C LYS F 110 -14.41 18.35 -0.60
N ILE F 111 -15.00 17.95 0.53
CA ILE F 111 -15.48 16.59 0.69
C ILE F 111 -16.60 16.24 -0.29
N ALA F 112 -17.48 17.19 -0.56
CA ALA F 112 -18.56 16.89 -1.48
C ALA F 112 -18.07 16.68 -2.91
N ASP F 113 -17.14 17.49 -3.41
CA ASP F 113 -16.71 17.24 -4.78
C ASP F 113 -15.60 16.20 -4.87
N LEU F 114 -15.19 15.68 -3.71
CA LEU F 114 -14.18 14.65 -3.65
C LEU F 114 -14.88 13.31 -3.72
N CYS F 115 -16.01 13.23 -3.03
CA CYS F 115 -16.80 12.01 -2.91
C CYS F 115 -17.88 11.73 -3.97
N HIS F 116 -18.66 12.75 -4.37
CA HIS F 116 -19.73 12.51 -5.35
C HIS F 116 -19.30 11.73 -6.58
N THR F 117 -18.06 11.93 -7.00
CA THR F 117 -17.52 11.24 -8.16
C THR F 117 -17.61 9.73 -8.02
N PHE F 118 -17.70 9.25 -6.78
CA PHE F 118 -17.75 7.82 -6.54
C PHE F 118 -19.14 7.19 -6.44
N ILE F 119 -20.18 7.98 -6.72
CA ILE F 119 -21.53 7.49 -6.69
C ILE F 119 -21.90 7.10 -8.12
N LYS F 120 -21.78 5.82 -8.46
CA LYS F 120 -22.08 5.36 -9.82
C LYS F 120 -23.55 5.56 -10.18
N ASP F 121 -23.83 5.63 -11.48
CA ASP F 121 -25.21 5.79 -11.95
C ASP F 121 -26.05 4.60 -11.53
N GLY F 122 -27.30 4.85 -11.13
CA GLY F 122 -28.18 3.78 -10.73
C GLY F 122 -27.86 3.13 -9.39
N ALA F 123 -26.85 3.66 -8.69
CA ALA F 123 -26.48 3.09 -7.40
C ALA F 123 -27.58 3.40 -6.39
N THR F 124 -27.73 2.52 -5.42
CA THR F 124 -28.71 2.70 -4.36
C THR F 124 -27.84 2.92 -3.15
N ILE F 125 -28.05 4.04 -2.48
CA ILE F 125 -27.22 4.33 -1.34
C ILE F 125 -27.98 4.18 -0.02
N LEU F 126 -27.28 3.64 0.98
CA LEU F 126 -27.84 3.47 2.31
C LEU F 126 -27.09 4.40 3.26
N THR F 127 -27.84 5.24 3.98
CA THR F 127 -27.23 6.15 4.95
C THR F 127 -28.00 6.09 6.28
N HIS F 128 -27.42 6.66 7.33
CA HIS F 128 -28.04 6.62 8.65
C HIS F 128 -28.34 8.01 9.21
N ALA F 129 -29.56 8.21 9.69
CA ALA F 129 -29.95 9.49 10.28
C ALA F 129 -29.63 10.70 9.42
N TYR F 130 -29.41 11.82 10.08
CA TYR F 130 -29.13 13.04 9.37
C TYR F 130 -27.66 13.47 9.37
N SER F 131 -27.13 13.78 8.20
CA SER F 131 -25.76 14.24 8.11
C SER F 131 -25.61 15.39 7.12
N ARG F 132 -25.14 16.53 7.62
CA ARG F 132 -24.95 17.69 6.78
C ARG F 132 -23.92 17.38 5.69
N VAL F 133 -22.85 16.67 6.04
CA VAL F 133 -21.85 16.35 5.03
C VAL F 133 -22.40 15.39 4.00
N VAL F 134 -23.04 14.31 4.45
CA VAL F 134 -23.59 13.37 3.49
C VAL F 134 -24.54 14.12 2.56
N LEU F 135 -25.32 15.05 3.12
CA LEU F 135 -26.27 15.83 2.31
C LEU F 135 -25.55 16.64 1.22
N ARG F 136 -24.52 17.40 1.60
CA ARG F 136 -23.78 18.15 0.58
C ARG F 136 -23.26 17.21 -0.49
N VAL F 137 -22.79 16.03 -0.08
CA VAL F 137 -22.26 15.07 -1.05
C VAL F 137 -23.31 14.70 -2.08
N LEU F 138 -24.46 14.20 -1.64
CA LEU F 138 -25.51 13.83 -2.58
C LEU F 138 -25.93 15.01 -3.49
N GLU F 139 -26.01 16.23 -2.93
CA GLU F 139 -26.36 17.41 -3.72
C GLU F 139 -25.41 17.50 -4.91
N ALA F 140 -24.13 17.32 -4.63
CA ALA F 140 -23.12 17.40 -5.68
C ALA F 140 -23.36 16.30 -6.72
N ALA F 141 -23.86 15.16 -6.29
CA ALA F 141 -24.10 14.08 -7.23
C ALA F 141 -25.28 14.38 -8.21
N VAL F 142 -26.36 15.02 -7.72
CA VAL F 142 -27.46 15.31 -8.63
C VAL F 142 -27.05 16.48 -9.52
N ALA F 143 -26.23 17.37 -8.98
CA ALA F 143 -25.72 18.49 -9.74
C ALA F 143 -24.77 17.95 -10.83
N ALA F 144 -24.18 16.78 -10.56
CA ALA F 144 -23.26 16.17 -11.50
C ALA F 144 -24.08 15.38 -12.52
N LYS F 145 -25.40 15.48 -12.36
CA LYS F 145 -26.31 14.80 -13.26
C LYS F 145 -26.30 13.29 -13.06
N LYS F 146 -26.07 12.85 -11.82
CA LYS F 146 -26.06 11.41 -11.55
C LYS F 146 -27.40 10.94 -11.00
N ARG F 147 -27.76 9.72 -11.35
CA ARG F 147 -29.02 9.12 -10.95
C ARG F 147 -28.83 8.01 -9.93
N PHE F 148 -29.34 8.24 -8.73
CA PHE F 148 -29.25 7.26 -7.66
C PHE F 148 -30.53 7.33 -6.81
N SER F 149 -30.64 6.41 -5.85
CA SER F 149 -31.78 6.41 -4.95
C SER F 149 -31.21 6.20 -3.55
N VAL F 150 -31.99 6.53 -2.51
CA VAL F 150 -31.51 6.40 -1.14
C VAL F 150 -32.47 5.78 -0.16
N TYR F 151 -31.91 5.06 0.81
CA TYR F 151 -32.64 4.43 1.90
C TYR F 151 -31.96 5.04 3.12
N VAL F 152 -32.74 5.54 4.06
CA VAL F 152 -32.15 6.15 5.26
C VAL F 152 -32.93 5.73 6.50
N THR F 153 -32.22 5.36 7.56
CA THR F 153 -32.93 4.95 8.77
C THR F 153 -33.65 6.16 9.39
N GLU F 154 -34.85 5.95 9.92
CA GLU F 154 -35.56 7.08 10.52
C GLU F 154 -34.72 7.58 11.68
N SER F 155 -33.94 6.67 12.24
CA SER F 155 -33.02 6.98 13.33
C SER F 155 -33.64 7.57 14.60
N GLN F 156 -34.02 6.67 15.52
CA GLN F 156 -34.60 7.05 16.82
C GLN F 156 -33.48 7.71 17.65
N PRO F 157 -33.82 8.49 18.68
CA PRO F 157 -35.19 8.81 19.12
C PRO F 157 -35.73 10.14 18.57
N ASP F 158 -34.88 10.93 17.94
CA ASP F 158 -35.31 12.23 17.42
C ASP F 158 -35.79 12.21 15.98
N LEU F 159 -35.68 11.04 15.33
CA LEU F 159 -36.12 10.85 13.95
C LEU F 159 -35.41 11.67 12.85
N SER F 160 -34.20 12.16 13.15
CA SER F 160 -33.45 12.93 12.17
C SER F 160 -33.42 12.29 10.78
N GLY F 161 -33.60 10.97 10.71
CA GLY F 161 -33.61 10.29 9.43
C GLY F 161 -34.76 10.79 8.59
N LYS F 162 -35.89 11.01 9.24
CA LYS F 162 -37.05 11.53 8.53
C LYS F 162 -36.74 12.95 8.05
N LYS F 163 -36.02 13.72 8.86
CA LYS F 163 -35.68 15.08 8.42
C LYS F 163 -34.76 15.00 7.21
N ALA F 165 -34.54 12.60 5.05
CA ALA F 165 -35.33 12.12 3.93
C ALA F 165 -36.06 13.26 3.23
N LYS F 166 -36.69 14.15 4.00
CA LYS F 166 -37.41 15.28 3.42
C LYS F 166 -36.47 16.23 2.71
N ALA F 167 -35.29 16.45 3.29
CA ALA F 167 -34.30 17.33 2.67
C ALA F 167 -33.95 16.75 1.32
N LEU F 168 -33.73 15.45 1.27
CA LEU F 168 -33.38 14.76 0.02
C LEU F 168 -34.51 14.81 -1.01
N CYS F 169 -35.73 14.67 -0.51
CA CYS F 169 -36.91 14.70 -1.34
C CYS F 169 -36.98 16.06 -2.03
N HIS F 170 -36.42 17.09 -1.38
CA HIS F 170 -36.42 18.43 -1.94
C HIS F 170 -35.25 18.67 -2.90
N LEU F 171 -34.53 17.61 -3.24
CA LEU F 171 -33.44 17.67 -4.19
C LEU F 171 -33.90 16.73 -5.30
N ASN F 172 -35.12 16.23 -5.14
CA ASN F 172 -35.75 15.31 -6.07
C ASN F 172 -35.05 13.98 -6.13
N VAL F 173 -34.37 13.63 -5.05
CA VAL F 173 -33.67 12.36 -5.00
C VAL F 173 -34.64 11.31 -4.45
N PRO F 174 -34.90 10.25 -5.21
CA PRO F 174 -35.82 9.22 -4.69
C PRO F 174 -35.28 8.66 -3.35
N VAL F 175 -36.09 8.72 -2.30
CA VAL F 175 -35.65 8.24 -0.99
C VAL F 175 -36.71 7.52 -0.16
N THR F 176 -36.29 6.46 0.53
CA THR F 176 -37.20 5.70 1.39
C THR F 176 -36.69 5.63 2.82
N VAL F 177 -37.56 5.99 3.77
CA VAL F 177 -37.23 5.93 5.18
C VAL F 177 -37.54 4.51 5.65
N VAL F 178 -36.67 3.92 6.47
CA VAL F 178 -36.91 2.58 6.99
C VAL F 178 -36.51 2.54 8.46
N LEU F 179 -37.10 1.60 9.20
CA LEU F 179 -36.81 1.43 10.62
C LEU F 179 -35.34 1.09 10.89
N ASP F 180 -34.83 1.54 12.03
CA ASP F 180 -33.46 1.26 12.45
C ASP F 180 -33.25 -0.25 12.48
N ALA F 181 -34.31 -0.98 12.74
CA ALA F 181 -34.27 -2.44 12.82
C ALA F 181 -34.26 -3.13 11.45
N ALA F 182 -34.63 -2.38 10.41
CA ALA F 182 -34.69 -2.92 9.06
C ALA F 182 -33.40 -2.76 8.29
N VAL F 183 -32.35 -2.31 8.97
CA VAL F 183 -31.06 -2.12 8.33
C VAL F 183 -30.45 -3.41 7.78
N GLY F 184 -30.34 -4.44 8.61
CA GLY F 184 -29.78 -5.70 8.12
C GLY F 184 -30.64 -6.30 7.01
N TYR F 185 -31.92 -5.95 7.02
CA TYR F 185 -32.89 -6.43 6.05
C TYR F 185 -32.73 -5.74 4.71
N ILE F 186 -32.63 -4.42 4.74
CA ILE F 186 -32.54 -3.62 3.55
C ILE F 186 -31.15 -3.70 2.88
N GLU F 188 -29.22 -5.87 1.57
CA GLU F 188 -29.06 -6.57 0.31
C GLU F 188 -29.44 -5.75 -0.93
N LYS F 189 -30.25 -4.70 -0.75
CA LYS F 189 -30.58 -3.92 -1.92
C LYS F 189 -29.82 -2.58 -2.03
N ALA F 190 -28.73 -2.45 -1.28
CA ALA F 190 -27.93 -1.23 -1.32
C ALA F 190 -26.59 -1.54 -2.01
N ASP F 191 -26.03 -0.55 -2.68
CA ASP F 191 -24.76 -0.79 -3.38
C ASP F 191 -23.58 -0.33 -2.53
N LEU F 192 -23.83 0.65 -1.68
CA LEU F 192 -22.81 1.19 -0.82
C LEU F 192 -23.48 1.92 0.32
N VAL F 193 -22.69 2.26 1.33
CA VAL F 193 -23.18 2.97 2.50
C VAL F 193 -22.34 4.26 2.69
N ILE F 194 -23.01 5.38 2.94
CA ILE F 194 -22.31 6.63 3.16
C ILE F 194 -22.80 7.17 4.49
N VAL F 195 -21.86 7.56 5.34
CA VAL F 195 -22.23 7.99 6.67
C VAL F 195 -21.34 9.15 7.09
N GLY F 196 -21.90 10.07 7.89
CA GLY F 196 -21.12 11.19 8.38
C GLY F 196 -20.46 10.79 9.69
N ALA F 197 -19.87 11.73 10.42
CA ALA F 197 -19.25 11.36 11.68
C ALA F 197 -19.19 12.52 12.66
N GLU F 198 -19.37 12.21 13.93
CA GLU F 198 -19.32 13.25 14.95
C GLU F 198 -17.87 13.45 15.29
N GLY F 199 -17.08 12.39 15.09
CA GLY F 199 -15.65 12.44 15.38
C GLY F 199 -14.86 11.31 14.76
N VAL F 200 -13.60 11.59 14.43
CA VAL F 200 -12.73 10.58 13.83
C VAL F 200 -11.59 10.33 14.82
N VAL F 201 -11.55 9.10 15.30
CA VAL F 201 -10.59 8.63 16.29
C VAL F 201 -9.19 8.29 15.74
N GLU F 202 -8.17 8.31 16.59
CA GLU F 202 -6.81 8.02 16.16
C GLU F 202 -6.62 6.74 15.36
N ASN F 203 -7.43 5.73 15.60
CA ASN F 203 -7.26 4.49 14.85
C ASN F 203 -8.06 4.42 13.53
N GLY F 204 -8.62 5.56 13.10
CA GLY F 204 -9.37 5.58 11.87
C GLY F 204 -10.82 5.18 12.06
N GLY F 205 -11.19 4.81 13.28
CA GLY F 205 -12.56 4.43 13.58
C GLY F 205 -13.37 5.70 13.75
N ILE F 206 -14.68 5.58 13.96
CA ILE F 206 -15.52 6.76 14.12
C ILE F 206 -16.59 6.68 15.22
N ILE F 207 -16.88 7.83 15.81
CA ILE F 207 -17.91 7.98 16.82
C ILE F 207 -19.03 8.71 16.09
N ASN F 208 -20.22 8.12 16.05
CA ASN F 208 -21.35 8.73 15.34
C ASN F 208 -22.68 8.36 16.01
N LYS F 209 -23.77 8.88 15.45
CA LYS F 209 -25.12 8.60 15.95
C LYS F 209 -25.36 7.10 16.21
N ILE F 210 -25.93 6.79 17.37
CA ILE F 210 -26.23 5.40 17.72
C ILE F 210 -26.94 4.68 16.56
N GLY F 211 -26.43 3.52 16.19
CA GLY F 211 -27.00 2.77 15.10
C GLY F 211 -26.02 2.66 13.95
N THR F 212 -24.93 3.43 14.02
CA THR F 212 -23.89 3.41 13.00
C THR F 212 -23.10 2.13 13.07
N ASN F 213 -22.64 1.80 14.27
CA ASN F 213 -21.89 0.56 14.45
C ASN F 213 -22.52 -0.65 13.76
N GLN F 214 -23.77 -0.97 14.09
CA GLN F 214 -24.42 -2.14 13.49
C GLN F 214 -24.66 -2.01 11.99
N ALA F 216 -22.58 -0.73 10.03
CA ALA F 216 -21.27 -1.07 9.50
C ALA F 216 -21.01 -2.58 9.53
N VAL F 217 -21.31 -3.22 10.65
CA VAL F 217 -21.15 -4.65 10.77
C VAL F 217 -21.97 -5.34 9.67
N CYS F 218 -23.22 -4.90 9.48
CA CYS F 218 -24.09 -5.47 8.45
C CYS F 218 -23.54 -5.27 7.04
N ALA F 219 -23.07 -4.07 6.73
CA ALA F 219 -22.52 -3.81 5.41
C ALA F 219 -21.32 -4.75 5.20
N LYS F 220 -20.58 -4.97 6.27
CA LYS F 220 -19.40 -5.80 6.21
C LYS F 220 -19.71 -7.24 5.81
N ALA F 221 -20.76 -7.80 6.40
CA ALA F 221 -21.14 -9.17 6.14
C ALA F 221 -21.67 -9.40 4.72
N GLN F 222 -21.91 -8.33 3.99
CA GLN F 222 -22.41 -8.46 2.63
C GLN F 222 -21.49 -7.78 1.64
N ASN F 223 -20.24 -7.54 2.08
CA ASN F 223 -19.23 -6.92 1.26
C ASN F 223 -19.57 -5.55 0.69
N LYS F 224 -20.59 -4.93 1.24
CA LYS F 224 -21.00 -3.61 0.79
C LYS F 224 -19.96 -2.62 1.26
N PRO F 225 -19.45 -1.78 0.34
CA PRO F 225 -18.45 -0.82 0.82
C PRO F 225 -19.09 0.15 1.82
N PHE F 226 -18.33 0.57 2.82
CA PHE F 226 -18.80 1.47 3.86
C PHE F 226 -17.94 2.74 3.88
N TYR F 227 -18.52 3.88 3.48
CA TYR F 227 -17.81 5.15 3.41
C TYR F 227 -18.20 6.22 4.43
N VAL F 228 -17.17 6.81 5.04
CA VAL F 228 -17.33 7.87 6.01
C VAL F 228 -16.91 9.16 5.30
N VAL F 229 -17.68 10.23 5.48
CA VAL F 229 -17.32 11.49 4.89
C VAL F 229 -17.30 12.45 6.07
N ALA F 230 -16.14 13.05 6.36
CA ALA F 230 -16.06 13.93 7.51
C ALA F 230 -14.92 14.93 7.45
N GLU F 231 -15.14 16.08 8.10
CA GLU F 231 -14.15 17.13 8.14
C GLU F 231 -13.02 16.77 9.09
N SER F 232 -11.85 17.37 8.83
CA SER F 232 -10.64 17.17 9.59
C SER F 232 -10.71 17.69 11.04
N PHE F 233 -11.51 18.72 11.28
CA PHE F 233 -11.59 19.25 12.63
C PHE F 233 -12.33 18.30 13.55
N LYS F 234 -12.72 17.16 13.01
CA LYS F 234 -13.39 16.13 13.79
C LYS F 234 -12.41 15.05 14.26
N PHE F 235 -11.15 15.18 13.82
CA PHE F 235 -10.07 14.25 14.21
C PHE F 235 -9.81 14.53 15.70
N VAL F 236 -10.01 13.52 16.53
CA VAL F 236 -9.86 13.66 17.96
C VAL F 236 -8.84 12.69 18.58
N ARG F 237 -8.18 13.14 19.65
CA ARG F 237 -7.15 12.35 20.32
C ARG F 237 -7.68 11.23 21.24
N LEU F 238 -8.35 10.25 20.65
CA LEU F 238 -8.87 9.11 21.38
C LEU F 238 -8.54 7.84 20.63
N PHE F 239 -8.43 6.74 21.37
CA PHE F 239 -8.13 5.43 20.77
C PHE F 239 -8.94 4.37 21.53
N PRO F 240 -10.26 4.28 21.26
CA PRO F 240 -11.10 3.29 21.95
C PRO F 240 -11.04 1.86 21.38
N LEU F 241 -11.02 0.86 22.27
CA LEU F 241 -10.99 -0.54 21.86
C LEU F 241 -12.40 -1.16 21.77
N ASN F 242 -13.38 -0.51 22.38
CA ASN F 242 -14.76 -0.96 22.35
C ASN F 242 -15.63 0.17 22.86
N GLN F 243 -16.95 -0.04 22.91
CA GLN F 243 -17.90 1.00 23.31
C GLN F 243 -17.63 1.69 24.63
N GLN F 244 -17.30 0.91 25.64
CA GLN F 244 -17.03 1.42 26.98
C GLN F 244 -15.95 2.51 26.98
N ASP F 245 -14.97 2.39 26.08
CA ASP F 245 -13.90 3.37 25.99
C ASP F 245 -14.30 4.74 25.48
N VAL F 246 -15.55 4.92 25.09
CA VAL F 246 -15.97 6.23 24.61
C VAL F 246 -16.40 7.09 25.80
N PRO F 247 -15.74 8.23 25.99
CA PRO F 247 -16.09 9.13 27.12
C PRO F 247 -17.58 9.38 27.16
N ASP F 248 -18.16 9.41 28.37
CA ASP F 248 -19.59 9.67 28.51
C ASP F 248 -19.93 11.09 28.10
N LYS F 249 -18.98 12.01 28.27
CA LYS F 249 -19.19 13.39 27.87
C LYS F 249 -19.87 13.42 26.50
N PHE F 250 -19.51 12.45 25.67
CA PHE F 250 -20.03 12.34 24.31
C PHE F 250 -21.19 11.38 24.17
N LYS F 251 -21.28 10.44 25.10
CA LYS F 251 -22.30 9.41 25.02
C LYS F 251 -23.60 9.76 25.71
N TYR F 252 -23.56 9.63 27.05
CA TYR F 252 -24.69 9.85 27.95
C TYR F 252 -25.10 8.48 28.51
N LYS F 253 -24.14 7.59 28.75
CA LYS F 253 -24.46 6.27 29.28
C LYS F 253 -23.25 5.40 29.70
N ALA F 254 -23.32 4.09 29.45
CA ALA F 254 -22.24 3.16 29.83
C ALA F 254 -20.85 3.64 29.45
N LEU F 266 -36.20 -2.69 36.20
CA LEU F 266 -36.42 -2.36 34.79
C LEU F 266 -35.76 -1.03 34.38
N LYS F 267 -34.50 -1.10 33.96
CA LYS F 267 -33.73 0.08 33.57
C LYS F 267 -33.69 0.31 32.06
N GLU F 268 -33.25 1.50 31.67
CA GLU F 268 -33.13 1.84 30.27
C GLU F 268 -31.75 2.44 30.02
N GLU F 269 -31.26 2.26 28.81
CA GLU F 269 -29.99 2.83 28.41
C GLU F 269 -30.30 3.62 27.15
N HIS F 270 -29.62 4.75 26.99
CA HIS F 270 -29.85 5.61 25.84
C HIS F 270 -28.58 6.30 25.35
N PRO F 271 -27.55 5.53 24.95
CA PRO F 271 -26.37 6.23 24.46
C PRO F 271 -26.72 6.95 23.16
N TRP F 272 -26.20 8.16 22.98
CA TRP F 272 -26.48 8.92 21.76
C TRP F 272 -25.52 8.64 20.62
N VAL F 273 -24.43 7.96 20.94
CA VAL F 273 -23.45 7.64 19.92
C VAL F 273 -22.83 6.29 20.23
N ASP F 274 -22.36 5.60 19.21
CA ASP F 274 -21.68 4.32 19.37
C ASP F 274 -20.32 4.46 18.70
N TYR F 275 -19.48 3.43 18.79
CA TYR F 275 -18.15 3.48 18.19
C TYR F 275 -18.03 2.46 17.05
N THR F 276 -17.47 2.88 15.93
CA THR F 276 -17.29 1.97 14.80
C THR F 276 -15.79 1.76 14.61
N ALA F 277 -15.38 0.51 14.63
CA ALA F 277 -13.97 0.20 14.51
C ALA F 277 -13.44 0.37 13.09
N PRO F 278 -12.12 0.58 12.95
CA PRO F 278 -11.51 0.75 11.63
C PRO F 278 -11.66 -0.48 10.74
N SER F 279 -11.73 -1.65 11.36
CA SER F 279 -11.90 -2.86 10.55
C SER F 279 -13.24 -2.83 9.83
N LEU F 280 -14.15 -1.96 10.25
CA LEU F 280 -15.47 -1.88 9.62
C LEU F 280 -15.64 -0.70 8.66
N ILE F 281 -14.57 0.06 8.43
CA ILE F 281 -14.65 1.20 7.53
C ILE F 281 -13.77 0.95 6.32
N THR F 282 -14.29 1.26 5.15
CA THR F 282 -13.55 1.05 3.93
C THR F 282 -12.69 2.28 3.64
N LEU F 283 -13.35 3.42 3.55
CA LEU F 283 -12.64 4.66 3.26
C LEU F 283 -13.24 5.86 3.96
N LEU F 284 -12.41 6.84 4.24
CA LEU F 284 -12.87 8.07 4.86
C LEU F 284 -12.58 9.17 3.86
N PHE F 285 -13.59 9.96 3.55
CA PHE F 285 -13.44 11.08 2.62
C PHE F 285 -13.31 12.36 3.42
N THR F 286 -12.12 12.94 3.39
CA THR F 286 -11.80 14.14 4.14
C THR F 286 -11.32 15.31 3.28
N ASP F 287 -11.13 16.47 3.90
CA ASP F 287 -10.63 17.66 3.22
C ASP F 287 -9.12 17.49 3.06
N LEU F 288 -8.60 16.42 3.66
CA LEU F 288 -7.19 16.07 3.54
C LEU F 288 -7.07 14.95 2.50
N GLY F 289 -8.17 14.64 1.82
CA GLY F 289 -8.17 13.57 0.83
C GLY F 289 -8.75 12.24 1.29
N VAL F 290 -8.85 11.27 0.38
CA VAL F 290 -9.36 9.93 0.69
C VAL F 290 -8.39 9.21 1.61
N LEU F 291 -8.89 8.52 2.63
CA LEU F 291 -7.98 7.83 3.52
C LEU F 291 -8.47 6.48 3.89
N THR F 292 -7.55 5.57 4.16
CA THR F 292 -7.97 4.27 4.66
C THR F 292 -7.88 4.53 6.18
N PRO F 293 -8.64 3.76 6.99
CA PRO F 293 -8.60 3.96 8.43
C PRO F 293 -7.19 3.99 9.05
N SER F 294 -6.33 3.07 8.61
CA SER F 294 -4.98 2.96 9.15
C SER F 294 -4.06 4.14 8.83
N ALA F 295 -4.43 4.92 7.81
CA ALA F 295 -3.64 6.10 7.44
C ALA F 295 -4.10 7.34 8.21
N VAL F 296 -5.17 7.22 8.97
CA VAL F 296 -5.67 8.36 9.73
C VAL F 296 -4.66 8.85 10.77
N SER F 297 -3.99 7.92 11.44
CA SER F 297 -3.03 8.31 12.46
C SER F 297 -1.92 9.23 11.96
N ASP F 298 -1.40 8.99 10.75
CA ASP F 298 -0.36 9.86 10.22
C ASP F 298 -0.90 11.26 9.93
N GLU F 299 -2.13 11.32 9.39
CA GLU F 299 -2.75 12.60 9.06
C GLU F 299 -3.19 13.38 10.28
N LEU F 300 -3.52 12.66 11.35
CA LEU F 300 -3.94 13.32 12.58
C LEU F 300 -2.74 14.00 13.20
N ILE F 301 -1.58 13.33 13.11
CA ILE F 301 -0.31 13.84 13.62
C ILE F 301 0.01 15.14 12.88
N LYS F 302 0.13 15.06 11.56
CA LYS F 302 0.42 16.22 10.74
C LYS F 302 -0.54 17.35 11.08
N LEU F 303 -1.81 16.98 11.19
CA LEU F 303 -2.87 17.92 11.52
C LEU F 303 -2.69 18.59 12.90
N TYR F 304 -2.34 17.82 13.93
CA TYR F 304 -2.15 18.45 15.25
C TYR F 304 -0.82 19.19 15.42
N LEU F 305 0.20 18.79 14.67
CA LEU F 305 1.49 19.46 14.73
C LEU F 305 1.53 20.47 13.58
N ALA F 306 0.35 20.82 13.06
CA ALA F 306 0.24 21.76 11.96
C ALA F 306 1.27 22.88 12.06
N ALA F 307 1.18 23.67 13.13
CA ALA F 307 2.11 24.77 13.36
C ALA F 307 3.53 24.23 13.60
N ALA F 308 4.32 24.20 12.52
CA ALA F 308 5.71 23.73 12.55
C ALA F 308 6.22 23.58 11.12
N ASP G 2 -69.06 -19.32 9.04
CA ASP G 2 -68.95 -18.45 7.88
C ASP G 2 -67.87 -17.41 8.14
N ASP G 3 -67.16 -17.01 7.09
CA ASP G 3 -66.09 -16.03 7.20
C ASP G 3 -66.18 -15.17 8.45
N LYS G 4 -67.29 -14.44 8.58
CA LYS G 4 -67.50 -13.57 9.75
C LYS G 4 -67.10 -14.28 11.04
N GLU G 5 -67.90 -15.28 11.40
CA GLU G 5 -67.67 -16.08 12.60
C GLU G 5 -66.20 -16.50 12.68
N LEU G 6 -65.66 -17.04 11.59
CA LEU G 6 -64.27 -17.50 11.55
C LEU G 6 -63.24 -16.54 12.13
N ILE G 7 -63.25 -15.32 11.61
CA ILE G 7 -62.31 -14.30 12.06
C ILE G 7 -62.66 -13.86 13.47
N GLU G 8 -63.95 -13.66 13.72
CA GLU G 8 -64.42 -13.22 15.02
C GLU G 8 -63.99 -14.25 16.06
N TYR G 9 -64.06 -15.52 15.70
CA TYR G 9 -63.67 -16.57 16.62
C TYR G 9 -62.18 -16.53 16.86
N PHE G 10 -61.41 -16.38 15.78
CA PHE G 10 -59.95 -16.32 15.85
C PHE G 10 -59.47 -15.14 16.69
N LYS G 11 -59.90 -13.94 16.33
CA LYS G 11 -59.49 -12.73 17.06
C LYS G 11 -59.82 -12.77 18.55
N SER G 12 -60.89 -13.48 18.90
CA SER G 12 -61.31 -13.58 20.29
C SER G 12 -60.69 -14.77 21.00
N GLN G 13 -59.56 -15.23 20.47
CA GLN G 13 -58.85 -16.37 21.05
C GLN G 13 -57.55 -15.84 21.64
N LYS G 15 -57.15 -12.44 21.99
CA LYS G 15 -57.50 -11.23 22.73
C LYS G 15 -57.82 -11.54 24.19
N GLU G 16 -58.56 -12.62 24.44
CA GLU G 16 -58.87 -12.97 25.82
C GLU G 16 -57.74 -13.83 26.36
N ASP G 17 -56.88 -14.29 25.46
CA ASP G 17 -55.75 -15.12 25.86
C ASP G 17 -54.49 -14.92 25.02
N PRO G 18 -53.78 -13.79 25.23
CA PRO G 18 -52.55 -13.48 24.50
C PRO G 18 -51.48 -14.54 24.75
N ASP G 19 -51.59 -15.20 25.90
CA ASP G 19 -50.68 -16.26 26.30
C ASP G 19 -50.50 -17.25 25.15
N ALA G 21 -50.41 -18.78 21.29
CA ALA G 21 -49.74 -18.47 20.02
C ALA G 21 -50.81 -18.33 18.93
N SER G 22 -50.56 -17.44 17.98
CA SER G 22 -51.51 -17.22 16.89
C SER G 22 -51.79 -18.55 16.20
N ALA G 23 -50.73 -19.30 15.90
CA ALA G 23 -50.87 -20.59 15.24
C ALA G 23 -51.86 -21.48 15.98
N VAL G 24 -51.68 -21.62 17.29
CA VAL G 24 -52.57 -22.44 18.11
C VAL G 24 -54.00 -21.88 18.09
N ALA G 25 -54.11 -20.56 18.06
CA ALA G 25 -55.42 -19.92 18.05
C ALA G 25 -56.10 -20.22 16.73
N ALA G 26 -55.30 -20.38 15.69
CA ALA G 26 -55.83 -20.66 14.37
C ALA G 26 -56.41 -22.07 14.22
N ILE G 27 -55.75 -23.07 14.82
CA ILE G 27 -56.26 -24.42 14.70
C ILE G 27 -57.48 -24.59 15.59
N ARG G 28 -57.58 -23.80 16.65
CA ARG G 28 -58.73 -23.89 17.51
C ARG G 28 -59.96 -23.40 16.76
N THR G 29 -59.85 -22.25 16.09
CA THR G 29 -60.99 -21.75 15.34
C THR G 29 -61.28 -22.74 14.23
N LEU G 30 -60.26 -23.50 13.83
CA LEU G 30 -60.40 -24.49 12.76
C LEU G 30 -61.10 -25.76 13.25
N LEU G 31 -60.93 -26.09 14.53
CA LEU G 31 -61.60 -27.26 15.09
C LEU G 31 -63.08 -26.91 15.15
N GLU G 32 -63.37 -25.70 15.61
CA GLU G 32 -64.74 -25.24 15.70
C GLU G 32 -65.33 -25.11 14.32
N PHE G 33 -64.56 -24.58 13.37
CA PHE G 33 -65.08 -24.46 12.00
C PHE G 33 -65.59 -25.84 11.62
N LEU G 34 -64.69 -26.81 11.63
CA LEU G 34 -64.99 -28.20 11.30
C LEU G 34 -66.18 -28.67 12.13
N LYS G 35 -66.03 -28.68 13.45
CA LYS G 35 -67.10 -29.11 14.35
C LYS G 35 -68.42 -28.46 13.97
N ARG G 36 -68.48 -27.16 14.22
CA ARG G 36 -69.63 -26.32 13.95
C ARG G 36 -70.09 -26.46 12.50
N ASP G 37 -69.27 -27.11 11.67
CA ASP G 37 -69.62 -27.31 10.26
C ASP G 37 -70.13 -28.74 10.06
N LYS G 38 -71.38 -28.85 9.61
CA LYS G 38 -71.98 -30.15 9.37
C LYS G 38 -72.70 -30.14 8.04
N GLY G 39 -72.58 -31.24 7.32
CA GLY G 39 -73.21 -31.36 6.01
C GLY G 39 -72.16 -31.27 4.93
N GLU G 40 -71.86 -32.39 4.30
CA GLU G 40 -70.86 -32.44 3.24
C GLU G 40 -71.47 -32.80 1.90
N GLN G 43 -68.47 -34.16 0.39
CA GLN G 43 -67.43 -34.69 1.26
C GLN G 43 -66.13 -33.91 1.05
N GLY G 44 -65.57 -34.02 -0.15
CA GLY G 44 -64.35 -33.30 -0.46
C GLY G 44 -64.65 -31.84 -0.18
N LEU G 45 -65.94 -31.56 -0.07
CA LEU G 45 -66.44 -30.22 0.21
C LEU G 45 -65.80 -29.79 1.53
N ARG G 46 -65.76 -30.71 2.49
CA ARG G 46 -65.16 -30.45 3.80
C ARG G 46 -63.68 -30.11 3.64
N ALA G 47 -62.96 -31.01 2.96
CA ALA G 47 -61.55 -30.82 2.73
C ALA G 47 -61.24 -29.48 2.02
N ASN G 48 -62.11 -29.09 1.10
CA ASN G 48 -61.90 -27.85 0.36
C ASN G 48 -62.42 -26.61 1.09
N LEU G 49 -63.61 -26.72 1.68
CA LEU G 49 -64.20 -25.60 2.40
C LEU G 49 -63.36 -25.28 3.63
N THR G 50 -62.61 -26.27 4.10
CA THR G 50 -61.76 -26.10 5.28
C THR G 50 -60.43 -25.40 4.95
N SER G 51 -59.83 -25.71 3.81
CA SER G 51 -58.57 -25.05 3.44
C SER G 51 -58.88 -23.72 2.76
N ALA G 52 -60.10 -23.62 2.23
CA ALA G 52 -60.55 -22.40 1.54
C ALA G 52 -60.95 -21.36 2.57
N ILE G 53 -60.73 -21.67 3.83
CA ILE G 53 -61.06 -20.75 4.91
C ILE G 53 -59.85 -20.65 5.82
N GLU G 54 -58.89 -21.53 5.61
CA GLU G 54 -57.67 -21.51 6.40
C GLU G 54 -56.85 -20.35 5.87
N THR G 55 -57.08 -20.03 4.61
CA THR G 55 -56.40 -18.90 3.98
C THR G 55 -57.03 -17.66 4.60
N LEU G 56 -58.34 -17.71 4.81
CA LEU G 56 -59.06 -16.58 5.40
C LEU G 56 -58.40 -16.19 6.72
N CYS G 57 -57.94 -17.18 7.49
CA CYS G 57 -57.28 -16.89 8.75
C CYS G 57 -55.95 -16.21 8.46
N GLY G 58 -55.80 -15.75 7.22
CA GLY G 58 -54.60 -15.05 6.81
C GLY G 58 -54.60 -13.69 7.50
N VAL G 59 -55.74 -13.34 8.12
CA VAL G 59 -55.89 -12.08 8.86
C VAL G 59 -54.60 -11.85 9.63
N ASP G 60 -54.01 -12.96 10.05
CA ASP G 60 -52.74 -12.97 10.77
C ASP G 60 -51.71 -13.35 9.71
N SER G 61 -51.04 -12.34 9.15
CA SER G 61 -50.04 -12.59 8.12
C SER G 61 -48.95 -13.49 8.70
N SER G 62 -49.14 -13.89 9.95
CA SER G 62 -48.20 -14.75 10.65
C SER G 62 -47.90 -16.03 9.88
N VAL G 63 -46.62 -16.32 9.72
CA VAL G 63 -46.19 -17.52 9.03
C VAL G 63 -46.70 -18.78 9.73
N ALA G 64 -46.75 -18.74 11.05
CA ALA G 64 -47.21 -19.89 11.82
C ALA G 64 -48.64 -20.33 11.48
N VAL G 65 -49.51 -19.38 11.18
CA VAL G 65 -50.88 -19.73 10.82
C VAL G 65 -50.84 -20.64 9.60
N SER G 66 -49.94 -20.34 8.68
CA SER G 66 -49.79 -21.12 7.47
C SER G 66 -49.17 -22.50 7.69
N SER G 67 -48.06 -22.58 8.42
CA SER G 67 -47.41 -23.86 8.66
C SER G 67 -48.26 -24.70 9.59
N GLY G 68 -48.87 -24.03 10.57
CA GLY G 68 -49.71 -24.71 11.55
C GLY G 68 -50.92 -25.32 10.87
N GLY G 69 -51.65 -24.48 10.14
CA GLY G 69 -52.83 -24.95 9.44
C GLY G 69 -52.54 -26.16 8.59
N GLU G 70 -51.44 -26.13 7.82
CA GLU G 70 -51.13 -27.26 6.95
C GLU G 70 -50.88 -28.50 7.75
N LEU G 71 -49.95 -28.42 8.71
CA LEU G 71 -49.64 -29.59 9.53
C LEU G 71 -50.89 -30.18 10.18
N PHE G 72 -51.70 -29.31 10.77
CA PHE G 72 -52.94 -29.73 11.39
C PHE G 72 -53.83 -30.44 10.36
N LEU G 73 -54.08 -29.74 9.25
CA LEU G 73 -54.90 -30.24 8.16
C LEU G 73 -54.34 -31.56 7.62
N ARG G 74 -53.05 -31.62 7.36
CA ARG G 74 -52.45 -32.83 6.83
C ARG G 74 -52.67 -34.03 7.73
N PHE G 75 -52.55 -33.84 9.04
CA PHE G 75 -52.68 -34.98 9.93
C PHE G 75 -54.05 -35.38 10.46
N ILE G 76 -55.10 -34.75 9.95
CA ILE G 76 -56.45 -35.11 10.34
C ILE G 76 -57.14 -35.63 9.10
N SER G 77 -56.64 -35.22 7.93
CA SER G 77 -57.22 -35.67 6.66
C SER G 77 -57.10 -37.16 6.45
N LEU G 78 -56.25 -37.82 7.24
CA LEU G 78 -56.07 -39.27 7.13
C LEU G 78 -57.35 -39.97 7.58
N ALA G 79 -58.23 -40.22 6.61
CA ALA G 79 -59.49 -40.89 6.82
C ALA G 79 -60.24 -40.82 5.50
N LYS G 88 -71.02 -39.79 7.55
CA LYS G 88 -70.03 -38.84 8.04
C LYS G 88 -69.19 -39.43 9.18
N CYS G 89 -68.84 -40.70 9.08
CA CYS G 89 -68.03 -41.33 10.11
C CYS G 89 -66.57 -40.88 9.94
N LYS G 90 -66.17 -40.67 8.69
CA LYS G 90 -64.80 -40.22 8.41
C LYS G 90 -64.55 -38.89 9.11
N LYS G 91 -65.64 -38.19 9.42
CA LYS G 91 -65.56 -36.91 10.10
C LYS G 91 -65.09 -37.04 11.56
N ILE G 92 -64.36 -38.10 11.86
CA ILE G 92 -63.79 -38.34 13.20
C ILE G 92 -62.41 -37.73 13.15
N ILE G 94 -62.02 -34.91 13.70
CA ILE G 94 -62.14 -34.02 14.86
C ILE G 94 -61.38 -34.58 16.05
N GLU G 95 -61.46 -35.89 16.24
CA GLU G 95 -60.78 -36.52 17.36
C GLU G 95 -59.25 -36.44 17.18
N ARG G 96 -58.82 -36.32 15.93
CA ARG G 96 -57.40 -36.19 15.62
C ARG G 96 -57.02 -34.74 15.85
N GLY G 97 -57.97 -33.86 15.56
CA GLY G 97 -57.76 -32.44 15.77
C GLY G 97 -57.59 -32.14 17.25
N GLU G 98 -58.43 -32.76 18.08
CA GLU G 98 -58.32 -32.54 19.51
C GLU G 98 -56.98 -33.12 19.93
N LEU G 99 -56.59 -34.23 19.31
CA LEU G 99 -55.33 -34.89 19.62
C LEU G 99 -54.16 -33.97 19.33
N PHE G 100 -54.13 -33.48 18.09
CA PHE G 100 -53.10 -32.58 17.61
C PHE G 100 -53.00 -31.32 18.47
N LEU G 101 -54.15 -30.70 18.73
CA LEU G 101 -54.22 -29.50 19.55
C LEU G 101 -53.78 -29.81 20.98
N ARG G 102 -53.94 -31.08 21.36
CA ARG G 102 -53.56 -31.55 22.68
C ARG G 102 -52.05 -31.74 22.74
N ARG G 103 -51.47 -32.18 21.62
CA ARG G 103 -50.02 -32.38 21.55
C ARG G 103 -49.25 -31.07 21.45
N ILE G 104 -49.64 -30.20 20.51
CA ILE G 104 -48.93 -28.94 20.35
C ILE G 104 -49.00 -28.08 21.60
N SER G 105 -49.90 -28.39 22.53
CA SER G 105 -50.00 -27.59 23.73
C SER G 105 -49.07 -28.11 24.83
N LEU G 106 -47.99 -28.76 24.40
CA LEU G 106 -46.97 -29.31 25.29
C LEU G 106 -45.60 -28.84 24.80
N SER G 107 -45.60 -28.26 23.60
CA SER G 107 -44.37 -27.78 22.96
C SER G 107 -43.58 -26.76 23.76
N ARG G 108 -44.23 -25.68 24.20
CA ARG G 108 -43.55 -24.65 24.98
C ARG G 108 -42.77 -25.31 26.10
N ASN G 109 -43.44 -26.23 26.80
CA ASN G 109 -42.81 -26.90 27.92
C ASN G 109 -41.62 -27.78 27.61
N LYS G 110 -41.70 -28.64 26.59
CA LYS G 110 -40.57 -29.49 26.24
C LYS G 110 -39.36 -28.60 25.98
N ILE G 111 -39.63 -27.45 25.36
CA ILE G 111 -38.61 -26.48 25.02
C ILE G 111 -37.98 -25.81 26.24
N ALA G 112 -38.81 -25.22 27.09
CA ALA G 112 -38.31 -24.58 28.30
C ALA G 112 -37.46 -25.59 29.06
N ASP G 113 -37.68 -26.88 28.80
CA ASP G 113 -36.89 -27.92 29.47
C ASP G 113 -35.58 -28.17 28.75
N LEU G 114 -35.63 -28.20 27.43
CA LEU G 114 -34.43 -28.45 26.66
C LEU G 114 -33.48 -27.27 26.81
N CYS G 115 -33.93 -26.22 27.49
CA CYS G 115 -33.11 -25.03 27.65
C CYS G 115 -32.53 -24.67 28.99
N HIS G 116 -33.05 -25.23 30.08
CA HIS G 116 -32.52 -24.88 31.39
C HIS G 116 -30.98 -25.01 31.49
N THR G 117 -30.40 -25.87 30.66
CA THR G 117 -28.96 -26.11 30.70
C THR G 117 -28.09 -25.00 30.10
N PHE G 118 -28.54 -24.41 29.00
CA PHE G 118 -27.76 -23.35 28.33
C PHE G 118 -27.76 -21.97 29.01
N ILE G 119 -28.75 -21.71 29.86
CA ILE G 119 -28.80 -20.45 30.58
C ILE G 119 -28.01 -20.67 31.87
N LYS G 120 -26.75 -20.27 31.88
CA LYS G 120 -25.90 -20.46 33.04
C LYS G 120 -26.03 -19.35 34.07
N ASP G 121 -25.84 -19.71 35.34
CA ASP G 121 -25.93 -18.74 36.43
C ASP G 121 -25.03 -17.53 36.20
N GLY G 122 -25.61 -16.34 36.25
CA GLY G 122 -24.82 -15.13 36.06
C GLY G 122 -24.73 -14.59 34.64
N ALA G 123 -25.36 -15.29 33.70
CA ALA G 123 -25.37 -14.90 32.31
C ALA G 123 -26.11 -13.58 32.05
N THR G 124 -25.84 -12.98 30.90
CA THR G 124 -26.51 -11.76 30.49
C THR G 124 -27.06 -12.11 29.11
N ILE G 125 -28.39 -12.14 29.03
CA ILE G 125 -29.06 -12.50 27.81
C ILE G 125 -29.56 -11.29 27.02
N LEU G 126 -29.36 -11.33 25.70
CA LEU G 126 -29.81 -10.27 24.83
C LEU G 126 -30.95 -10.88 24.04
N THR G 127 -32.10 -10.20 24.01
CA THR G 127 -33.25 -10.69 23.27
C THR G 127 -33.80 -9.61 22.40
N HIS G 128 -34.71 -10.00 21.51
CA HIS G 128 -35.36 -9.09 20.59
C HIS G 128 -36.89 -9.21 20.68
N ALA G 129 -37.56 -8.07 20.85
CA ALA G 129 -39.02 -7.99 20.92
C ALA G 129 -39.68 -8.95 21.91
N TYR G 130 -40.96 -9.25 21.66
CA TYR G 130 -41.71 -10.15 22.54
C TYR G 130 -41.78 -11.57 22.00
N SER G 131 -41.62 -12.54 22.89
CA SER G 131 -41.71 -13.96 22.54
C SER G 131 -42.24 -14.71 23.76
N ARG G 132 -43.32 -15.44 23.55
CA ARG G 132 -43.93 -16.20 24.62
C ARG G 132 -43.02 -17.35 25.00
N VAL G 133 -42.47 -18.00 23.99
CA VAL G 133 -41.60 -19.10 24.28
C VAL G 133 -40.35 -18.64 25.04
N VAL G 134 -39.81 -17.47 24.68
CA VAL G 134 -38.64 -16.96 25.38
C VAL G 134 -38.98 -16.70 26.86
N LEU G 135 -40.12 -16.07 27.10
CA LEU G 135 -40.58 -15.78 28.46
C LEU G 135 -40.59 -17.07 29.27
N ARG G 136 -41.17 -18.12 28.67
CA ARG G 136 -41.26 -19.42 29.33
C ARG G 136 -39.90 -19.97 29.74
N VAL G 137 -38.97 -19.97 28.81
CA VAL G 137 -37.63 -20.48 29.03
C VAL G 137 -36.93 -19.78 30.18
N LEU G 138 -37.08 -18.46 30.24
CA LEU G 138 -36.44 -17.68 31.29
C LEU G 138 -37.12 -17.88 32.63
N GLU G 139 -38.44 -18.09 32.62
CA GLU G 139 -39.15 -18.34 33.86
C GLU G 139 -38.69 -19.70 34.39
N ALA G 140 -38.69 -20.69 33.51
CA ALA G 140 -38.27 -22.02 33.88
C ALA G 140 -36.81 -22.05 34.29
N ALA G 141 -36.14 -20.91 34.17
CA ALA G 141 -34.74 -20.83 34.53
C ALA G 141 -34.60 -20.04 35.82
N VAL G 142 -35.32 -18.93 35.91
CA VAL G 142 -35.26 -18.12 37.12
C VAL G 142 -35.87 -18.91 38.26
N ALA G 143 -37.18 -19.07 38.23
CA ALA G 143 -37.88 -19.84 39.26
C ALA G 143 -37.17 -21.18 39.48
N ALA G 144 -36.26 -21.53 38.56
CA ALA G 144 -35.51 -22.78 38.67
C ALA G 144 -34.15 -22.56 39.33
N LYS G 145 -34.05 -21.54 40.19
CA LYS G 145 -32.82 -21.23 40.92
C LYS G 145 -31.66 -20.68 40.09
N LYS G 146 -31.94 -19.72 39.20
CA LYS G 146 -30.89 -19.14 38.37
C LYS G 146 -30.93 -17.62 38.36
N ARG G 147 -29.76 -16.99 38.47
CA ARG G 147 -29.68 -15.54 38.49
C ARG G 147 -28.99 -14.97 37.25
N PHE G 148 -29.75 -14.21 36.47
CA PHE G 148 -29.23 -13.60 35.25
C PHE G 148 -29.92 -12.26 35.01
N SER G 149 -29.44 -11.53 34.02
CA SER G 149 -30.03 -10.24 33.67
C SER G 149 -30.25 -10.22 32.17
N VAL G 150 -31.23 -9.45 31.73
CA VAL G 150 -31.60 -9.40 30.31
C VAL G 150 -31.57 -8.02 29.67
N TYR G 151 -31.28 -8.01 28.37
CA TYR G 151 -31.24 -6.80 27.55
C TYR G 151 -32.19 -7.08 26.37
N VAL G 152 -33.12 -6.18 26.10
CA VAL G 152 -34.04 -6.40 25.01
C VAL G 152 -34.28 -5.10 24.28
N THR G 153 -34.44 -5.20 22.98
CA THR G 153 -34.69 -4.06 22.13
C THR G 153 -36.15 -3.65 22.31
N GLU G 154 -36.43 -2.35 22.36
CA GLU G 154 -37.79 -1.87 22.53
C GLU G 154 -38.68 -2.34 21.38
N SER G 155 -38.04 -2.65 20.25
CA SER G 155 -38.72 -3.18 19.06
C SER G 155 -39.81 -2.39 18.38
N GLN G 156 -39.42 -1.36 17.64
CA GLN G 156 -40.40 -0.55 16.90
C GLN G 156 -41.05 -1.50 15.89
N PRO G 157 -42.26 -1.17 15.40
CA PRO G 157 -43.06 0.02 15.71
C PRO G 157 -44.09 -0.14 16.85
N ASP G 158 -44.42 -1.37 17.23
CA ASP G 158 -45.38 -1.58 18.30
C ASP G 158 -44.75 -1.68 19.70
N LEU G 159 -43.49 -1.29 19.82
CA LEU G 159 -42.76 -1.35 21.08
C LEU G 159 -42.97 -2.63 21.90
N SER G 160 -43.13 -3.75 21.21
CA SER G 160 -43.35 -5.00 21.91
C SER G 160 -42.19 -5.37 22.85
N GLY G 161 -41.05 -4.74 22.65
CA GLY G 161 -39.88 -5.02 23.47
C GLY G 161 -40.10 -4.54 24.89
N LYS G 162 -40.71 -3.37 25.02
CA LYS G 162 -41.00 -2.82 26.34
C LYS G 162 -41.96 -3.75 27.06
N LYS G 163 -42.93 -4.26 26.31
CA LYS G 163 -43.93 -5.17 26.84
C LYS G 163 -43.21 -6.39 27.42
N ALA G 165 -40.12 -6.56 28.41
CA ALA G 165 -39.38 -6.06 29.56
C ALA G 165 -40.26 -6.14 30.80
N LYS G 166 -41.40 -5.47 30.75
CA LYS G 166 -42.35 -5.46 31.86
C LYS G 166 -42.61 -6.89 32.34
N ALA G 167 -42.89 -7.80 31.41
CA ALA G 167 -43.15 -9.19 31.77
C ALA G 167 -41.96 -9.78 32.52
N LEU G 168 -40.75 -9.36 32.15
CA LEU G 168 -39.57 -9.88 32.81
C LEU G 168 -39.39 -9.28 34.19
N CYS G 169 -39.81 -8.03 34.34
CA CYS G 169 -39.72 -7.32 35.60
C CYS G 169 -40.62 -8.00 36.62
N HIS G 170 -41.80 -8.45 36.16
CA HIS G 170 -42.78 -9.12 37.00
C HIS G 170 -42.21 -10.38 37.62
N LEU G 171 -41.12 -10.88 37.05
CA LEU G 171 -40.44 -12.07 37.57
C LEU G 171 -39.21 -11.63 38.36
N ASN G 172 -39.11 -10.32 38.59
CA ASN G 172 -37.98 -9.75 39.29
C ASN G 172 -36.65 -10.16 38.65
N VAL G 173 -36.59 -10.11 37.31
CA VAL G 173 -35.32 -10.40 36.65
C VAL G 173 -34.84 -9.01 36.25
N PRO G 174 -33.56 -8.72 36.47
CA PRO G 174 -32.99 -7.41 36.12
C PRO G 174 -33.07 -7.29 34.59
N VAL G 175 -33.64 -6.19 34.11
CA VAL G 175 -33.79 -6.00 32.68
C VAL G 175 -33.65 -4.57 32.22
N THR G 176 -32.90 -4.40 31.12
CA THR G 176 -32.65 -3.10 30.54
C THR G 176 -33.15 -3.07 29.10
N VAL G 177 -33.85 -2.00 28.76
CA VAL G 177 -34.40 -1.83 27.41
C VAL G 177 -33.46 -0.89 26.66
N VAL G 178 -33.14 -1.24 25.41
CA VAL G 178 -32.26 -0.40 24.61
C VAL G 178 -32.96 -0.10 23.29
N LEU G 179 -32.44 0.85 22.52
CA LEU G 179 -33.05 1.18 21.21
C LEU G 179 -32.57 0.15 20.20
N ASP G 180 -33.43 -0.16 19.23
CA ASP G 180 -33.08 -1.11 18.17
C ASP G 180 -31.75 -0.74 17.54
N ALA G 181 -31.48 0.56 17.49
CA ALA G 181 -30.24 1.08 16.94
C ALA G 181 -29.03 0.74 17.80
N ALA G 182 -29.28 0.32 19.05
CA ALA G 182 -28.19 0.03 19.97
C ALA G 182 -27.83 -1.44 20.18
N VAL G 183 -28.17 -2.27 19.22
CA VAL G 183 -27.86 -3.67 19.34
C VAL G 183 -26.34 -3.92 19.17
N GLY G 184 -25.71 -3.31 18.17
CA GLY G 184 -24.29 -3.50 17.98
C GLY G 184 -23.48 -2.80 19.06
N TYR G 185 -24.15 -1.92 19.80
CA TYR G 185 -23.53 -1.18 20.88
C TYR G 185 -23.52 -2.02 22.14
N ILE G 186 -24.64 -2.67 22.41
CA ILE G 186 -24.83 -3.48 23.61
C ILE G 186 -24.32 -4.91 23.48
N GLU G 188 -21.42 -6.29 23.03
CA GLU G 188 -20.22 -6.69 23.74
C GLU G 188 -20.49 -7.10 25.19
N LYS G 189 -21.60 -6.62 25.75
CA LYS G 189 -21.90 -6.99 27.11
C LYS G 189 -22.91 -8.12 27.27
N ALA G 190 -23.17 -8.82 26.16
CA ALA G 190 -24.09 -9.94 26.15
C ALA G 190 -23.29 -11.25 26.19
N ASP G 191 -23.88 -12.30 26.77
CA ASP G 191 -23.19 -13.58 26.80
C ASP G 191 -23.71 -14.46 25.68
N LEU G 192 -25.00 -14.33 25.41
CA LEU G 192 -25.67 -15.08 24.37
C LEU G 192 -26.97 -14.36 24.07
N VAL G 193 -27.57 -14.66 22.93
CA VAL G 193 -28.86 -14.08 22.64
C VAL G 193 -29.84 -15.21 22.38
N ILE G 194 -31.05 -15.06 22.90
CA ILE G 194 -32.11 -16.04 22.73
C ILE G 194 -33.23 -15.30 22.02
N VAL G 195 -33.80 -15.94 21.03
CA VAL G 195 -34.85 -15.33 20.26
C VAL G 195 -35.85 -16.40 19.84
N GLY G 196 -37.09 -15.97 19.63
CA GLY G 196 -38.10 -16.89 19.17
C GLY G 196 -38.20 -16.77 17.66
N ALA G 197 -39.07 -17.56 17.05
CA ALA G 197 -39.22 -17.50 15.61
C ALA G 197 -40.68 -17.53 15.21
N GLU G 198 -41.02 -16.77 14.17
CA GLU G 198 -42.38 -16.77 13.67
C GLU G 198 -42.42 -18.00 12.78
N GLY G 199 -41.28 -18.29 12.15
CA GLY G 199 -41.22 -19.46 11.30
C GLY G 199 -39.84 -19.98 11.11
N VAL G 200 -39.73 -21.30 10.97
CA VAL G 200 -38.45 -21.94 10.74
C VAL G 200 -38.54 -22.45 9.30
N VAL G 201 -37.67 -21.97 8.41
CA VAL G 201 -37.73 -22.42 7.03
C VAL G 201 -36.91 -23.67 6.79
N GLU G 202 -37.15 -24.29 5.63
CA GLU G 202 -36.52 -25.57 5.28
C GLU G 202 -35.00 -25.70 5.32
N ASN G 203 -34.27 -24.60 5.46
CA ASN G 203 -32.81 -24.71 5.51
C ASN G 203 -32.29 -24.44 6.92
N GLY G 204 -33.20 -24.37 7.89
CA GLY G 204 -32.76 -24.12 9.24
C GLY G 204 -32.74 -22.64 9.60
N GLY G 205 -33.07 -21.80 8.63
CA GLY G 205 -33.10 -20.37 8.90
C GLY G 205 -34.44 -19.99 9.53
N ILE G 206 -34.62 -18.72 9.87
CA ILE G 206 -35.86 -18.30 10.49
C ILE G 206 -36.40 -16.97 10.03
N ILE G 207 -37.73 -16.86 10.10
CA ILE G 207 -38.41 -15.63 9.79
C ILE G 207 -38.82 -15.14 11.17
N ASN G 208 -38.58 -13.87 11.46
CA ASN G 208 -38.90 -13.30 12.76
C ASN G 208 -39.08 -11.77 12.68
N LYS G 209 -39.61 -11.19 13.76
CA LYS G 209 -39.84 -9.75 13.86
C LYS G 209 -38.67 -8.92 13.33
N ILE G 210 -38.98 -8.03 12.39
CA ILE G 210 -37.99 -7.17 11.77
C ILE G 210 -36.98 -6.71 12.81
N GLY G 211 -35.70 -6.85 12.50
CA GLY G 211 -34.67 -6.47 13.43
C GLY G 211 -33.89 -7.69 13.88
N THR G 212 -34.50 -8.86 13.76
CA THR G 212 -33.85 -10.10 14.19
C THR G 212 -32.58 -10.37 13.42
N ASN G 213 -32.63 -10.11 12.11
CA ASN G 213 -31.49 -10.34 11.24
C ASN G 213 -30.19 -9.62 11.63
N GLN G 214 -30.28 -8.31 11.86
CA GLN G 214 -29.08 -7.56 12.21
C GLN G 214 -28.56 -7.92 13.58
N ALA G 216 -28.47 -10.95 14.72
CA ALA G 216 -27.71 -12.17 14.49
C ALA G 216 -26.32 -11.88 13.85
N VAL G 217 -26.29 -10.97 12.89
CA VAL G 217 -25.06 -10.58 12.22
C VAL G 217 -24.07 -10.00 13.25
N CYS G 218 -24.56 -9.18 14.19
CA CYS G 218 -23.71 -8.60 15.22
C CYS G 218 -23.25 -9.67 16.23
N ALA G 219 -24.17 -10.54 16.65
CA ALA G 219 -23.82 -11.60 17.58
C ALA G 219 -22.73 -12.49 16.99
N LYS G 220 -22.77 -12.71 15.67
CA LYS G 220 -21.78 -13.54 15.04
C LYS G 220 -20.42 -12.84 14.95
N ALA G 221 -20.40 -11.56 14.61
CA ALA G 221 -19.13 -10.87 14.52
C ALA G 221 -18.43 -10.82 15.86
N GLN G 222 -19.18 -10.89 16.96
CA GLN G 222 -18.55 -10.90 18.28
C GLN G 222 -18.52 -12.31 18.87
N ASN G 223 -18.79 -13.30 18.03
CA ASN G 223 -18.73 -14.69 18.44
C ASN G 223 -19.75 -15.12 19.51
N LYS G 224 -20.75 -14.30 19.75
CA LYS G 224 -21.78 -14.60 20.74
C LYS G 224 -22.77 -15.62 20.19
N PRO G 225 -22.97 -16.74 20.90
CA PRO G 225 -23.92 -17.74 20.39
C PRO G 225 -25.33 -17.19 20.24
N PHE G 226 -25.96 -17.53 19.13
CA PHE G 226 -27.32 -17.10 18.81
C PHE G 226 -28.26 -18.33 18.93
N TYR G 227 -29.20 -18.28 19.86
CA TYR G 227 -30.08 -19.44 20.01
C TYR G 227 -31.50 -19.09 19.70
N VAL G 228 -32.18 -19.99 18.98
CA VAL G 228 -33.57 -19.76 18.65
C VAL G 228 -34.41 -20.77 19.39
N VAL G 229 -35.51 -20.29 19.95
CA VAL G 229 -36.41 -21.14 20.70
C VAL G 229 -37.80 -21.14 20.05
N ALA G 230 -38.20 -22.25 19.44
CA ALA G 230 -39.50 -22.28 18.76
C ALA G 230 -40.11 -23.65 18.54
N GLU G 231 -41.44 -23.69 18.57
CA GLU G 231 -42.26 -24.89 18.40
C GLU G 231 -42.17 -25.46 16.99
N SER G 232 -42.21 -26.78 16.89
CA SER G 232 -42.09 -27.41 15.59
C SER G 232 -43.25 -27.09 14.65
N PHE G 233 -44.40 -26.69 15.20
CA PHE G 233 -45.50 -26.36 14.30
C PHE G 233 -45.22 -25.06 13.56
N LYS G 234 -44.02 -24.51 13.76
CA LYS G 234 -43.64 -23.29 13.10
C LYS G 234 -42.77 -23.61 11.87
N PHE G 235 -42.43 -24.89 11.72
CA PHE G 235 -41.66 -25.35 10.58
C PHE G 235 -42.53 -25.17 9.33
N VAL G 236 -42.17 -24.22 8.48
CA VAL G 236 -42.92 -23.95 7.26
C VAL G 236 -42.16 -24.38 6.00
N ARG G 237 -42.92 -24.72 4.96
CA ARG G 237 -42.39 -25.15 3.69
C ARG G 237 -42.08 -23.97 2.78
N LEU G 238 -40.94 -23.35 3.02
CA LEU G 238 -40.46 -22.21 2.26
C LEU G 238 -38.97 -22.38 2.25
N PHE G 239 -38.31 -21.92 1.19
CA PHE G 239 -36.85 -22.05 1.14
C PHE G 239 -36.20 -20.76 0.67
N PRO G 240 -36.34 -19.68 1.44
CA PRO G 240 -35.74 -18.39 1.07
C PRO G 240 -34.22 -18.31 1.25
N LEU G 241 -33.56 -17.58 0.36
CA LEU G 241 -32.12 -17.40 0.46
C LEU G 241 -31.76 -15.98 0.83
N ASN G 242 -32.74 -15.07 0.75
CA ASN G 242 -32.53 -13.66 1.08
C ASN G 242 -33.88 -13.00 1.44
N GLN G 243 -33.83 -11.75 1.88
CA GLN G 243 -35.05 -11.04 2.27
C GLN G 243 -36.09 -10.99 1.17
N GLN G 244 -35.58 -10.93 -0.05
CA GLN G 244 -36.42 -10.85 -1.24
C GLN G 244 -37.30 -12.09 -1.44
N ASP G 245 -36.81 -13.27 -1.02
CA ASP G 245 -37.58 -14.52 -1.18
C ASP G 245 -38.77 -14.64 -0.21
N VAL G 246 -38.72 -13.97 0.92
CA VAL G 246 -39.83 -14.03 1.85
C VAL G 246 -41.07 -13.39 1.21
N PRO G 247 -42.18 -14.15 1.12
CA PRO G 247 -43.45 -13.69 0.53
C PRO G 247 -43.97 -12.41 1.15
N ASP G 248 -44.52 -11.53 0.32
CA ASP G 248 -45.07 -10.28 0.81
C ASP G 248 -46.16 -10.54 1.85
N LYS G 249 -46.93 -11.60 1.60
CA LYS G 249 -48.01 -12.06 2.47
C LYS G 249 -47.60 -12.22 3.95
N PHE G 250 -46.32 -12.46 4.21
CA PHE G 250 -45.85 -12.61 5.58
C PHE G 250 -45.18 -11.34 6.06
N LYS G 251 -44.69 -10.56 5.11
CA LYS G 251 -44.02 -9.29 5.39
C LYS G 251 -44.92 -8.15 5.81
N TYR G 252 -46.11 -8.06 5.23
CA TYR G 252 -47.00 -6.95 5.59
C TYR G 252 -48.37 -7.40 6.09
N LEU G 266 -40.66 10.48 -2.05
CA LEU G 266 -40.46 9.95 -0.69
C LEU G 266 -41.38 8.77 -0.35
N LYS G 267 -40.77 7.61 -0.17
CA LYS G 267 -41.44 6.36 0.15
C LYS G 267 -41.07 5.90 1.57
N GLU G 268 -41.66 4.77 1.99
CA GLU G 268 -41.40 4.17 3.29
C GLU G 268 -41.69 2.69 3.25
N GLU G 269 -40.72 1.88 3.64
CA GLU G 269 -40.90 0.43 3.63
C GLU G 269 -41.08 -0.12 5.05
N HIS G 270 -42.16 -0.86 5.27
CA HIS G 270 -42.48 -1.39 6.58
C HIS G 270 -42.62 -2.91 6.73
N PRO G 271 -41.52 -3.65 6.50
CA PRO G 271 -41.53 -5.11 6.62
C PRO G 271 -41.68 -5.44 8.10
N TRP G 272 -42.62 -6.31 8.43
CA TRP G 272 -42.84 -6.71 9.81
C TRP G 272 -41.89 -7.78 10.29
N VAL G 273 -41.34 -8.53 9.35
CA VAL G 273 -40.41 -9.61 9.65
C VAL G 273 -39.21 -9.61 8.69
N ASP G 274 -38.15 -10.34 9.03
CA ASP G 274 -36.99 -10.48 8.15
C ASP G 274 -36.46 -11.91 8.28
N TYR G 275 -35.56 -12.30 7.39
CA TYR G 275 -35.05 -13.66 7.41
C TYR G 275 -33.61 -13.67 7.90
N THR G 276 -33.30 -14.70 8.68
CA THR G 276 -32.00 -14.89 9.24
C THR G 276 -31.50 -16.22 8.73
N ALA G 277 -30.46 -16.19 7.91
CA ALA G 277 -29.90 -17.40 7.33
C ALA G 277 -29.43 -18.34 8.42
N PRO G 278 -29.42 -19.65 8.13
CA PRO G 278 -29.00 -20.69 9.06
C PRO G 278 -27.55 -20.56 9.57
N SER G 279 -26.66 -19.98 8.76
CA SER G 279 -25.26 -19.83 9.18
C SER G 279 -25.10 -18.78 10.28
N LEU G 280 -26.18 -18.06 10.59
CA LEU G 280 -26.14 -17.05 11.62
C LEU G 280 -26.76 -17.63 12.90
N ILE G 281 -27.18 -18.89 12.84
CA ILE G 281 -27.80 -19.57 13.98
C ILE G 281 -26.92 -20.69 14.55
N THR G 282 -26.83 -20.73 15.87
CA THR G 282 -26.02 -21.72 16.60
C THR G 282 -26.81 -22.98 16.86
N LEU G 283 -27.96 -22.81 17.51
CA LEU G 283 -28.82 -23.94 17.82
C LEU G 283 -30.27 -23.51 17.92
N LEU G 284 -31.18 -24.45 17.63
CA LEU G 284 -32.60 -24.21 17.76
C LEU G 284 -33.13 -25.18 18.81
N PHE G 285 -33.96 -24.68 19.71
CA PHE G 285 -34.56 -25.53 20.72
C PHE G 285 -36.03 -25.72 20.38
N THR G 286 -36.38 -26.97 20.07
CA THR G 286 -37.74 -27.31 19.69
C THR G 286 -38.26 -28.51 20.46
N ASP G 287 -39.58 -28.68 20.45
CA ASP G 287 -40.21 -29.81 21.14
C ASP G 287 -39.71 -31.11 20.51
N LEU G 288 -38.97 -30.99 19.40
CA LEU G 288 -38.39 -32.14 18.71
C LEU G 288 -36.95 -32.39 19.16
N GLY G 289 -36.45 -31.53 20.03
CA GLY G 289 -35.09 -31.69 20.51
C GLY G 289 -34.23 -30.55 20.01
N VAL G 290 -33.05 -30.39 20.59
CA VAL G 290 -32.13 -29.33 20.19
C VAL G 290 -31.54 -29.64 18.82
N LEU G 291 -31.66 -28.69 17.89
CA LEU G 291 -31.18 -28.88 16.53
C LEU G 291 -30.23 -27.80 16.01
N THR G 292 -29.22 -28.20 15.24
CA THR G 292 -28.33 -27.22 14.63
C THR G 292 -29.06 -26.95 13.31
N PRO G 293 -28.95 -25.72 12.76
CA PRO G 293 -29.62 -25.37 11.50
C PRO G 293 -29.60 -26.37 10.34
N SER G 294 -28.50 -27.08 10.15
CA SER G 294 -28.41 -28.06 9.05
C SER G 294 -29.22 -29.34 9.26
N ALA G 295 -29.83 -29.49 10.43
CA ALA G 295 -30.63 -30.68 10.73
C ALA G 295 -32.12 -30.42 10.49
N VAL G 296 -32.53 -29.16 10.46
CA VAL G 296 -33.93 -28.80 10.27
C VAL G 296 -34.59 -29.44 9.05
N SER G 297 -33.99 -29.26 7.87
CA SER G 297 -34.57 -29.82 6.64
C SER G 297 -35.03 -31.28 6.82
N ASP G 298 -34.13 -32.14 7.30
CA ASP G 298 -34.49 -33.55 7.47
C ASP G 298 -35.56 -33.76 8.52
N GLU G 299 -35.51 -32.97 9.59
CA GLU G 299 -36.53 -33.08 10.62
C GLU G 299 -37.87 -32.64 10.02
N LEU G 300 -37.85 -31.46 9.41
CA LEU G 300 -39.05 -30.88 8.82
C LEU G 300 -39.80 -31.88 7.96
N ILE G 301 -39.09 -32.58 7.09
CA ILE G 301 -39.72 -33.58 6.23
C ILE G 301 -40.16 -34.77 7.07
N LYS G 302 -39.28 -35.23 7.94
CA LYS G 302 -39.60 -36.35 8.81
C LYS G 302 -40.77 -35.96 9.72
N LEU G 303 -41.15 -34.69 9.66
CA LEU G 303 -42.26 -34.17 10.46
C LEU G 303 -43.51 -34.08 9.59
N TYR G 304 -43.40 -33.35 8.47
CA TYR G 304 -44.51 -33.20 7.53
C TYR G 304 -45.04 -34.55 7.06
N LEU G 305 -44.14 -35.54 6.94
CA LEU G 305 -44.52 -36.87 6.51
C LEU G 305 -44.66 -37.79 7.75
N ALA G 306 -45.81 -37.71 8.43
CA ALA G 306 -46.04 -38.56 9.60
C ALA G 306 -47.40 -39.26 9.45
N ALA G 307 -47.38 -40.43 8.81
CA ALA G 307 -48.58 -41.23 8.56
C ALA G 307 -49.65 -40.41 7.86
N ASP H 2 -29.67 -65.31 -0.71
CA ASP H 2 -28.92 -64.74 0.40
C ASP H 2 -27.96 -63.65 -0.07
N ASP H 3 -27.00 -63.33 0.77
CA ASP H 3 -26.00 -62.30 0.45
C ASP H 3 -25.17 -62.71 -0.77
N LYS H 4 -24.49 -63.83 -0.64
CA LYS H 4 -23.67 -64.34 -1.74
C LYS H 4 -24.55 -64.28 -2.99
N GLU H 5 -25.77 -64.80 -2.87
CA GLU H 5 -26.72 -64.82 -3.98
C GLU H 5 -27.18 -63.45 -4.45
N LEU H 6 -27.45 -62.55 -3.50
CA LEU H 6 -27.88 -61.19 -3.83
C LEU H 6 -26.86 -60.50 -4.71
N ILE H 7 -25.64 -60.39 -4.20
CA ILE H 7 -24.56 -59.74 -4.92
C ILE H 7 -24.38 -60.33 -6.32
N GLU H 8 -24.44 -61.66 -6.44
CA GLU H 8 -24.28 -62.32 -7.74
C GLU H 8 -25.33 -61.78 -8.71
N TYR H 9 -26.58 -61.79 -8.24
CA TYR H 9 -27.73 -61.34 -9.02
C TYR H 9 -27.60 -59.87 -9.42
N PHE H 10 -27.21 -59.03 -8.48
CA PHE H 10 -27.03 -57.60 -8.71
C PHE H 10 -25.96 -57.25 -9.74
N LYS H 11 -24.83 -57.96 -9.72
CA LYS H 11 -23.75 -57.71 -10.68
C LYS H 11 -24.13 -58.11 -12.09
N SER H 12 -24.58 -59.35 -12.23
CA SER H 12 -24.98 -59.87 -13.54
C SER H 12 -26.11 -59.00 -14.05
N GLN H 13 -26.82 -58.36 -13.13
CA GLN H 13 -27.92 -57.50 -13.51
C GLN H 13 -27.37 -56.33 -14.34
N LYS H 15 -24.15 -56.36 -15.67
CA LYS H 15 -23.28 -56.85 -16.73
C LYS H 15 -24.11 -57.01 -17.99
N GLU H 16 -25.27 -57.66 -17.85
CA GLU H 16 -26.19 -57.90 -18.96
C GLU H 16 -26.74 -56.62 -19.55
N ASP H 17 -26.79 -55.55 -18.75
CA ASP H 17 -27.25 -54.26 -19.26
C ASP H 17 -26.47 -53.08 -18.66
N PRO H 18 -25.30 -52.78 -19.24
CA PRO H 18 -24.40 -51.71 -18.84
C PRO H 18 -25.06 -50.34 -18.92
N ASP H 19 -26.03 -50.24 -19.81
CA ASP H 19 -26.76 -49.01 -20.01
C ASP H 19 -27.72 -48.75 -18.84
N ALA H 21 -28.77 -48.04 -15.05
CA ALA H 21 -28.24 -47.36 -13.87
C ALA H 21 -28.09 -48.32 -12.68
N SER H 22 -26.98 -48.23 -11.98
CA SER H 22 -26.76 -49.11 -10.84
C SER H 22 -27.93 -49.06 -9.84
N ALA H 23 -28.62 -47.93 -9.77
CA ALA H 23 -29.74 -47.79 -8.83
C ALA H 23 -30.97 -48.63 -9.21
N VAL H 24 -31.12 -48.87 -10.51
CA VAL H 24 -32.24 -49.66 -11.02
C VAL H 24 -31.96 -51.15 -10.86
N ALA H 25 -30.71 -51.55 -11.07
CA ALA H 25 -30.33 -52.93 -10.92
C ALA H 25 -30.57 -53.34 -9.48
N ALA H 26 -30.18 -52.47 -8.57
CA ALA H 26 -30.34 -52.73 -7.15
C ALA H 26 -31.79 -52.94 -6.76
N ILE H 27 -32.67 -52.04 -7.21
CA ILE H 27 -34.07 -52.17 -6.86
C ILE H 27 -34.69 -53.37 -7.57
N ARG H 28 -34.08 -53.80 -8.66
CA ARG H 28 -34.60 -54.96 -9.37
C ARG H 28 -34.28 -56.22 -8.60
N THR H 29 -33.12 -56.26 -7.97
CA THR H 29 -32.75 -57.43 -7.20
C THR H 29 -33.59 -57.44 -5.93
N LEU H 30 -33.97 -56.26 -5.44
CA LEU H 30 -34.80 -56.17 -4.24
C LEU H 30 -36.19 -56.74 -4.54
N LEU H 31 -36.67 -56.50 -5.75
CA LEU H 31 -37.98 -57.00 -6.16
C LEU H 31 -37.83 -58.52 -6.29
N GLU H 32 -36.75 -58.94 -6.94
CA GLU H 32 -36.47 -60.34 -7.11
C GLU H 32 -36.31 -61.00 -5.76
N PHE H 33 -35.71 -60.29 -4.82
CA PHE H 33 -35.52 -60.82 -3.48
C PHE H 33 -36.87 -60.80 -2.75
N LEU H 34 -37.76 -59.92 -3.17
CA LEU H 34 -39.07 -59.83 -2.55
C LEU H 34 -39.89 -61.05 -2.96
N LYS H 35 -39.85 -61.38 -4.25
CA LYS H 35 -40.56 -62.53 -4.80
C LYS H 35 -39.92 -63.79 -4.24
N ARG H 36 -38.66 -63.98 -4.61
CA ARG H 36 -37.88 -65.13 -4.21
C ARG H 36 -37.90 -65.36 -2.70
N ASP H 37 -38.06 -64.31 -1.91
CA ASP H 37 -38.10 -64.47 -0.47
C ASP H 37 -39.47 -64.94 -0.03
N LYS H 38 -39.48 -65.85 0.94
CA LYS H 38 -40.72 -66.37 1.45
C LYS H 38 -40.57 -66.72 2.92
N GLY H 39 -41.50 -67.49 3.46
CA GLY H 39 -41.43 -67.82 4.86
C GLY H 39 -41.78 -66.52 5.56
N GLU H 40 -43.07 -66.35 5.85
CA GLU H 40 -43.54 -65.13 6.48
C GLU H 40 -43.20 -64.94 7.96
N THR H 41 -44.20 -64.68 8.79
CA THR H 41 -43.99 -64.42 10.21
C THR H 41 -43.04 -63.22 10.17
N ILE H 42 -43.04 -62.58 9.01
CA ILE H 42 -42.21 -61.42 8.72
C ILE H 42 -43.08 -60.26 8.26
N GLN H 43 -44.38 -60.36 8.52
CA GLN H 43 -45.35 -59.33 8.15
C GLN H 43 -44.60 -58.00 8.09
N GLY H 44 -43.74 -57.78 9.09
CA GLY H 44 -42.93 -56.59 9.15
C GLY H 44 -41.55 -56.97 9.64
N LEU H 45 -41.38 -58.27 9.88
CA LEU H 45 -40.10 -58.81 10.35
C LEU H 45 -39.08 -58.77 9.22
N ARG H 46 -39.48 -59.16 8.01
CA ARG H 46 -38.56 -59.15 6.88
C ARG H 46 -38.50 -57.74 6.30
N ALA H 47 -39.41 -56.88 6.75
CA ALA H 47 -39.41 -55.50 6.32
C ALA H 47 -38.05 -54.99 6.77
N ASN H 48 -37.41 -55.81 7.62
CA ASN H 48 -36.09 -55.55 8.16
C ASN H 48 -35.05 -56.28 7.31
N LEU H 49 -35.29 -57.57 7.08
CA LEU H 49 -34.40 -58.41 6.29
C LEU H 49 -34.16 -57.81 4.90
N THR H 50 -35.17 -57.12 4.37
CA THR H 50 -35.05 -56.49 3.06
C THR H 50 -34.15 -55.27 3.19
N SER H 51 -33.89 -54.86 4.42
CA SER H 51 -33.01 -53.73 4.72
C SER H 51 -31.64 -54.35 5.01
N ALA H 52 -31.67 -55.53 5.61
CA ALA H 52 -30.47 -56.27 5.95
C ALA H 52 -29.70 -56.57 4.69
N ILE H 53 -30.26 -56.16 3.56
CA ILE H 53 -29.64 -56.37 2.26
C ILE H 53 -29.65 -55.07 1.48
N GLU H 54 -30.21 -54.04 2.09
CA GLU H 54 -30.21 -52.73 1.47
C GLU H 54 -28.74 -52.37 1.62
N THR H 55 -28.19 -52.73 2.76
CA THR H 55 -26.79 -52.50 3.09
C THR H 55 -25.91 -53.35 2.17
N LEU H 56 -26.14 -54.66 2.21
CA LEU H 56 -25.38 -55.62 1.39
C LEU H 56 -25.16 -55.13 -0.03
N CYS H 57 -26.16 -54.43 -0.57
CA CYS H 57 -26.03 -53.89 -1.92
C CYS H 57 -25.07 -52.70 -1.84
N GLY H 58 -24.11 -52.84 -0.94
CA GLY H 58 -23.08 -51.85 -0.73
C GLY H 58 -21.83 -52.42 -1.41
N VAL H 59 -22.06 -53.28 -2.40
CA VAL H 59 -20.99 -53.88 -3.19
C VAL H 59 -20.67 -52.79 -4.20
N ASP H 60 -21.62 -51.86 -4.29
CA ASP H 60 -21.54 -50.67 -5.13
C ASP H 60 -21.81 -49.57 -4.11
N SER H 61 -20.77 -48.85 -3.69
CA SER H 61 -20.95 -47.82 -2.68
C SER H 61 -21.45 -46.45 -3.18
N SER H 62 -22.42 -46.48 -4.08
CA SER H 62 -22.99 -45.24 -4.60
C SER H 62 -24.24 -44.83 -3.83
N VAL H 63 -24.43 -43.54 -3.66
CA VAL H 63 -25.58 -43.02 -2.94
C VAL H 63 -26.87 -43.37 -3.66
N ALA H 64 -26.81 -43.44 -4.99
CA ALA H 64 -27.99 -43.76 -5.80
C ALA H 64 -28.68 -45.02 -5.32
N VAL H 65 -27.89 -46.09 -5.21
CA VAL H 65 -28.41 -47.38 -4.75
C VAL H 65 -29.10 -47.25 -3.40
N SER H 66 -28.64 -46.31 -2.58
CA SER H 66 -29.21 -46.09 -1.27
C SER H 66 -30.48 -45.27 -1.28
N SER H 67 -30.45 -44.10 -1.94
CA SER H 67 -31.64 -43.25 -1.99
C SER H 67 -32.74 -43.94 -2.79
N GLY H 68 -32.31 -44.68 -3.82
CA GLY H 68 -33.24 -45.40 -4.67
C GLY H 68 -33.83 -46.53 -3.86
N GLY H 69 -32.95 -47.29 -3.22
CA GLY H 69 -33.39 -48.39 -2.39
C GLY H 69 -34.38 -47.92 -1.33
N GLU H 70 -34.08 -46.83 -0.63
CA GLU H 70 -35.00 -46.34 0.39
C GLU H 70 -36.32 -45.91 -0.24
N LEU H 71 -36.26 -45.32 -1.42
CA LEU H 71 -37.48 -44.90 -2.07
C LEU H 71 -38.37 -46.12 -2.31
N PHE H 72 -37.77 -47.15 -2.90
CA PHE H 72 -38.46 -48.41 -3.20
C PHE H 72 -39.18 -48.95 -1.98
N LEU H 73 -38.41 -49.22 -0.94
CA LEU H 73 -38.94 -49.75 0.30
C LEU H 73 -40.02 -48.85 0.89
N ARG H 74 -39.93 -47.56 0.63
CA ARG H 74 -40.89 -46.59 1.14
C ARG H 74 -42.18 -46.65 0.33
N PHE H 75 -42.03 -46.83 -0.97
CA PHE H 75 -43.16 -46.90 -1.90
C PHE H 75 -43.99 -48.18 -1.76
N ILE H 76 -43.31 -49.32 -1.75
CA ILE H 76 -44.00 -50.61 -1.65
C ILE H 76 -44.48 -50.93 -0.24
N SER H 77 -44.69 -49.88 0.55
CA SER H 77 -45.18 -50.05 1.92
C SER H 77 -46.53 -49.34 2.10
N LEU H 78 -47.47 -50.07 2.66
CA LEU H 78 -48.83 -49.57 2.89
C LEU H 78 -49.11 -49.34 4.38
N SER H 87 -52.10 -60.10 7.21
CA SER H 87 -52.44 -60.97 6.08
C SER H 87 -51.32 -60.97 5.06
N LYS H 88 -50.86 -62.15 4.66
CA LYS H 88 -49.77 -62.24 3.68
C LYS H 88 -50.19 -61.97 2.24
N CYS H 89 -51.31 -61.27 2.09
CA CYS H 89 -51.82 -60.87 0.79
C CYS H 89 -51.00 -59.63 0.49
N LYS H 90 -50.31 -59.15 1.53
CA LYS H 90 -49.47 -57.96 1.47
C LYS H 90 -48.42 -58.04 0.37
N LYS H 91 -48.28 -59.21 -0.25
CA LYS H 91 -47.33 -59.34 -1.34
C LYS H 91 -47.97 -58.65 -2.54
N ILE H 92 -48.48 -57.46 -2.24
CA ILE H 92 -49.08 -56.57 -3.20
C ILE H 92 -47.99 -55.50 -3.22
N ILE H 94 -45.09 -56.42 -4.04
CA ILE H 94 -44.43 -56.82 -5.27
C ILE H 94 -45.01 -56.13 -6.51
N GLU H 95 -46.34 -56.11 -6.63
CA GLU H 95 -46.93 -55.46 -7.79
C GLU H 95 -46.75 -53.95 -7.72
N ARG H 96 -46.60 -53.43 -6.50
CA ARG H 96 -46.37 -52.00 -6.31
C ARG H 96 -44.92 -51.79 -6.72
N GLY H 97 -44.08 -52.75 -6.32
CA GLY H 97 -42.67 -52.70 -6.65
C GLY H 97 -42.45 -52.75 -8.16
N GLU H 98 -43.36 -53.41 -8.88
CA GLU H 98 -43.24 -53.49 -10.33
C GLU H 98 -43.77 -52.21 -10.98
N LEU H 99 -44.67 -51.53 -10.29
CA LEU H 99 -45.23 -50.28 -10.78
C LEU H 99 -44.13 -49.23 -10.69
N PHE H 100 -43.43 -49.24 -9.57
CA PHE H 100 -42.35 -48.31 -9.31
C PHE H 100 -41.27 -48.35 -10.40
N LEU H 101 -40.73 -49.55 -10.63
CA LEU H 101 -39.72 -49.75 -11.67
C LEU H 101 -40.28 -49.27 -12.99
N ARG H 102 -41.51 -49.66 -13.27
CA ARG H 102 -42.16 -49.27 -14.51
C ARG H 102 -42.13 -47.74 -14.61
N ARG H 103 -42.40 -47.08 -13.48
CA ARG H 103 -42.38 -45.62 -13.40
C ARG H 103 -41.01 -45.03 -13.68
N ILE H 104 -40.05 -45.33 -12.81
CA ILE H 104 -38.70 -44.80 -12.96
C ILE H 104 -38.00 -45.43 -14.16
N SER H 105 -38.70 -45.50 -15.28
CA SER H 105 -38.14 -46.06 -16.50
C SER H 105 -38.37 -45.12 -17.67
N LEU H 106 -39.06 -44.03 -17.39
CA LEU H 106 -39.35 -43.03 -18.39
C LEU H 106 -38.62 -41.74 -18.00
N SER H 107 -37.82 -41.86 -16.94
CA SER H 107 -37.07 -40.72 -16.40
C SER H 107 -36.01 -40.18 -17.37
N ARG H 108 -35.06 -41.03 -17.77
CA ARG H 108 -34.01 -40.58 -18.69
C ARG H 108 -34.56 -39.77 -19.85
N ASN H 109 -35.39 -40.41 -20.67
CA ASN H 109 -35.99 -39.75 -21.84
C ASN H 109 -36.80 -38.51 -21.50
N LYS H 110 -37.59 -38.58 -20.44
CA LYS H 110 -38.40 -37.43 -20.06
C LYS H 110 -37.48 -36.23 -19.76
N ILE H 111 -36.38 -36.51 -19.08
CA ILE H 111 -35.40 -35.46 -18.76
C ILE H 111 -34.76 -34.99 -20.05
N ALA H 112 -34.38 -35.94 -20.90
CA ALA H 112 -33.72 -35.65 -22.19
C ALA H 112 -34.49 -34.64 -23.04
N ASP H 113 -35.80 -34.77 -23.05
CA ASP H 113 -36.63 -33.88 -23.84
C ASP H 113 -37.07 -32.67 -23.01
N LEU H 114 -37.32 -32.87 -21.73
CA LEU H 114 -37.70 -31.78 -20.83
C LEU H 114 -36.46 -30.92 -20.65
N CYS H 115 -35.48 -31.10 -21.53
CA CYS H 115 -34.22 -30.39 -21.42
C CYS H 115 -33.62 -29.94 -22.76
N HIS H 116 -34.29 -30.26 -23.87
CA HIS H 116 -33.79 -29.90 -25.19
C HIS H 116 -33.71 -28.37 -25.39
N THR H 117 -34.62 -27.64 -24.76
CA THR H 117 -34.66 -26.18 -24.87
C THR H 117 -33.32 -25.50 -24.59
N PHE H 118 -32.59 -26.01 -23.59
CA PHE H 118 -31.32 -25.41 -23.19
C PHE H 118 -30.08 -25.79 -23.98
N ILE H 119 -30.20 -26.75 -24.89
CA ILE H 119 -29.05 -27.14 -25.70
C ILE H 119 -29.04 -26.35 -27.00
N LYS H 120 -28.48 -25.14 -26.93
CA LYS H 120 -28.39 -24.22 -28.05
C LYS H 120 -27.62 -24.82 -29.22
N ASP H 121 -27.97 -24.38 -30.42
CA ASP H 121 -27.32 -24.86 -31.63
C ASP H 121 -26.01 -24.10 -31.84
N GLY H 122 -24.91 -24.85 -31.96
CA GLY H 122 -23.62 -24.22 -32.15
C GLY H 122 -22.82 -24.14 -30.87
N ALA H 123 -23.44 -24.56 -29.76
CA ALA H 123 -22.79 -24.53 -28.46
C ALA H 123 -21.64 -25.53 -28.29
N THR H 124 -20.81 -25.22 -27.30
CA THR H 124 -19.68 -26.05 -26.93
C THR H 124 -19.99 -26.48 -25.51
N ILE H 125 -20.27 -27.77 -25.34
CA ILE H 125 -20.62 -28.30 -24.04
C ILE H 125 -19.49 -29.05 -23.34
N LEU H 126 -19.21 -28.66 -22.10
CA LEU H 126 -18.16 -29.32 -21.30
C LEU H 126 -18.80 -30.25 -20.28
N THR H 127 -18.47 -31.54 -20.32
CA THR H 127 -19.06 -32.46 -19.33
C THR H 127 -17.95 -33.23 -18.59
N HIS H 128 -18.31 -33.96 -17.54
CA HIS H 128 -17.32 -34.69 -16.76
C HIS H 128 -17.68 -36.16 -16.57
N ALA H 129 -16.75 -37.04 -16.95
CA ALA H 129 -16.92 -38.48 -16.82
C ALA H 129 -18.00 -39.07 -17.72
N TYR H 130 -18.62 -40.14 -17.22
CA TYR H 130 -19.67 -40.83 -17.96
C TYR H 130 -20.99 -40.75 -17.23
N SER H 131 -22.04 -40.32 -17.91
CA SER H 131 -23.36 -40.25 -17.32
C SER H 131 -24.33 -40.67 -18.41
N ARG H 132 -25.02 -41.79 -18.19
CA ARG H 132 -25.96 -42.28 -19.19
C ARG H 132 -27.09 -41.31 -19.37
N VAL H 133 -27.38 -40.51 -18.36
CA VAL H 133 -28.45 -39.52 -18.44
C VAL H 133 -28.01 -38.34 -19.30
N VAL H 134 -26.73 -37.99 -19.23
CA VAL H 134 -26.22 -36.89 -20.04
C VAL H 134 -26.15 -37.39 -21.47
N LEU H 135 -25.79 -38.67 -21.66
CA LEU H 135 -25.69 -39.25 -22.99
C LEU H 135 -27.05 -39.22 -23.71
N ARG H 136 -28.13 -39.60 -23.03
CA ARG H 136 -29.48 -39.58 -23.61
C ARG H 136 -29.90 -38.17 -23.98
N VAL H 137 -29.47 -37.19 -23.17
CA VAL H 137 -29.79 -35.78 -23.41
C VAL H 137 -29.18 -35.28 -24.70
N LEU H 138 -27.94 -35.69 -24.95
CA LEU H 138 -27.25 -35.26 -26.16
C LEU H 138 -27.72 -36.06 -27.37
N GLU H 139 -28.01 -37.35 -27.15
CA GLU H 139 -28.52 -38.21 -28.22
C GLU H 139 -29.81 -37.58 -28.70
N ALA H 140 -30.64 -37.19 -27.74
CA ALA H 140 -31.91 -36.55 -28.06
C ALA H 140 -31.60 -35.34 -28.91
N ALA H 141 -30.71 -34.50 -28.41
CA ALA H 141 -30.32 -33.27 -29.11
C ALA H 141 -29.80 -33.51 -30.53
N VAL H 142 -29.07 -34.60 -30.75
CA VAL H 142 -28.55 -34.88 -32.08
C VAL H 142 -29.68 -35.31 -33.01
N ALA H 143 -30.52 -36.22 -32.53
CA ALA H 143 -31.64 -36.66 -33.33
C ALA H 143 -32.47 -35.42 -33.68
N ALA H 144 -32.51 -34.46 -32.76
CA ALA H 144 -33.26 -33.21 -32.98
C ALA H 144 -32.52 -32.32 -33.96
N LYS H 145 -31.40 -32.85 -34.48
CA LYS H 145 -30.55 -32.17 -35.44
C LYS H 145 -29.89 -30.86 -34.98
N LYS H 146 -29.51 -30.81 -33.71
CA LYS H 146 -28.83 -29.63 -33.21
C LYS H 146 -27.33 -29.89 -33.35
N ARG H 147 -26.59 -28.88 -33.79
CA ARG H 147 -25.14 -29.02 -33.98
C ARG H 147 -24.35 -28.36 -32.86
N PHE H 148 -23.74 -29.19 -32.02
CA PHE H 148 -22.98 -28.70 -30.89
C PHE H 148 -21.66 -29.45 -30.76
N SER H 149 -20.75 -28.92 -29.94
CA SER H 149 -19.47 -29.59 -29.74
C SER H 149 -19.28 -29.95 -28.27
N VAL H 150 -18.42 -30.94 -28.00
CA VAL H 150 -18.20 -31.40 -26.65
C VAL H 150 -16.77 -31.63 -26.17
N TYR H 151 -16.50 -31.18 -24.94
CA TYR H 151 -15.23 -31.38 -24.27
C TYR H 151 -15.54 -32.29 -23.08
N VAL H 152 -14.73 -33.33 -22.87
CA VAL H 152 -14.96 -34.23 -21.74
C VAL H 152 -13.65 -34.59 -21.02
N THR H 153 -13.68 -34.63 -19.69
CA THR H 153 -12.49 -34.99 -18.93
C THR H 153 -12.32 -36.51 -18.90
N GLU H 154 -11.09 -37.02 -19.00
CA GLU H 154 -10.89 -38.47 -18.97
C GLU H 154 -11.37 -39.05 -17.64
N SER H 155 -11.37 -38.22 -16.61
CA SER H 155 -11.83 -38.63 -15.30
C SER H 155 -11.10 -39.84 -14.67
N GLN H 156 -9.90 -39.62 -14.15
CA GLN H 156 -9.17 -40.69 -13.48
C GLN H 156 -10.06 -41.16 -12.31
N PRO H 157 -9.79 -42.34 -11.73
CA PRO H 157 -8.74 -43.31 -12.04
C PRO H 157 -9.17 -44.39 -13.01
N ASP H 158 -10.47 -44.45 -13.28
CA ASP H 158 -11.03 -45.45 -14.19
C ASP H 158 -11.19 -44.97 -15.62
N LEU H 159 -10.81 -43.73 -15.89
CA LEU H 159 -10.93 -43.16 -17.23
C LEU H 159 -12.29 -43.38 -17.90
N SER H 160 -13.38 -43.20 -17.14
CA SER H 160 -14.72 -43.36 -17.70
C SER H 160 -15.17 -42.25 -18.67
N GLY H 161 -14.38 -41.18 -18.77
CA GLY H 161 -14.72 -40.08 -19.68
C GLY H 161 -14.31 -40.44 -21.09
N LYS H 162 -13.36 -41.36 -21.21
CA LYS H 162 -12.91 -41.81 -22.51
C LYS H 162 -13.97 -42.73 -23.11
N LYS H 163 -14.60 -43.55 -22.26
CA LYS H 163 -15.68 -44.44 -22.70
C LYS H 163 -16.82 -43.56 -23.20
N ALA H 165 -16.44 -40.52 -24.47
CA ALA H 165 -16.02 -39.86 -25.71
C ALA H 165 -16.26 -40.75 -26.91
N LYS H 166 -16.12 -42.05 -26.70
CA LYS H 166 -16.35 -43.05 -27.74
C LYS H 166 -17.83 -43.07 -28.09
N ALA H 167 -18.68 -43.15 -27.06
CA ALA H 167 -20.13 -43.16 -27.24
C ALA H 167 -20.61 -41.96 -28.05
N LEU H 168 -19.99 -40.80 -27.81
CA LEU H 168 -20.37 -39.60 -28.51
C LEU H 168 -19.80 -39.59 -29.93
N CYS H 169 -18.65 -40.24 -30.11
CA CYS H 169 -18.03 -40.32 -31.42
C CYS H 169 -18.92 -41.19 -32.31
N HIS H 170 -19.31 -42.35 -31.81
CA HIS H 170 -20.19 -43.27 -32.54
C HIS H 170 -21.58 -42.66 -32.66
N LEU H 171 -21.65 -41.35 -32.47
CA LEU H 171 -22.89 -40.59 -32.58
C LEU H 171 -22.55 -39.43 -33.48
N ASN H 172 -21.35 -39.49 -34.03
CA ASN H 172 -20.83 -38.45 -34.93
C ASN H 172 -20.91 -37.06 -34.33
N VAL H 173 -20.51 -36.95 -33.06
CA VAL H 173 -20.50 -35.67 -32.36
C VAL H 173 -19.04 -35.27 -32.11
N PRO H 174 -18.68 -34.01 -32.41
CA PRO H 174 -17.31 -33.54 -32.20
C PRO H 174 -17.00 -33.52 -30.69
N VAL H 175 -16.02 -34.31 -30.28
CA VAL H 175 -15.67 -34.39 -28.87
C VAL H 175 -14.17 -34.47 -28.65
N THR H 176 -13.68 -33.71 -27.69
CA THR H 176 -12.26 -33.66 -27.32
C THR H 176 -12.04 -34.12 -25.88
N VAL H 177 -11.19 -35.11 -25.68
CA VAL H 177 -10.91 -35.57 -24.32
C VAL H 177 -9.78 -34.78 -23.67
N VAL H 178 -10.01 -34.27 -22.47
CA VAL H 178 -8.97 -33.50 -21.80
C VAL H 178 -8.62 -34.09 -20.45
N LEU H 179 -7.47 -33.68 -19.93
CA LEU H 179 -7.00 -34.13 -18.61
C LEU H 179 -7.85 -33.47 -17.53
N ASP H 180 -8.02 -34.13 -16.39
CA ASP H 180 -8.80 -33.54 -15.29
C ASP H 180 -8.12 -32.25 -14.85
N ALA H 181 -6.80 -32.22 -14.98
CA ALA H 181 -6.01 -31.05 -14.63
C ALA H 181 -6.31 -29.89 -15.57
N ALA H 182 -6.96 -30.20 -16.69
CA ALA H 182 -7.27 -29.19 -17.70
C ALA H 182 -8.60 -28.44 -17.68
N VAL H 183 -9.46 -28.71 -16.70
CA VAL H 183 -10.75 -28.00 -16.68
C VAL H 183 -10.62 -26.47 -16.55
N GLY H 184 -9.61 -26.00 -15.84
CA GLY H 184 -9.44 -24.56 -15.72
C GLY H 184 -8.98 -24.01 -17.05
N TYR H 185 -8.09 -24.74 -17.69
CA TYR H 185 -7.56 -24.34 -18.96
C TYR H 185 -8.64 -24.21 -20.05
N ILE H 186 -9.46 -25.24 -20.17
CA ILE H 186 -10.47 -25.29 -21.21
C ILE H 186 -11.77 -24.50 -20.98
N GLU H 188 -12.81 -21.46 -20.61
CA GLU H 188 -13.09 -20.29 -21.45
C GLU H 188 -13.67 -20.64 -22.82
N LYS H 189 -13.36 -21.84 -23.30
CA LYS H 189 -13.87 -22.31 -24.58
C LYS H 189 -15.27 -22.89 -24.52
N ALA H 190 -15.85 -23.01 -23.33
CA ALA H 190 -17.17 -23.58 -23.26
C ALA H 190 -18.30 -22.57 -23.05
N ASP H 191 -19.50 -22.96 -23.49
CA ASP H 191 -20.69 -22.12 -23.36
C ASP H 191 -21.45 -22.47 -22.09
N LEU H 192 -21.42 -23.75 -21.74
CA LEU H 192 -22.07 -24.27 -20.55
C LEU H 192 -21.55 -25.68 -20.24
N VAL H 193 -21.74 -26.11 -18.99
CA VAL H 193 -21.35 -27.46 -18.58
C VAL H 193 -22.63 -28.23 -18.18
N ILE H 194 -22.65 -29.52 -18.50
CA ILE H 194 -23.80 -30.36 -18.21
C ILE H 194 -23.32 -31.63 -17.56
N VAL H 195 -23.69 -31.85 -16.31
CA VAL H 195 -23.25 -33.05 -15.62
C VAL H 195 -24.39 -33.85 -14.99
N GLY H 196 -24.10 -35.10 -14.66
CA GLY H 196 -25.09 -35.95 -14.03
C GLY H 196 -24.85 -35.93 -12.53
N ALA H 197 -25.58 -36.76 -11.78
CA ALA H 197 -25.43 -36.80 -10.34
C ALA H 197 -25.68 -38.20 -9.84
N GLU H 198 -24.93 -38.60 -8.82
CA GLU H 198 -25.12 -39.92 -8.22
C GLU H 198 -26.18 -39.74 -7.14
N GLY H 199 -26.26 -38.51 -6.65
CA GLY H 199 -27.24 -38.20 -5.63
C GLY H 199 -27.54 -36.73 -5.55
N VAL H 200 -28.80 -36.37 -5.33
CA VAL H 200 -29.18 -34.99 -5.19
C VAL H 200 -29.50 -34.83 -3.70
N VAL H 201 -28.73 -33.97 -3.04
CA VAL H 201 -28.86 -33.73 -1.62
C VAL H 201 -29.98 -32.74 -1.28
N GLU H 202 -30.42 -32.76 -0.03
CA GLU H 202 -31.54 -31.93 0.40
C GLU H 202 -31.46 -30.44 0.20
N ASN H 203 -30.29 -29.89 -0.04
CA ASN H 203 -30.16 -28.45 -0.23
C ASN H 203 -30.04 -28.04 -1.69
N GLY H 204 -30.24 -29.01 -2.59
CA GLY H 204 -30.13 -28.75 -4.01
C GLY H 204 -28.72 -29.03 -4.52
N GLY H 205 -27.83 -29.42 -3.61
CA GLY H 205 -26.46 -29.71 -4.00
C GLY H 205 -26.43 -31.12 -4.53
N ILE H 206 -25.27 -31.61 -4.94
CA ILE H 206 -25.17 -32.96 -5.46
C ILE H 206 -23.90 -33.69 -5.09
N ILE H 207 -23.97 -35.01 -5.23
CA ILE H 207 -22.84 -35.88 -4.97
C ILE H 207 -22.56 -36.52 -6.32
N ASN H 208 -21.34 -36.38 -6.81
CA ASN H 208 -21.02 -36.93 -8.12
C ASN H 208 -19.55 -37.34 -8.20
N LYS H 209 -19.23 -38.03 -9.29
CA LYS H 209 -17.88 -38.49 -9.52
C LYS H 209 -16.85 -37.40 -9.15
N ILE H 210 -15.86 -37.78 -8.36
CA ILE H 210 -14.81 -36.86 -7.92
C ILE H 210 -14.31 -36.03 -9.12
N GLY H 211 -14.23 -34.72 -8.93
CA GLY H 211 -13.81 -33.84 -10.01
C GLY H 211 -14.90 -32.84 -10.39
N THR H 212 -16.15 -33.19 -10.06
CA THR H 212 -17.31 -32.36 -10.35
C THR H 212 -17.25 -31.01 -9.66
N ASN H 213 -16.90 -31.02 -8.37
CA ASN H 213 -16.80 -29.80 -7.58
C ASN H 213 -15.92 -28.75 -8.27
N GLN H 214 -14.71 -29.15 -8.67
CA GLN H 214 -13.78 -28.24 -9.34
C GLN H 214 -14.38 -27.60 -10.57
N ALA H 216 -17.48 -27.19 -11.30
CA ALA H 216 -18.52 -26.26 -10.91
C ALA H 216 -17.90 -24.96 -10.43
N VAL H 217 -16.83 -25.02 -9.63
CA VAL H 217 -16.17 -23.81 -9.13
C VAL H 217 -15.50 -23.01 -10.24
N CYS H 218 -14.93 -23.70 -11.22
CA CYS H 218 -14.30 -23.03 -12.34
C CYS H 218 -15.36 -22.46 -13.27
N ALA H 219 -16.52 -23.11 -13.37
CA ALA H 219 -17.59 -22.59 -14.23
C ALA H 219 -18.24 -21.38 -13.57
N LYS H 220 -18.26 -21.35 -12.25
CA LYS H 220 -18.86 -20.21 -11.58
C LYS H 220 -18.03 -18.95 -11.79
N ALA H 221 -16.71 -19.09 -11.66
CA ALA H 221 -15.81 -17.96 -11.82
C ALA H 221 -15.84 -17.33 -13.22
N GLN H 222 -16.31 -18.04 -14.23
CA GLN H 222 -16.38 -17.46 -15.57
C GLN H 222 -17.83 -17.30 -16.01
N ASN H 223 -18.75 -17.50 -15.07
CA ASN H 223 -20.17 -17.38 -15.31
C ASN H 223 -20.68 -18.18 -16.48
N LYS H 224 -20.40 -19.47 -16.44
CA LYS H 224 -20.84 -20.40 -17.44
C LYS H 224 -21.91 -21.17 -16.68
N PRO H 225 -23.14 -21.20 -17.21
CA PRO H 225 -24.17 -21.95 -16.48
C PRO H 225 -23.75 -23.39 -16.21
N PHE H 226 -24.19 -23.92 -15.07
CA PHE H 226 -23.87 -25.29 -14.67
C PHE H 226 -25.17 -26.10 -14.53
N TYR H 227 -25.42 -27.04 -15.44
CA TYR H 227 -26.66 -27.82 -15.38
C TYR H 227 -26.51 -29.28 -14.95
N VAL H 228 -27.43 -29.72 -14.12
CA VAL H 228 -27.40 -31.10 -13.64
C VAL H 228 -28.58 -31.87 -14.20
N VAL H 229 -28.35 -33.10 -14.62
CA VAL H 229 -29.43 -33.92 -15.14
C VAL H 229 -29.52 -35.18 -14.30
N ALA H 230 -30.65 -35.38 -13.64
CA ALA H 230 -30.79 -36.55 -12.79
C ALA H 230 -32.21 -36.99 -12.48
N GLU H 231 -32.37 -38.30 -12.35
CA GLU H 231 -33.66 -38.89 -12.05
C GLU H 231 -34.02 -38.58 -10.61
N SER H 232 -35.32 -38.56 -10.32
CA SER H 232 -35.82 -38.24 -9.00
C SER H 232 -35.54 -39.30 -7.93
N PHE H 233 -35.27 -40.52 -8.34
CA PHE H 233 -34.99 -41.58 -7.38
C PHE H 233 -33.62 -41.36 -6.77
N LYS H 234 -32.93 -40.33 -7.24
CA LYS H 234 -31.60 -40.00 -6.72
C LYS H 234 -31.68 -38.92 -5.64
N PHE H 235 -32.89 -38.45 -5.35
CA PHE H 235 -33.08 -37.46 -4.29
C PHE H 235 -32.81 -38.22 -2.99
N VAL H 236 -31.69 -37.89 -2.35
CA VAL H 236 -31.29 -38.59 -1.13
C VAL H 236 -31.44 -37.77 0.17
N ARG H 237 -31.83 -38.43 1.24
CA ARG H 237 -32.04 -37.79 2.53
C ARG H 237 -30.72 -37.47 3.21
N LEU H 238 -30.05 -36.45 2.71
CA LEU H 238 -28.77 -36.01 3.28
C LEU H 238 -28.70 -34.52 3.12
N PHE H 239 -28.01 -33.86 4.05
CA PHE H 239 -27.84 -32.41 3.99
C PHE H 239 -26.41 -32.03 4.35
N PRO H 240 -25.47 -32.29 3.45
CA PRO H 240 -24.09 -31.95 3.75
C PRO H 240 -23.82 -30.51 3.37
N LEU H 241 -22.99 -29.84 4.16
CA LEU H 241 -22.63 -28.46 3.90
C LEU H 241 -21.19 -28.37 3.45
N ASN H 242 -20.50 -29.51 3.44
CA ASN H 242 -19.10 -29.54 3.03
C ASN H 242 -18.65 -30.96 2.79
N GLN H 243 -17.48 -31.12 2.17
CA GLN H 243 -16.99 -32.45 1.86
C GLN H 243 -16.97 -33.39 3.07
N GLN H 244 -16.66 -32.84 4.23
CA GLN H 244 -16.61 -33.62 5.46
C GLN H 244 -17.94 -34.30 5.79
N ASP H 245 -19.05 -33.61 5.55
CA ASP H 245 -20.37 -34.18 5.85
C ASP H 245 -20.83 -35.31 4.93
N VAL H 246 -20.06 -35.62 3.91
CA VAL H 246 -20.47 -36.73 3.06
C VAL H 246 -19.90 -38.00 3.70
N PRO H 247 -20.76 -38.99 3.96
CA PRO H 247 -20.33 -40.25 4.58
C PRO H 247 -19.30 -41.03 3.77
N ASP H 248 -18.37 -41.68 4.47
CA ASP H 248 -17.33 -42.46 3.82
C ASP H 248 -17.89 -43.66 3.08
N LYS H 249 -19.03 -44.19 3.51
CA LYS H 249 -19.61 -45.35 2.85
C LYS H 249 -19.94 -45.03 1.40
N PHE H 250 -20.06 -43.75 1.08
CA PHE H 250 -20.37 -43.33 -0.28
C PHE H 250 -19.13 -42.83 -1.02
N LYS H 251 -18.05 -42.61 -0.27
CA LYS H 251 -16.81 -42.09 -0.83
C LYS H 251 -15.80 -43.13 -1.31
N TYR H 252 -15.52 -44.11 -0.47
CA TYR H 252 -14.51 -45.07 -0.82
C TYR H 252 -14.93 -46.39 -1.44
N LYS H 253 -14.04 -46.92 -2.28
CA LYS H 253 -14.29 -48.17 -3.00
C LYS H 253 -15.57 -48.07 -3.82
N GLU H 268 -7.52 -38.27 -0.95
CA GLU H 268 -6.59 -38.89 0.00
C GLU H 268 -6.38 -40.34 -0.37
N GLU H 269 -7.31 -41.18 0.10
CA GLU H 269 -7.29 -42.62 -0.16
C GLU H 269 -8.03 -42.79 -1.47
N HIS H 270 -8.42 -41.65 -2.03
CA HIS H 270 -9.13 -41.57 -3.28
C HIS H 270 -10.62 -41.74 -3.15
N PRO H 271 -11.33 -40.65 -2.82
CA PRO H 271 -12.77 -40.70 -2.69
C PRO H 271 -13.32 -40.71 -4.12
N TRP H 272 -14.42 -41.43 -4.36
CA TRP H 272 -14.98 -41.49 -5.68
C TRP H 272 -15.91 -40.36 -6.01
N VAL H 273 -16.40 -39.67 -5.00
CA VAL H 273 -17.32 -38.56 -5.22
C VAL H 273 -17.01 -37.36 -4.33
N ASP H 274 -17.29 -36.17 -4.84
CA ASP H 274 -17.13 -34.95 -4.06
C ASP H 274 -18.53 -34.34 -4.05
N TYR H 275 -18.71 -33.27 -3.28
CA TYR H 275 -20.00 -32.63 -3.17
C TYR H 275 -19.96 -31.22 -3.74
N THR H 276 -21.03 -30.85 -4.44
CA THR H 276 -21.15 -29.52 -5.05
C THR H 276 -22.29 -28.74 -4.42
N ALA H 277 -21.96 -27.61 -3.77
CA ALA H 277 -22.96 -26.77 -3.10
C ALA H 277 -24.03 -26.27 -4.07
N PRO H 278 -25.24 -26.07 -3.55
CA PRO H 278 -26.31 -25.59 -4.42
C PRO H 278 -25.96 -24.29 -5.11
N SER H 279 -25.25 -23.41 -4.41
CA SER H 279 -24.88 -22.13 -4.97
C SER H 279 -23.98 -22.23 -6.21
N LEU H 280 -23.53 -23.44 -6.53
CA LEU H 280 -22.67 -23.64 -7.70
C LEU H 280 -23.45 -24.34 -8.81
N ILE H 281 -24.75 -24.47 -8.60
CA ILE H 281 -25.63 -25.13 -9.55
C ILE H 281 -26.68 -24.15 -10.07
N THR H 282 -26.72 -23.99 -11.39
CA THR H 282 -27.68 -23.11 -12.05
C THR H 282 -29.10 -23.68 -12.01
N LEU H 283 -29.23 -24.92 -12.49
CA LEU H 283 -30.52 -25.64 -12.53
C LEU H 283 -30.33 -27.15 -12.57
N LEU H 284 -31.33 -27.86 -12.05
CA LEU H 284 -31.34 -29.33 -12.11
C LEU H 284 -32.52 -29.73 -13.01
N PHE H 285 -32.25 -30.60 -13.98
CA PHE H 285 -33.29 -31.09 -14.87
C PHE H 285 -33.64 -32.51 -14.46
N THR H 286 -34.78 -32.67 -13.80
CA THR H 286 -35.25 -33.97 -13.33
C THR H 286 -36.49 -34.46 -14.05
N ASP H 287 -36.89 -35.69 -13.72
CA ASP H 287 -38.07 -36.31 -14.30
C ASP H 287 -39.32 -35.68 -13.68
N LEU H 288 -39.10 -34.78 -12.74
CA LEU H 288 -40.20 -34.04 -12.11
C LEU H 288 -40.13 -32.62 -12.68
N GLY H 289 -39.21 -32.40 -13.63
CA GLY H 289 -39.08 -31.09 -14.23
C GLY H 289 -37.81 -30.34 -13.88
N VAL H 290 -37.72 -29.11 -14.36
CA VAL H 290 -36.57 -28.26 -14.12
C VAL H 290 -36.71 -27.58 -12.75
N LEU H 291 -35.68 -27.69 -11.92
CA LEU H 291 -35.70 -27.10 -10.56
C LEU H 291 -34.48 -26.26 -10.22
N THR H 292 -34.67 -25.21 -9.43
CA THR H 292 -33.54 -24.42 -8.94
C THR H 292 -33.03 -25.22 -7.73
N PRO H 293 -31.70 -25.24 -7.49
CA PRO H 293 -31.26 -26.03 -6.34
C PRO H 293 -32.06 -25.78 -5.06
N SER H 294 -32.42 -24.53 -4.78
CA SER H 294 -33.16 -24.19 -3.56
C SER H 294 -34.53 -24.83 -3.37
N ALA H 295 -35.27 -25.00 -4.46
CA ALA H 295 -36.60 -25.60 -4.38
C ALA H 295 -36.59 -27.12 -4.36
N VAL H 296 -35.41 -27.72 -4.33
CA VAL H 296 -35.31 -29.18 -4.31
C VAL H 296 -35.82 -29.89 -3.05
N SER H 297 -35.51 -29.35 -1.87
CA SER H 297 -35.94 -29.98 -0.63
C SER H 297 -37.47 -30.11 -0.56
N ASP H 298 -38.17 -29.17 -1.18
CA ASP H 298 -39.61 -29.26 -1.14
C ASP H 298 -40.13 -30.40 -2.04
N GLU H 299 -39.37 -30.72 -3.08
CA GLU H 299 -39.76 -31.80 -3.98
C GLU H 299 -39.66 -33.13 -3.27
N LEU H 300 -38.68 -33.26 -2.39
CA LEU H 300 -38.49 -34.51 -1.62
C LEU H 300 -39.73 -34.79 -0.78
N ILE H 301 -40.28 -33.74 -0.16
CA ILE H 301 -41.50 -33.87 0.63
C ILE H 301 -42.62 -34.21 -0.32
N LYS H 302 -42.80 -33.36 -1.34
CA LYS H 302 -43.84 -33.56 -2.36
C LYS H 302 -43.73 -34.96 -2.96
N LEU H 303 -42.51 -35.47 -3.00
CA LEU H 303 -42.26 -36.79 -3.53
C LEU H 303 -42.91 -37.80 -2.60
N TYR H 304 -42.36 -37.96 -1.40
CA TYR H 304 -42.91 -38.90 -0.43
C TYR H 304 -44.41 -38.72 -0.21
N LEU H 305 -44.88 -37.48 -0.29
CA LEU H 305 -46.31 -37.24 -0.11
C LEU H 305 -47.07 -38.10 -1.10
N ALA H 306 -46.35 -38.65 -2.07
CA ALA H 306 -46.97 -39.53 -3.05
C ALA H 306 -47.03 -40.92 -2.43
N ALA H 307 -48.01 -41.11 -1.54
CA ALA H 307 -48.22 -42.37 -0.84
C ALA H 307 -49.70 -42.56 -0.48
#